data_2DA0
#
_entry.id   2DA0
#
_entity_poly.entity_id   1
_entity_poly.type   'polypeptide(L)'
_entity_poly.pdbx_seq_one_letter_code
;GSSGSSGYGSEKKGYLLKKSDGIRKVWQRRKCSVKNGILTISHATSNRQPAKLNLLTCQVKPNAEDKKSFDLISHNRTYH
FQAEDEQDYVAWISVLTNSKEEALTMAFSGPSSG
;
_entity_poly.pdbx_strand_id   A
#
# COMPACT_ATOMS: atom_id res chain seq x y z
N GLY A 1 12.06 11.37 0.22
CA GLY A 1 11.76 10.03 -0.26
C GLY A 1 13.02 9.19 -0.42
N SER A 2 12.95 8.22 -1.34
CA SER A 2 14.09 7.34 -1.58
C SER A 2 15.01 7.93 -2.65
N SER A 3 16.18 8.40 -2.21
CA SER A 3 17.15 8.99 -3.13
C SER A 3 17.85 7.91 -3.95
N GLY A 4 18.71 8.35 -4.88
CA GLY A 4 19.42 7.42 -5.72
C GLY A 4 18.50 6.66 -6.66
N SER A 5 19.02 5.58 -7.24
CA SER A 5 18.24 4.76 -8.17
C SER A 5 17.27 3.85 -7.41
N SER A 6 15.98 4.07 -7.63
CA SER A 6 14.95 3.26 -6.96
C SER A 6 14.12 2.50 -7.99
N GLY A 7 14.60 1.33 -8.38
CA GLY A 7 13.89 0.52 -9.35
C GLY A 7 13.40 -0.80 -8.77
N TYR A 8 12.49 -0.72 -7.81
CA TYR A 8 11.94 -1.91 -7.16
C TYR A 8 10.92 -2.60 -8.06
N GLY A 9 9.88 -1.85 -8.45
CA GLY A 9 8.86 -2.41 -9.30
C GLY A 9 7.47 -2.15 -8.77
N SER A 10 6.48 -2.10 -9.67
CA SER A 10 5.10 -1.85 -9.28
C SER A 10 4.36 -3.17 -9.04
N GLU A 11 5.07 -4.14 -8.45
CA GLU A 11 4.48 -5.44 -8.16
C GLU A 11 5.18 -6.10 -6.97
N LYS A 12 4.39 -6.59 -6.02
CA LYS A 12 4.92 -7.23 -4.84
C LYS A 12 3.85 -8.06 -4.14
N LYS A 13 4.22 -9.28 -3.74
CA LYS A 13 3.29 -10.17 -3.06
C LYS A 13 3.92 -10.74 -1.79
N GLY A 14 3.24 -10.53 -0.65
CA GLY A 14 3.74 -11.02 0.61
C GLY A 14 2.70 -10.94 1.71
N TYR A 15 3.16 -10.53 2.90
CA TYR A 15 2.26 -10.40 4.05
C TYR A 15 2.54 -9.12 4.82
N LEU A 16 1.49 -8.52 5.38
CA LEU A 16 1.63 -7.29 6.14
C LEU A 16 0.70 -7.30 7.35
N LEU A 17 0.84 -6.28 8.21
CA LEU A 17 0.01 -6.17 9.40
C LEU A 17 -0.97 -5.01 9.28
N LYS A 18 -2.17 -5.19 9.83
CA LYS A 18 -3.19 -4.15 9.79
C LYS A 18 -3.94 -4.07 11.12
N LYS A 19 -4.12 -2.85 11.62
CA LYS A 19 -4.81 -2.64 12.88
C LYS A 19 -6.22 -3.23 12.83
N SER A 20 -6.61 -3.91 13.91
CA SER A 20 -7.93 -4.53 13.98
C SER A 20 -9.01 -3.57 13.49
N ASP A 21 -10.22 -4.09 13.30
CA ASP A 21 -11.33 -3.28 12.84
C ASP A 21 -11.28 -1.88 13.45
N GLY A 22 -11.27 -1.82 14.77
CA GLY A 22 -11.22 -0.55 15.46
C GLY A 22 -11.25 -0.69 16.97
N ILE A 23 -12.22 -1.45 17.48
CA ILE A 23 -12.35 -1.66 18.91
C ILE A 23 -10.98 -1.85 19.56
N ARG A 24 -10.13 -2.63 18.93
CA ARG A 24 -8.79 -2.89 19.44
C ARG A 24 -7.73 -2.34 18.50
N LYS A 25 -6.54 -2.08 19.04
CA LYS A 25 -5.43 -1.55 18.25
C LYS A 25 -4.33 -2.58 18.10
N VAL A 26 -4.72 -3.85 18.00
CA VAL A 26 -3.76 -4.93 17.85
C VAL A 26 -3.38 -5.13 16.39
N TRP A 27 -2.12 -5.51 16.15
CA TRP A 27 -1.64 -5.73 14.80
C TRP A 27 -1.75 -7.20 14.42
N GLN A 28 -2.54 -7.48 13.38
CA GLN A 28 -2.73 -8.85 12.91
C GLN A 28 -2.08 -9.05 11.56
N ARG A 29 -1.49 -10.23 11.35
CA ARG A 29 -0.84 -10.55 10.09
C ARG A 29 -1.86 -10.99 9.04
N ARG A 30 -1.75 -10.41 7.85
CA ARG A 30 -2.65 -10.74 6.76
C ARG A 30 -1.93 -10.77 5.42
N LYS A 31 -2.35 -11.67 4.54
CA LYS A 31 -1.73 -11.79 3.22
C LYS A 31 -2.10 -10.61 2.33
N CYS A 32 -1.09 -9.81 1.97
CA CYS A 32 -1.31 -8.65 1.12
C CYS A 32 -0.83 -8.92 -0.30
N SER A 33 -1.29 -8.09 -1.24
CA SER A 33 -0.92 -8.24 -2.65
C SER A 33 -1.09 -6.92 -3.39
N VAL A 34 -0.11 -6.60 -4.24
CA VAL A 34 -0.16 -5.36 -5.01
C VAL A 34 0.12 -5.64 -6.49
N LYS A 35 -0.83 -5.27 -7.33
CA LYS A 35 -0.70 -5.48 -8.77
C LYS A 35 -1.62 -4.53 -9.54
N ASN A 36 -1.10 -3.97 -10.64
CA ASN A 36 -1.88 -3.05 -11.46
C ASN A 36 -2.25 -1.80 -10.67
N GLY A 37 -1.47 -1.49 -9.64
CA GLY A 37 -1.74 -0.33 -8.82
C GLY A 37 -2.90 -0.54 -7.87
N ILE A 38 -3.14 -1.80 -7.51
CA ILE A 38 -4.24 -2.14 -6.61
C ILE A 38 -3.75 -3.01 -5.46
N LEU A 39 -4.25 -2.74 -4.26
CA LEU A 39 -3.87 -3.49 -3.07
C LEU A 39 -5.05 -4.31 -2.55
N THR A 40 -4.90 -5.64 -2.58
CA THR A 40 -5.95 -6.52 -2.11
C THR A 40 -5.62 -7.07 -0.71
N ILE A 41 -6.66 -7.24 0.10
CA ILE A 41 -6.48 -7.75 1.45
C ILE A 41 -7.41 -8.93 1.71
N SER A 42 -6.83 -10.11 1.92
CA SER A 42 -7.60 -11.32 2.18
C SER A 42 -8.20 -11.28 3.57
N HIS A 43 -9.31 -11.99 3.75
CA HIS A 43 -9.99 -12.03 5.04
C HIS A 43 -9.53 -13.25 5.86
N ALA A 44 -9.77 -13.19 7.17
CA ALA A 44 -9.37 -14.28 8.05
C ALA A 44 -10.54 -14.74 8.91
N THR A 45 -11.44 -13.80 9.24
CA THR A 45 -12.61 -14.12 10.05
C THR A 45 -13.76 -14.62 9.19
N SER A 46 -13.78 -14.19 7.93
CA SER A 46 -14.84 -14.59 7.01
C SER A 46 -14.28 -14.81 5.61
N ASN A 47 -14.18 -16.07 5.20
CA ASN A 47 -13.66 -16.42 3.89
C ASN A 47 -14.72 -16.23 2.82
N ARG A 48 -15.07 -14.98 2.55
CA ARG A 48 -16.08 -14.66 1.54
C ARG A 48 -15.45 -13.97 0.34
N GLN A 49 -14.86 -12.80 0.57
CA GLN A 49 -14.22 -12.04 -0.50
C GLN A 49 -13.20 -11.06 0.07
N PRO A 50 -12.08 -10.89 -0.66
CA PRO A 50 -11.00 -9.99 -0.25
C PRO A 50 -11.41 -8.51 -0.33
N ALA A 51 -10.47 -7.62 -0.05
CA ALA A 51 -10.72 -6.19 -0.10
C ALA A 51 -9.66 -5.47 -0.92
N LYS A 52 -10.07 -4.96 -2.08
CA LYS A 52 -9.15 -4.23 -2.95
C LYS A 52 -9.13 -2.75 -2.62
N LEU A 53 -7.96 -2.14 -2.73
CA LEU A 53 -7.80 -0.71 -2.45
C LEU A 53 -7.01 -0.02 -3.55
N ASN A 54 -7.67 0.87 -4.27
CA ASN A 54 -7.04 1.62 -5.36
C ASN A 54 -5.97 2.55 -4.82
N LEU A 55 -4.73 2.33 -5.25
CA LEU A 55 -3.61 3.15 -4.81
C LEU A 55 -3.61 4.50 -5.51
N LEU A 56 -4.29 4.56 -6.65
CA LEU A 56 -4.38 5.79 -7.43
C LEU A 56 -5.12 6.87 -6.65
N THR A 57 -6.11 6.46 -5.87
CA THR A 57 -6.90 7.39 -5.07
C THR A 57 -6.40 7.43 -3.63
N CYS A 58 -5.83 6.33 -3.17
CA CYS A 58 -5.31 6.25 -1.81
C CYS A 58 -4.01 7.03 -1.67
N GLN A 59 -3.64 7.36 -0.44
CA GLN A 59 -2.43 8.12 -0.17
C GLN A 59 -1.53 7.38 0.82
N VAL A 60 -0.36 6.96 0.36
CA VAL A 60 0.58 6.24 1.21
C VAL A 60 1.41 7.21 2.05
N LYS A 61 1.14 7.22 3.35
CA LYS A 61 1.87 8.10 4.27
C LYS A 61 2.86 7.31 5.11
N PRO A 62 4.09 7.17 4.59
CA PRO A 62 5.16 6.43 5.28
C PRO A 62 5.66 7.17 6.51
N ASN A 63 5.72 6.46 7.64
CA ASN A 63 6.18 7.04 8.90
C ASN A 63 7.35 7.99 8.66
N ALA A 64 7.56 8.91 9.59
CA ALA A 64 8.65 9.87 9.49
C ALA A 64 9.89 9.37 10.22
N GLU A 65 9.70 8.80 11.40
CA GLU A 65 10.81 8.29 12.19
C GLU A 65 10.62 6.80 12.49
N ASP A 66 9.48 6.46 13.09
CA ASP A 66 9.19 5.08 13.44
C ASP A 66 9.24 4.19 12.20
N LYS A 67 10.45 3.75 11.85
CA LYS A 67 10.64 2.90 10.69
C LYS A 67 9.69 1.70 10.73
N LYS A 68 9.47 1.09 9.57
CA LYS A 68 8.59 -0.07 9.47
C LYS A 68 7.15 0.31 9.83
N SER A 69 6.67 1.38 9.22
CA SER A 69 5.30 1.85 9.46
C SER A 69 4.81 2.73 8.32
N PHE A 70 3.55 2.57 7.96
CA PHE A 70 2.95 3.36 6.89
C PHE A 70 1.43 3.36 6.99
N ASP A 71 0.83 4.53 6.74
CA ASP A 71 -0.62 4.66 6.81
C ASP A 71 -1.22 4.82 5.41
N LEU A 72 -2.28 4.07 5.14
CA LEU A 72 -2.94 4.13 3.84
C LEU A 72 -4.24 4.92 3.93
N ILE A 73 -4.24 6.13 3.38
CA ILE A 73 -5.42 6.98 3.39
C ILE A 73 -6.32 6.68 2.20
N SER A 74 -7.54 6.22 2.47
CA SER A 74 -8.50 5.90 1.42
C SER A 74 -9.60 6.96 1.36
N HIS A 75 -10.41 6.88 0.31
CA HIS A 75 -11.50 7.82 0.12
C HIS A 75 -12.29 8.00 1.42
N ASN A 76 -12.14 9.16 2.05
CA ASN A 76 -12.83 9.46 3.30
C ASN A 76 -12.64 8.32 4.30
N ARG A 77 -11.45 7.74 4.32
CA ARG A 77 -11.14 6.65 5.23
C ARG A 77 -9.64 6.56 5.49
N THR A 78 -9.27 6.05 6.67
CA THR A 78 -7.87 5.92 7.04
C THR A 78 -7.57 4.52 7.54
N TYR A 79 -6.52 3.91 6.99
CA TYR A 79 -6.14 2.56 7.39
C TYR A 79 -4.79 2.57 8.11
N HIS A 80 -4.48 1.49 8.80
CA HIS A 80 -3.22 1.37 9.53
C HIS A 80 -2.49 0.08 9.15
N PHE A 81 -1.29 0.23 8.59
CA PHE A 81 -0.49 -0.92 8.18
C PHE A 81 0.88 -0.89 8.86
N GLN A 82 1.52 -2.06 8.93
CA GLN A 82 2.84 -2.17 9.55
C GLN A 82 3.62 -3.32 8.94
N ALA A 83 4.88 -3.06 8.58
CA ALA A 83 5.73 -4.07 8.00
C ALA A 83 6.25 -5.04 9.06
N GLU A 84 6.87 -6.13 8.61
CA GLU A 84 7.41 -7.12 9.53
C GLU A 84 8.88 -6.87 9.81
N ASP A 85 9.61 -6.44 8.79
CA ASP A 85 11.03 -6.15 8.94
C ASP A 85 11.40 -4.84 8.25
N GLU A 86 12.64 -4.40 8.44
CA GLU A 86 13.11 -3.16 7.84
C GLU A 86 13.21 -3.29 6.33
N GLN A 87 13.69 -4.45 5.86
CA GLN A 87 13.83 -4.69 4.44
C GLN A 87 12.46 -4.77 3.76
N ASP A 88 11.51 -5.41 4.43
CA ASP A 88 10.16 -5.55 3.88
C ASP A 88 9.49 -4.19 3.72
N TYR A 89 9.64 -3.34 4.73
CA TYR A 89 9.05 -2.01 4.71
C TYR A 89 9.63 -1.19 3.56
N VAL A 90 10.93 -0.91 3.63
CA VAL A 90 11.60 -0.13 2.59
C VAL A 90 11.02 -0.45 1.21
N ALA A 91 10.96 -1.72 0.87
CA ALA A 91 10.43 -2.15 -0.41
C ALA A 91 8.95 -1.78 -0.55
N TRP A 92 8.14 -2.30 0.36
CA TRP A 92 6.70 -2.03 0.34
C TRP A 92 6.43 -0.57 -0.04
N ILE A 93 6.97 0.35 0.74
CA ILE A 93 6.78 1.77 0.48
C ILE A 93 7.18 2.13 -0.95
N SER A 94 8.32 1.61 -1.37
CA SER A 94 8.82 1.88 -2.72
C SER A 94 7.82 1.40 -3.77
N VAL A 95 7.21 0.24 -3.52
CA VAL A 95 6.23 -0.33 -4.44
C VAL A 95 4.93 0.46 -4.40
N LEU A 96 4.20 0.34 -3.30
CA LEU A 96 2.93 1.05 -3.15
C LEU A 96 2.97 2.39 -3.86
N THR A 97 3.96 3.20 -3.54
CA THR A 97 4.11 4.52 -4.15
C THR A 97 4.38 4.41 -5.65
N ASN A 98 5.33 3.55 -6.00
CA ASN A 98 5.69 3.35 -7.41
C ASN A 98 4.46 2.96 -8.23
N SER A 99 3.89 1.81 -7.91
CA SER A 99 2.72 1.31 -8.62
C SER A 99 1.71 2.45 -8.86
N LYS A 100 1.54 3.29 -7.86
CA LYS A 100 0.61 4.41 -7.95
C LYS A 100 1.03 5.37 -9.08
N GLU A 101 2.25 5.89 -8.97
CA GLU A 101 2.76 6.82 -9.98
C GLU A 101 2.85 6.15 -11.34
N GLU A 102 3.64 5.07 -11.42
CA GLU A 102 3.80 4.34 -12.67
C GLU A 102 2.46 4.16 -13.38
N ALA A 103 1.38 4.23 -12.61
CA ALA A 103 0.04 4.08 -13.16
C ALA A 103 -0.56 5.43 -13.53
N LEU A 104 -0.21 6.46 -12.77
CA LEU A 104 -0.71 7.80 -13.02
C LEU A 104 -0.02 8.43 -14.22
N THR A 105 1.31 8.29 -14.28
CA THR A 105 2.08 8.85 -15.38
C THR A 105 1.55 8.36 -16.73
N MET A 106 1.05 7.12 -16.76
CA MET A 106 0.51 6.56 -17.98
C MET A 106 -0.99 6.84 -18.10
N ALA A 107 -1.54 7.49 -17.09
CA ALA A 107 -2.96 7.83 -17.08
C ALA A 107 -3.19 9.27 -17.48
N PHE A 108 -4.44 9.62 -17.76
CA PHE A 108 -4.79 10.98 -18.16
C PHE A 108 -4.76 11.92 -16.97
N SER A 109 -4.26 13.14 -17.20
CA SER A 109 -4.17 14.14 -16.14
C SER A 109 -5.47 14.93 -16.03
N GLY A 110 -5.96 15.42 -17.16
CA GLY A 110 -7.20 16.18 -17.17
C GLY A 110 -8.05 15.91 -18.39
N PRO A 111 -9.38 15.93 -18.21
CA PRO A 111 -10.32 15.68 -19.30
C PRO A 111 -10.35 16.81 -20.33
N SER A 112 -10.54 16.45 -21.59
CA SER A 112 -10.57 17.44 -22.66
C SER A 112 -11.51 16.98 -23.79
N SER A 113 -12.65 17.65 -23.90
CA SER A 113 -13.64 17.31 -24.93
C SER A 113 -12.95 17.06 -26.27
N GLY A 114 -13.04 15.82 -26.74
CA GLY A 114 -12.41 15.47 -28.01
C GLY A 114 -11.03 16.05 -28.15
N GLY A 1 7.75 11.26 -6.00
CA GLY A 1 8.99 10.71 -5.46
C GLY A 1 10.02 11.77 -5.16
N SER A 2 10.96 11.46 -4.27
CA SER A 2 12.01 12.40 -3.90
C SER A 2 13.33 12.02 -4.56
N SER A 3 14.28 12.96 -4.54
CA SER A 3 15.59 12.73 -5.14
C SER A 3 16.07 11.31 -4.86
N GLY A 4 16.44 10.60 -5.92
CA GLY A 4 16.92 9.23 -5.77
C GLY A 4 16.11 8.25 -6.59
N SER A 5 16.41 8.17 -7.88
CA SER A 5 15.69 7.27 -8.78
C SER A 5 15.94 5.80 -8.38
N SER A 6 14.90 4.99 -8.48
CA SER A 6 14.99 3.58 -8.14
C SER A 6 13.96 2.75 -8.91
N GLY A 7 14.06 1.43 -8.78
CA GLY A 7 13.14 0.55 -9.47
C GLY A 7 12.79 -0.68 -8.65
N TYR A 8 12.28 -0.45 -7.45
CA TYR A 8 11.90 -1.55 -6.56
C TYR A 8 10.86 -2.45 -7.23
N GLY A 9 9.95 -1.83 -7.99
CA GLY A 9 8.92 -2.59 -8.66
C GLY A 9 7.53 -2.11 -8.32
N SER A 10 6.58 -2.34 -9.23
CA SER A 10 5.20 -1.91 -9.01
C SER A 10 4.32 -3.08 -8.58
N GLU A 11 4.81 -4.30 -8.83
CA GLU A 11 4.08 -5.51 -8.46
C GLU A 11 4.81 -6.29 -7.39
N LYS A 12 4.11 -6.58 -6.29
CA LYS A 12 4.70 -7.34 -5.18
C LYS A 12 3.61 -7.97 -4.33
N LYS A 13 3.91 -9.15 -3.79
CA LYS A 13 2.96 -9.87 -2.96
C LYS A 13 3.65 -10.41 -1.70
N GLY A 14 2.90 -10.50 -0.61
CA GLY A 14 3.44 -11.00 0.64
C GLY A 14 2.47 -10.88 1.79
N TYR A 15 2.96 -10.40 2.94
CA TYR A 15 2.12 -10.24 4.12
C TYR A 15 2.43 -8.92 4.82
N LEU A 16 1.43 -8.40 5.54
CA LEU A 16 1.59 -7.14 6.25
C LEU A 16 0.78 -7.16 7.55
N LEU A 17 1.27 -6.44 8.56
CA LEU A 17 0.59 -6.37 9.85
C LEU A 17 -0.51 -5.31 9.81
N LYS A 18 -1.70 -5.70 10.27
CA LYS A 18 -2.84 -4.79 10.30
C LYS A 18 -3.32 -4.56 11.73
N LYS A 19 -3.68 -3.32 12.04
CA LYS A 19 -4.16 -2.97 13.37
C LYS A 19 -5.64 -3.29 13.52
N SER A 20 -5.95 -4.19 14.45
CA SER A 20 -7.33 -4.59 14.69
C SER A 20 -8.09 -3.50 15.43
N ASP A 21 -8.97 -2.81 14.71
CA ASP A 21 -9.77 -1.74 15.29
C ASP A 21 -10.36 -2.16 16.63
N GLY A 22 -10.80 -1.19 17.43
CA GLY A 22 -11.38 -1.49 18.72
C GLY A 22 -10.71 -0.71 19.84
N ILE A 23 -10.19 -1.44 20.82
CA ILE A 23 -9.52 -0.81 21.97
C ILE A 23 -8.09 -1.33 22.10
N ARG A 24 -7.91 -2.64 22.00
CA ARG A 24 -6.60 -3.24 22.11
C ARG A 24 -5.67 -2.77 20.99
N LYS A 25 -6.21 -2.68 19.78
CA LYS A 25 -5.44 -2.23 18.63
C LYS A 25 -4.24 -3.13 18.39
N VAL A 26 -4.47 -4.45 18.49
CA VAL A 26 -3.41 -5.42 18.27
C VAL A 26 -2.95 -5.43 16.82
N TRP A 27 -1.83 -6.10 16.56
CA TRP A 27 -1.28 -6.18 15.20
C TRP A 27 -1.35 -7.61 14.69
N GLN A 28 -2.25 -7.84 13.73
CA GLN A 28 -2.41 -9.17 13.14
C GLN A 28 -1.92 -9.20 11.70
N ARG A 29 -1.04 -10.14 11.39
CA ARG A 29 -0.48 -10.26 10.04
C ARG A 29 -1.55 -10.75 9.07
N ARG A 30 -1.50 -10.26 7.85
CA ARG A 30 -2.46 -10.64 6.82
C ARG A 30 -1.82 -10.64 5.44
N LYS A 31 -2.28 -11.52 4.57
CA LYS A 31 -1.75 -11.63 3.22
C LYS A 31 -2.10 -10.39 2.39
N CYS A 32 -1.12 -9.83 1.71
CA CYS A 32 -1.32 -8.64 0.89
C CYS A 32 -0.91 -8.91 -0.56
N SER A 33 -1.46 -8.11 -1.47
CA SER A 33 -1.15 -8.26 -2.89
C SER A 33 -1.43 -6.97 -3.64
N VAL A 34 -0.47 -6.55 -4.46
CA VAL A 34 -0.61 -5.32 -5.24
C VAL A 34 -0.43 -5.60 -6.74
N LYS A 35 -1.47 -5.33 -7.51
CA LYS A 35 -1.42 -5.54 -8.96
C LYS A 35 -2.37 -4.59 -9.68
N ASN A 36 -1.94 -4.12 -10.84
CA ASN A 36 -2.75 -3.20 -11.63
C ASN A 36 -3.11 -1.96 -10.82
N GLY A 37 -2.25 -1.61 -9.87
CA GLY A 37 -2.50 -0.44 -9.04
C GLY A 37 -3.59 -0.68 -8.01
N ILE A 38 -3.79 -1.94 -7.65
CA ILE A 38 -4.82 -2.30 -6.67
C ILE A 38 -4.22 -3.18 -5.57
N LEU A 39 -4.54 -2.83 -4.32
CA LEU A 39 -4.05 -3.59 -3.18
C LEU A 39 -5.16 -4.41 -2.55
N THR A 40 -5.15 -5.72 -2.82
CA THR A 40 -6.16 -6.61 -2.28
C THR A 40 -5.78 -7.10 -0.88
N ILE A 41 -6.77 -7.24 -0.02
CA ILE A 41 -6.54 -7.70 1.34
C ILE A 41 -7.32 -8.97 1.64
N SER A 42 -6.64 -10.10 1.62
CA SER A 42 -7.27 -11.39 1.88
C SER A 42 -7.99 -11.38 3.22
N HIS A 43 -9.15 -12.02 3.28
CA HIS A 43 -9.94 -12.08 4.51
C HIS A 43 -9.68 -13.38 5.25
N ALA A 44 -9.62 -14.49 4.51
CA ALA A 44 -9.38 -15.80 5.10
C ALA A 44 -10.57 -16.25 5.94
N THR A 45 -11.78 -15.93 5.47
CA THR A 45 -12.99 -16.30 6.18
C THR A 45 -14.21 -16.22 5.26
N SER A 46 -15.29 -16.88 5.66
CA SER A 46 -16.51 -16.88 4.87
C SER A 46 -16.73 -15.54 4.18
N ASN A 47 -16.25 -15.44 2.94
CA ASN A 47 -16.39 -14.21 2.17
C ASN A 47 -16.45 -14.51 0.68
N ARG A 48 -16.85 -13.51 -0.10
CA ARG A 48 -16.95 -13.66 -1.55
C ARG A 48 -15.78 -12.98 -2.26
N GLN A 49 -15.49 -11.74 -1.85
CA GLN A 49 -14.40 -10.98 -2.45
C GLN A 49 -13.66 -10.17 -1.39
N PRO A 50 -12.33 -10.09 -1.53
CA PRO A 50 -11.48 -9.34 -0.59
C PRO A 50 -11.69 -7.84 -0.71
N ALA A 51 -10.91 -7.09 0.06
CA ALA A 51 -11.01 -5.63 0.05
C ALA A 51 -10.08 -5.02 -0.98
N LYS A 52 -10.65 -4.33 -1.96
CA LYS A 52 -9.87 -3.70 -3.01
C LYS A 52 -9.51 -2.26 -2.63
N LEU A 53 -8.34 -1.82 -3.08
CA LEU A 53 -7.87 -0.47 -2.80
C LEU A 53 -7.13 0.12 -3.99
N ASN A 54 -7.66 1.21 -4.54
CA ASN A 54 -7.06 1.86 -5.70
C ASN A 54 -5.82 2.67 -5.27
N LEU A 55 -4.65 2.17 -5.63
CA LEU A 55 -3.40 2.84 -5.29
C LEU A 55 -3.28 4.17 -6.02
N LEU A 56 -4.18 4.41 -6.97
CA LEU A 56 -4.18 5.65 -7.73
C LEU A 56 -4.76 6.80 -6.91
N THR A 57 -5.51 6.46 -5.88
CA THR A 57 -6.13 7.46 -5.01
C THR A 57 -5.61 7.34 -3.58
N CYS A 58 -5.03 6.18 -3.26
CA CYS A 58 -4.50 5.95 -1.92
C CYS A 58 -3.39 6.94 -1.59
N GLN A 59 -3.05 7.04 -0.31
CA GLN A 59 -2.01 7.96 0.13
C GLN A 59 -1.07 7.28 1.13
N VAL A 60 0.17 7.06 0.70
CA VAL A 60 1.17 6.41 1.55
C VAL A 60 1.83 7.42 2.48
N LYS A 61 1.43 7.38 3.75
CA LYS A 61 1.97 8.29 4.76
C LYS A 61 2.93 7.55 5.70
N PRO A 62 4.20 7.45 5.29
CA PRO A 62 5.24 6.76 6.08
C PRO A 62 5.60 7.54 7.34
N ASN A 63 5.34 6.94 8.49
CA ASN A 63 5.65 7.57 9.77
C ASN A 63 7.06 8.14 9.77
N ALA A 64 7.41 8.84 10.85
CA ALA A 64 8.74 9.44 10.97
C ALA A 64 9.46 8.92 12.21
N GLU A 65 8.71 8.73 13.29
CA GLU A 65 9.27 8.23 14.54
C GLU A 65 10.34 7.17 14.27
N ASP A 66 10.00 6.21 13.43
CA ASP A 66 10.93 5.14 13.08
C ASP A 66 10.37 4.27 11.96
N LYS A 67 11.26 3.70 11.15
CA LYS A 67 10.85 2.85 10.04
C LYS A 67 9.87 1.77 10.50
N LYS A 68 9.41 0.96 9.57
CA LYS A 68 8.47 -0.10 9.88
C LYS A 68 7.17 0.46 10.44
N SER A 69 6.61 1.45 9.74
CA SER A 69 5.37 2.08 10.16
C SER A 69 4.86 3.06 9.12
N PHE A 70 3.71 2.77 8.54
CA PHE A 70 3.12 3.62 7.51
C PHE A 70 1.60 3.52 7.53
N ASP A 71 0.94 4.61 7.16
CA ASP A 71 -0.52 4.64 7.13
C ASP A 71 -1.04 4.79 5.70
N LEU A 72 -1.90 3.88 5.29
CA LEU A 72 -2.47 3.92 3.94
C LEU A 72 -3.86 4.54 3.95
N ILE A 73 -3.94 5.78 3.48
CA ILE A 73 -5.21 6.49 3.43
C ILE A 73 -5.96 6.17 2.14
N SER A 74 -7.10 5.48 2.28
CA SER A 74 -7.91 5.11 1.13
C SER A 74 -8.71 6.31 0.61
N HIS A 75 -9.37 6.13 -0.52
CA HIS A 75 -10.18 7.18 -1.11
C HIS A 75 -10.92 7.98 -0.04
N ASN A 76 -11.84 7.31 0.65
CA ASN A 76 -12.61 7.95 1.71
C ASN A 76 -12.50 7.18 3.02
N ARG A 77 -11.28 6.82 3.38
CA ARG A 77 -11.03 6.06 4.60
C ARG A 77 -9.53 6.02 4.92
N THR A 78 -9.21 5.55 6.12
CA THR A 78 -7.82 5.46 6.55
C THR A 78 -7.49 4.06 7.06
N TYR A 79 -6.36 3.52 6.62
CA TYR A 79 -5.94 2.19 7.03
C TYR A 79 -4.58 2.24 7.73
N HIS A 80 -4.32 1.24 8.57
CA HIS A 80 -3.06 1.17 9.30
C HIS A 80 -2.34 -0.14 9.01
N PHE A 81 -1.03 -0.05 8.76
CA PHE A 81 -0.22 -1.23 8.46
C PHE A 81 1.15 -1.12 9.11
N GLN A 82 1.82 -2.26 9.26
CA GLN A 82 3.15 -2.30 9.87
C GLN A 82 4.00 -3.39 9.24
N ALA A 83 5.14 -3.00 8.68
CA ALA A 83 6.05 -3.95 8.05
C ALA A 83 6.69 -4.86 9.08
N GLU A 84 6.85 -6.13 8.72
CA GLU A 84 7.45 -7.11 9.63
C GLU A 84 8.91 -6.76 9.92
N ASP A 85 9.62 -6.32 8.89
CA ASP A 85 11.02 -5.93 9.04
C ASP A 85 11.33 -4.66 8.26
N GLU A 86 12.44 -4.03 8.60
CA GLU A 86 12.85 -2.79 7.94
C GLU A 86 12.87 -2.97 6.43
N GLN A 87 13.22 -4.17 5.98
CA GLN A 87 13.28 -4.48 4.55
C GLN A 87 11.89 -4.42 3.93
N ASP A 88 10.93 -5.04 4.59
CA ASP A 88 9.56 -5.06 4.10
C ASP A 88 8.99 -3.64 3.99
N TYR A 89 9.34 -2.80 4.95
CA TYR A 89 8.88 -1.42 4.96
C TYR A 89 9.43 -0.64 3.77
N VAL A 90 10.76 -0.54 3.70
CA VAL A 90 11.42 0.17 2.62
C VAL A 90 10.88 -0.27 1.26
N ALA A 91 10.64 -1.57 1.12
CA ALA A 91 10.11 -2.12 -0.12
C ALA A 91 8.67 -1.69 -0.34
N TRP A 92 7.78 -2.15 0.53
CA TRP A 92 6.36 -1.81 0.42
C TRP A 92 6.17 -0.36 -0.01
N ILE A 93 6.65 0.57 0.82
CA ILE A 93 6.54 1.99 0.52
C ILE A 93 6.97 2.29 -0.92
N SER A 94 8.12 1.75 -1.31
CA SER A 94 8.64 1.97 -2.65
C SER A 94 7.62 1.51 -3.70
N VAL A 95 7.00 0.37 -3.45
CA VAL A 95 6.00 -0.18 -4.36
C VAL A 95 4.73 0.65 -4.35
N LEU A 96 3.98 0.56 -3.25
CA LEU A 96 2.73 1.30 -3.12
C LEU A 96 2.82 2.65 -3.83
N THR A 97 3.94 3.34 -3.64
CA THR A 97 4.14 4.64 -4.27
C THR A 97 4.47 4.49 -5.75
N ASN A 98 5.39 3.59 -6.06
CA ASN A 98 5.78 3.35 -7.44
C ASN A 98 4.57 3.03 -8.31
N SER A 99 3.97 1.87 -8.08
CA SER A 99 2.80 1.45 -8.83
C SER A 99 1.91 2.64 -9.17
N LYS A 100 1.68 3.50 -8.18
CA LYS A 100 0.84 4.68 -8.36
C LYS A 100 1.42 5.59 -9.44
N GLU A 101 2.72 5.84 -9.36
CA GLU A 101 3.39 6.70 -10.33
C GLU A 101 3.49 6.00 -11.69
N GLU A 102 3.54 4.68 -11.66
CA GLU A 102 3.64 3.89 -12.89
C GLU A 102 2.29 3.78 -13.58
N ALA A 103 1.22 3.97 -12.80
CA ALA A 103 -0.14 3.89 -13.33
C ALA A 103 -0.62 5.26 -13.80
N LEU A 104 -0.04 6.31 -13.24
CA LEU A 104 -0.41 7.67 -13.61
C LEU A 104 0.40 8.16 -14.80
N THR A 105 1.73 8.08 -14.68
CA THR A 105 2.62 8.52 -15.74
C THR A 105 2.08 8.12 -17.11
N MET A 106 1.30 7.04 -17.15
CA MET A 106 0.72 6.55 -18.39
C MET A 106 -0.38 7.49 -18.88
N ALA A 107 -1.28 7.87 -17.97
CA ALA A 107 -2.38 8.75 -18.31
C ALA A 107 -1.96 9.76 -19.37
N PHE A 108 -2.86 10.04 -20.32
CA PHE A 108 -2.58 10.99 -21.39
C PHE A 108 -3.54 12.17 -21.34
N SER A 109 -2.99 13.35 -21.09
CA SER A 109 -3.80 14.56 -21.01
C SER A 109 -3.00 15.78 -21.42
N GLY A 110 -3.67 16.76 -22.04
CA GLY A 110 -3.01 17.96 -22.48
C GLY A 110 -2.27 17.77 -23.78
N PRO A 111 -1.83 18.89 -24.39
CA PRO A 111 -1.10 18.86 -25.66
C PRO A 111 0.29 18.27 -25.52
N SER A 112 0.81 17.71 -26.61
CA SER A 112 2.14 17.10 -26.61
C SER A 112 3.17 18.03 -27.23
N SER A 113 4.40 17.96 -26.75
CA SER A 113 5.47 18.81 -27.26
C SER A 113 6.58 17.95 -27.88
N GLY A 114 7.22 18.49 -28.92
CA GLY A 114 8.28 17.77 -29.59
C GLY A 114 9.63 17.98 -28.91
N GLY A 1 13.66 16.16 -10.02
CA GLY A 1 13.93 14.84 -10.55
C GLY A 1 13.55 13.73 -9.59
N SER A 2 13.61 12.49 -10.06
CA SER A 2 13.26 11.34 -9.23
C SER A 2 13.90 11.44 -7.86
N SER A 3 13.33 10.74 -6.89
CA SER A 3 13.85 10.76 -5.52
C SER A 3 15.01 9.79 -5.38
N GLY A 4 15.90 9.78 -6.36
CA GLY A 4 17.05 8.90 -6.32
C GLY A 4 16.69 7.49 -5.88
N SER A 5 16.06 6.74 -6.78
CA SER A 5 15.65 5.37 -6.48
C SER A 5 16.18 4.40 -7.52
N SER A 6 16.45 3.17 -7.09
CA SER A 6 16.97 2.14 -7.98
C SER A 6 15.85 1.55 -8.85
N GLY A 7 14.75 1.20 -8.20
CA GLY A 7 13.62 0.63 -8.92
C GLY A 7 13.16 -0.69 -8.31
N TYR A 8 12.78 -0.64 -7.04
CA TYR A 8 12.31 -1.84 -6.34
C TYR A 8 11.31 -2.61 -7.20
N GLY A 9 10.33 -1.89 -7.74
CA GLY A 9 9.32 -2.52 -8.57
C GLY A 9 7.94 -1.97 -8.32
N SER A 10 7.06 -2.08 -9.31
CA SER A 10 5.69 -1.58 -9.19
C SER A 10 4.79 -2.63 -8.55
N GLU A 11 5.01 -3.89 -8.90
CA GLU A 11 4.22 -4.99 -8.36
C GLU A 11 5.01 -5.78 -7.32
N LYS A 12 4.35 -6.16 -6.24
CA LYS A 12 4.99 -6.93 -5.18
C LYS A 12 3.95 -7.69 -4.35
N LYS A 13 4.29 -8.92 -3.96
CA LYS A 13 3.40 -9.74 -3.16
C LYS A 13 4.08 -10.21 -1.89
N GLY A 14 3.32 -10.32 -0.81
CA GLY A 14 3.86 -10.75 0.46
C GLY A 14 2.84 -10.73 1.57
N TYR A 15 3.23 -10.20 2.72
CA TYR A 15 2.34 -10.11 3.88
C TYR A 15 2.56 -8.81 4.64
N LEU A 16 1.56 -8.42 5.43
CA LEU A 16 1.64 -7.19 6.21
C LEU A 16 0.77 -7.29 7.46
N LEU A 17 1.01 -6.41 8.42
CA LEU A 17 0.25 -6.40 9.66
C LEU A 17 -0.88 -5.37 9.60
N LYS A 18 -1.99 -5.67 10.26
CA LYS A 18 -3.14 -4.78 10.28
C LYS A 18 -3.59 -4.51 11.72
N LYS A 19 -4.23 -3.36 11.92
CA LYS A 19 -4.72 -2.98 13.25
C LYS A 19 -6.04 -3.66 13.56
N SER A 20 -6.20 -4.13 14.79
CA SER A 20 -7.42 -4.80 15.21
C SER A 20 -8.43 -3.80 15.76
N ASP A 21 -9.26 -3.26 14.88
CA ASP A 21 -10.28 -2.30 15.28
C ASP A 21 -11.08 -2.81 16.48
N GLY A 22 -11.49 -1.88 17.34
CA GLY A 22 -12.26 -2.26 18.51
C GLY A 22 -11.69 -1.68 19.79
N ILE A 23 -11.90 -2.37 20.91
CA ILE A 23 -11.40 -1.90 22.20
C ILE A 23 -9.88 -1.78 22.19
N ARG A 24 -9.21 -2.90 21.96
CA ARG A 24 -7.75 -2.91 21.92
C ARG A 24 -7.24 -2.79 20.50
N LYS A 25 -5.98 -2.39 20.35
CA LYS A 25 -5.37 -2.24 19.03
C LYS A 25 -4.10 -3.08 18.91
N VAL A 26 -4.22 -4.25 18.32
CA VAL A 26 -3.09 -5.16 18.14
C VAL A 26 -2.83 -5.43 16.67
N TRP A 27 -1.56 -5.56 16.32
CA TRP A 27 -1.17 -5.82 14.94
C TRP A 27 -1.32 -7.30 14.60
N GLN A 28 -2.27 -7.61 13.72
CA GLN A 28 -2.51 -8.99 13.32
C GLN A 28 -1.92 -9.26 11.93
N ARG A 29 -1.31 -10.43 11.78
CA ARG A 29 -0.71 -10.83 10.52
C ARG A 29 -1.76 -11.03 9.44
N ARG A 30 -1.55 -10.42 8.28
CA ARG A 30 -2.49 -10.53 7.17
C ARG A 30 -1.74 -10.61 5.84
N LYS A 31 -2.40 -11.20 4.84
CA LYS A 31 -1.81 -11.34 3.52
C LYS A 31 -2.08 -10.12 2.65
N CYS A 32 -1.09 -9.69 1.89
CA CYS A 32 -1.21 -8.53 1.03
C CYS A 32 -0.76 -8.85 -0.40
N SER A 33 -1.25 -8.08 -1.36
CA SER A 33 -0.89 -8.29 -2.75
C SER A 33 -1.10 -7.01 -3.56
N VAL A 34 -0.10 -6.64 -4.34
CA VAL A 34 -0.17 -5.43 -5.18
C VAL A 34 0.06 -5.76 -6.64
N LYS A 35 -0.93 -5.46 -7.47
CA LYS A 35 -0.83 -5.72 -8.90
C LYS A 35 -1.70 -4.74 -9.70
N ASN A 36 -1.15 -4.22 -10.78
CA ASN A 36 -1.87 -3.27 -11.63
C ASN A 36 -2.33 -2.06 -10.82
N GLY A 37 -1.50 -1.66 -9.85
CA GLY A 37 -1.84 -0.52 -9.03
C GLY A 37 -3.01 -0.79 -8.11
N ILE A 38 -3.20 -2.05 -7.74
CA ILE A 38 -4.30 -2.44 -6.87
C ILE A 38 -3.79 -3.28 -5.70
N LEU A 39 -4.20 -2.92 -4.49
CA LEU A 39 -3.80 -3.64 -3.29
C LEU A 39 -4.97 -4.46 -2.73
N THR A 40 -4.87 -5.78 -2.87
CA THR A 40 -5.92 -6.67 -2.37
C THR A 40 -5.62 -7.13 -0.95
N ILE A 41 -6.64 -7.10 -0.10
CA ILE A 41 -6.48 -7.51 1.29
C ILE A 41 -7.33 -8.74 1.59
N SER A 42 -6.65 -9.84 1.93
CA SER A 42 -7.34 -11.09 2.23
C SER A 42 -8.40 -10.88 3.32
N HIS A 43 -9.65 -11.13 2.97
CA HIS A 43 -10.75 -10.96 3.92
C HIS A 43 -11.41 -12.30 4.23
N ALA A 44 -11.77 -13.03 3.18
CA ALA A 44 -12.41 -14.34 3.33
C ALA A 44 -12.42 -15.10 2.02
N THR A 45 -12.55 -16.43 2.11
CA THR A 45 -12.57 -17.28 0.93
C THR A 45 -14.00 -17.46 0.42
N SER A 46 -14.92 -17.76 1.33
CA SER A 46 -16.32 -17.97 0.96
C SER A 46 -17.21 -16.97 1.68
N ASN A 47 -17.02 -16.84 2.98
CA ASN A 47 -17.81 -15.91 3.79
C ASN A 47 -18.16 -14.65 2.99
N ARG A 48 -17.13 -13.99 2.47
CA ARG A 48 -17.32 -12.78 1.69
C ARG A 48 -16.17 -12.56 0.72
N GLN A 49 -16.22 -11.47 -0.02
CA GLN A 49 -15.18 -11.15 -0.99
C GLN A 49 -14.09 -10.29 -0.36
N PRO A 50 -12.88 -10.35 -0.95
CA PRO A 50 -11.73 -9.58 -0.46
C PRO A 50 -11.89 -8.08 -0.70
N ALA A 51 -11.06 -7.29 -0.03
CA ALA A 51 -11.11 -5.84 -0.16
C ALA A 51 -9.97 -5.34 -1.05
N LYS A 52 -10.33 -4.65 -2.13
CA LYS A 52 -9.35 -4.12 -3.07
C LYS A 52 -9.24 -2.60 -2.93
N LEU A 53 -8.07 -2.12 -2.54
CA LEU A 53 -7.84 -0.69 -2.37
C LEU A 53 -7.09 -0.12 -3.57
N ASN A 54 -7.67 0.93 -4.17
CA ASN A 54 -7.06 1.56 -5.33
C ASN A 54 -5.91 2.48 -4.91
N LEU A 55 -4.73 2.22 -5.48
CA LEU A 55 -3.55 3.02 -5.15
C LEU A 55 -3.63 4.39 -5.83
N LEU A 56 -4.20 4.43 -7.02
CA LEU A 56 -4.33 5.68 -7.76
C LEU A 56 -5.07 6.72 -6.95
N THR A 57 -5.90 6.26 -6.02
CA THR A 57 -6.68 7.15 -5.17
C THR A 57 -6.13 7.16 -3.74
N CYS A 58 -5.66 6.00 -3.30
CA CYS A 58 -5.11 5.87 -1.94
C CYS A 58 -3.82 6.66 -1.80
N GLN A 59 -3.49 7.04 -0.57
CA GLN A 59 -2.28 7.80 -0.30
C GLN A 59 -1.37 7.04 0.66
N VAL A 60 -0.11 6.87 0.26
CA VAL A 60 0.86 6.16 1.08
C VAL A 60 1.66 7.13 1.94
N LYS A 61 1.25 7.28 3.20
CA LYS A 61 1.93 8.18 4.13
C LYS A 61 2.73 7.40 5.15
N PRO A 62 4.04 7.21 4.86
CA PRO A 62 4.95 6.48 5.74
C PRO A 62 5.24 7.23 7.04
N ASN A 63 5.34 6.51 8.14
CA ASN A 63 5.62 7.12 9.43
C ASN A 63 6.90 7.95 9.38
N ALA A 64 7.29 8.49 10.53
CA ALA A 64 8.50 9.31 10.61
C ALA A 64 9.38 8.87 11.78
N GLU A 65 8.74 8.63 12.92
CA GLU A 65 9.47 8.21 14.12
C GLU A 65 9.82 6.73 14.05
N ASP A 66 8.87 5.92 13.61
CA ASP A 66 9.07 4.48 13.50
C ASP A 66 9.91 4.15 12.27
N LYS A 67 10.12 2.86 12.03
CA LYS A 67 10.90 2.42 10.88
C LYS A 67 10.09 1.45 10.02
N LYS A 68 9.27 0.63 10.66
CA LYS A 68 8.44 -0.34 9.95
C LYS A 68 6.96 -0.05 10.15
N SER A 69 6.54 1.16 9.77
CA SER A 69 5.15 1.56 9.91
C SER A 69 4.76 2.55 8.82
N PHE A 70 3.47 2.57 8.48
CA PHE A 70 2.96 3.46 7.44
C PHE A 70 1.44 3.50 7.46
N ASP A 71 0.87 4.68 7.18
CA ASP A 71 -0.57 4.85 7.16
C ASP A 71 -1.09 4.93 5.73
N LEU A 72 -2.16 4.21 5.45
CA LEU A 72 -2.75 4.21 4.12
C LEU A 72 -4.09 4.94 4.11
N ILE A 73 -4.08 6.16 3.60
CA ILE A 73 -5.29 6.98 3.54
C ILE A 73 -6.14 6.60 2.32
N SER A 74 -7.33 6.09 2.59
CA SER A 74 -8.24 5.69 1.51
C SER A 74 -9.03 6.88 0.99
N HIS A 75 -9.93 6.62 0.04
CA HIS A 75 -10.74 7.68 -0.54
C HIS A 75 -11.47 8.47 0.55
N ASN A 76 -12.23 7.77 1.38
CA ASN A 76 -12.98 8.41 2.45
C ASN A 76 -12.80 7.64 3.76
N ARG A 77 -11.56 7.26 4.05
CA ARG A 77 -11.26 6.52 5.28
C ARG A 77 -9.75 6.43 5.50
N THR A 78 -9.36 6.00 6.68
CA THR A 78 -7.94 5.86 7.03
C THR A 78 -7.63 4.46 7.50
N TYR A 79 -6.53 3.90 6.99
CA TYR A 79 -6.11 2.55 7.35
C TYR A 79 -4.79 2.58 8.10
N HIS A 80 -4.51 1.50 8.83
CA HIS A 80 -3.26 1.40 9.60
C HIS A 80 -2.55 0.09 9.29
N PHE A 81 -1.31 0.20 8.82
CA PHE A 81 -0.51 -0.97 8.49
C PHE A 81 0.87 -0.91 9.15
N GLN A 82 1.49 -2.06 9.31
CA GLN A 82 2.81 -2.14 9.93
C GLN A 82 3.64 -3.28 9.34
N ALA A 83 4.86 -2.96 8.92
CA ALA A 83 5.75 -3.96 8.33
C ALA A 83 6.39 -4.83 9.41
N GLU A 84 6.72 -6.07 9.04
CA GLU A 84 7.34 -6.99 9.98
C GLU A 84 8.85 -6.79 10.03
N ASP A 85 9.47 -6.74 8.85
CA ASP A 85 10.91 -6.55 8.75
C ASP A 85 11.24 -5.24 8.05
N GLU A 86 12.43 -4.70 8.34
CA GLU A 86 12.87 -3.44 7.75
C GLU A 86 12.81 -3.51 6.22
N GLN A 87 13.24 -4.65 5.67
CA GLN A 87 13.23 -4.84 4.23
C GLN A 87 11.81 -4.82 3.68
N ASP A 88 10.90 -5.47 4.39
CA ASP A 88 9.50 -5.53 3.97
C ASP A 88 8.93 -4.13 3.81
N TYR A 89 9.20 -3.26 4.78
CA TYR A 89 8.70 -1.89 4.75
C TYR A 89 9.31 -1.12 3.57
N VAL A 90 10.61 -0.86 3.66
CA VAL A 90 11.30 -0.13 2.61
C VAL A 90 10.79 -0.52 1.24
N ALA A 91 10.63 -1.82 1.02
CA ALA A 91 10.14 -2.34 -0.25
C ALA A 91 8.69 -1.93 -0.49
N TRP A 92 7.81 -2.31 0.43
CA TRP A 92 6.40 -1.98 0.33
C TRP A 92 6.20 -0.54 -0.12
N ILE A 93 6.66 0.40 0.71
CA ILE A 93 6.52 1.81 0.39
C ILE A 93 6.99 2.10 -1.02
N SER A 94 8.10 1.48 -1.43
CA SER A 94 8.65 1.67 -2.76
C SER A 94 7.66 1.21 -3.82
N VAL A 95 7.04 0.07 -3.60
CA VAL A 95 6.07 -0.48 -4.53
C VAL A 95 4.78 0.34 -4.54
N LEU A 96 4.03 0.26 -3.44
CA LEU A 96 2.78 0.99 -3.33
C LEU A 96 2.86 2.33 -4.05
N THR A 97 3.85 3.14 -3.70
CA THR A 97 4.04 4.44 -4.32
C THR A 97 4.40 4.29 -5.80
N ASN A 98 5.30 3.37 -6.10
CA ASN A 98 5.72 3.13 -7.47
C ASN A 98 4.53 2.83 -8.37
N SER A 99 3.91 1.67 -8.16
CA SER A 99 2.76 1.27 -8.95
C SER A 99 1.87 2.46 -9.28
N LYS A 100 1.67 3.33 -8.29
CA LYS A 100 0.84 4.51 -8.47
C LYS A 100 1.42 5.42 -9.55
N GLU A 101 2.60 5.98 -9.27
CA GLU A 101 3.26 6.87 -10.22
C GLU A 101 3.27 6.26 -11.62
N GLU A 102 3.82 5.06 -11.74
CA GLU A 102 3.89 4.38 -13.03
C GLU A 102 2.50 4.21 -13.63
N ALA A 103 1.48 4.35 -12.80
CA ALA A 103 0.09 4.22 -13.24
C ALA A 103 -0.50 5.59 -13.56
N LEU A 104 0.04 6.63 -12.95
CA LEU A 104 -0.44 7.99 -13.17
C LEU A 104 0.21 8.61 -14.39
N THR A 105 1.54 8.56 -14.44
CA THR A 105 2.29 9.13 -15.56
C THR A 105 1.75 8.61 -16.89
N MET A 106 1.44 7.31 -16.93
CA MET A 106 0.91 6.70 -18.14
C MET A 106 -0.55 7.08 -18.36
N ALA A 107 -1.27 7.30 -17.26
CA ALA A 107 -2.68 7.68 -17.33
C ALA A 107 -2.85 9.08 -17.92
N PHE A 108 -4.08 9.43 -18.25
CA PHE A 108 -4.37 10.73 -18.83
C PHE A 108 -4.26 11.83 -17.77
N SER A 109 -3.67 12.95 -18.17
CA SER A 109 -3.48 14.08 -17.25
C SER A 109 -4.41 15.23 -17.63
N GLY A 110 -5.33 15.56 -16.73
CA GLY A 110 -6.26 16.64 -16.99
C GLY A 110 -7.56 16.17 -17.58
N PRO A 111 -8.48 15.70 -16.73
CA PRO A 111 -9.79 15.20 -17.15
C PRO A 111 -10.69 16.31 -17.67
N SER A 112 -11.06 16.22 -18.94
CA SER A 112 -11.92 17.22 -19.57
C SER A 112 -13.27 16.62 -19.95
N SER A 113 -14.30 17.46 -19.99
CA SER A 113 -15.64 17.00 -20.34
C SER A 113 -15.58 15.95 -21.45
N GLY A 114 -16.02 14.73 -21.12
CA GLY A 114 -16.00 13.66 -22.10
C GLY A 114 -17.15 12.68 -21.91
N GLY A 1 7.57 11.41 -9.92
CA GLY A 1 8.39 12.55 -9.55
C GLY A 1 8.67 12.60 -8.06
N SER A 2 7.69 12.18 -7.27
CA SER A 2 7.82 12.19 -5.81
C SER A 2 8.88 11.17 -5.36
N SER A 3 9.07 10.13 -6.17
CA SER A 3 10.05 9.09 -5.86
C SER A 3 11.45 9.52 -6.27
N GLY A 4 12.45 8.75 -5.83
CA GLY A 4 13.83 9.07 -6.16
C GLY A 4 14.37 8.21 -7.28
N SER A 5 15.66 7.90 -7.22
CA SER A 5 16.31 7.09 -8.24
C SER A 5 16.37 5.62 -7.81
N SER A 6 15.27 4.91 -8.02
CA SER A 6 15.20 3.50 -7.65
C SER A 6 14.18 2.76 -8.51
N GLY A 7 14.24 1.44 -8.49
CA GLY A 7 13.32 0.63 -9.27
C GLY A 7 12.90 -0.63 -8.56
N TYR A 8 12.53 -0.49 -7.29
CA TYR A 8 12.10 -1.63 -6.49
C TYR A 8 11.05 -2.46 -7.23
N GLY A 9 10.08 -1.78 -7.83
CA GLY A 9 9.03 -2.45 -8.56
C GLY A 9 7.67 -1.84 -8.32
N SER A 10 6.76 -2.03 -9.27
CA SER A 10 5.40 -1.50 -9.16
C SER A 10 4.49 -2.47 -8.44
N GLU A 11 4.53 -3.73 -8.84
CA GLU A 11 3.70 -4.76 -8.23
C GLU A 11 4.55 -5.68 -7.34
N LYS A 12 3.98 -6.06 -6.20
CA LYS A 12 4.67 -6.92 -5.26
C LYS A 12 3.68 -7.66 -4.36
N LYS A 13 3.68 -8.97 -4.42
CA LYS A 13 2.77 -9.79 -3.62
C LYS A 13 3.49 -10.35 -2.39
N GLY A 14 2.91 -10.12 -1.22
CA GLY A 14 3.51 -10.61 0.02
C GLY A 14 2.54 -10.60 1.18
N TYR A 15 3.04 -10.28 2.36
CA TYR A 15 2.21 -10.23 3.56
C TYR A 15 2.46 -8.95 4.35
N LEU A 16 1.49 -8.58 5.18
CA LEU A 16 1.59 -7.37 5.99
C LEU A 16 0.72 -7.48 7.24
N LEU A 17 0.95 -6.57 8.19
CA LEU A 17 0.18 -6.56 9.43
C LEU A 17 -0.87 -5.46 9.41
N LYS A 18 -1.90 -5.63 10.22
CA LYS A 18 -2.98 -4.65 10.31
C LYS A 18 -3.37 -4.38 11.77
N LYS A 19 -3.68 -3.12 12.06
CA LYS A 19 -4.08 -2.75 13.42
C LYS A 19 -5.59 -2.82 13.59
N SER A 20 -6.04 -3.72 14.46
CA SER A 20 -7.46 -3.89 14.72
C SER A 20 -8.03 -2.67 15.44
N ASP A 21 -8.63 -1.76 14.68
CA ASP A 21 -9.21 -0.56 15.24
C ASP A 21 -10.27 -0.91 16.28
N GLY A 22 -10.17 -0.29 17.45
CA GLY A 22 -11.11 -0.54 18.51
C GLY A 22 -10.60 -0.12 19.88
N ILE A 23 -11.00 -0.86 20.92
CA ILE A 23 -10.57 -0.55 22.27
C ILE A 23 -9.17 -1.08 22.54
N ARG A 24 -8.83 -2.18 21.89
CA ARG A 24 -7.51 -2.78 22.05
C ARG A 24 -6.74 -2.80 20.72
N LYS A 25 -5.94 -1.76 20.51
CA LYS A 25 -5.15 -1.65 19.28
C LYS A 25 -4.12 -2.76 19.20
N VAL A 26 -4.47 -3.83 18.48
CA VAL A 26 -3.56 -4.96 18.32
C VAL A 26 -3.27 -5.23 16.85
N TRP A 27 -2.05 -5.64 16.55
CA TRP A 27 -1.65 -5.94 15.18
C TRP A 27 -1.94 -7.40 14.83
N GLN A 28 -2.43 -7.62 13.61
CA GLN A 28 -2.74 -8.97 13.16
C GLN A 28 -2.24 -9.19 11.74
N ARG A 29 -1.65 -10.36 11.51
CA ARG A 29 -1.12 -10.70 10.19
C ARG A 29 -2.23 -10.73 9.15
N ARG A 30 -1.95 -10.22 7.96
CA ARG A 30 -2.93 -10.19 6.88
C ARG A 30 -2.23 -10.27 5.52
N LYS A 31 -2.66 -11.23 4.70
CA LYS A 31 -2.09 -11.42 3.38
C LYS A 31 -2.40 -10.22 2.48
N CYS A 32 -1.35 -9.52 2.04
CA CYS A 32 -1.51 -8.37 1.17
C CYS A 32 -0.92 -8.63 -0.21
N SER A 33 -1.36 -7.85 -1.20
CA SER A 33 -0.88 -8.01 -2.56
C SER A 33 -1.06 -6.71 -3.36
N VAL A 34 -0.08 -6.38 -4.17
CA VAL A 34 -0.14 -5.17 -4.99
C VAL A 34 0.27 -5.46 -6.42
N LYS A 35 -0.59 -5.09 -7.36
CA LYS A 35 -0.33 -5.31 -8.78
C LYS A 35 -1.26 -4.46 -9.65
N ASN A 36 -0.70 -3.83 -10.67
CA ASN A 36 -1.47 -2.98 -11.57
C ASN A 36 -2.04 -1.78 -10.84
N GLY A 37 -1.36 -1.36 -9.77
CA GLY A 37 -1.82 -0.23 -9.00
C GLY A 37 -3.01 -0.56 -8.13
N ILE A 38 -3.16 -1.83 -7.77
CA ILE A 38 -4.27 -2.27 -6.94
C ILE A 38 -3.78 -3.08 -5.75
N LEU A 39 -4.26 -2.73 -4.56
CA LEU A 39 -3.86 -3.42 -3.34
C LEU A 39 -4.99 -4.33 -2.84
N THR A 40 -4.82 -5.64 -3.02
CA THR A 40 -5.82 -6.60 -2.59
C THR A 40 -5.52 -7.13 -1.20
N ILE A 41 -6.54 -7.24 -0.37
CA ILE A 41 -6.38 -7.74 0.99
C ILE A 41 -7.38 -8.85 1.29
N SER A 42 -6.89 -9.92 1.92
CA SER A 42 -7.74 -11.06 2.27
C SER A 42 -8.10 -11.04 3.74
N HIS A 43 -9.35 -10.69 4.05
CA HIS A 43 -9.82 -10.63 5.42
C HIS A 43 -11.15 -11.36 5.57
N ALA A 44 -12.10 -11.02 4.71
CA ALA A 44 -13.42 -11.65 4.74
C ALA A 44 -13.34 -13.12 4.37
N THR A 45 -12.61 -13.42 3.30
CA THR A 45 -12.46 -14.79 2.84
C THR A 45 -13.78 -15.54 2.87
N SER A 46 -14.86 -14.83 2.53
CA SER A 46 -16.19 -15.43 2.52
C SER A 46 -16.51 -16.02 1.15
N ASN A 47 -15.52 -16.64 0.53
CA ASN A 47 -15.69 -17.24 -0.79
C ASN A 47 -16.45 -16.31 -1.71
N ARG A 48 -16.25 -15.01 -1.52
CA ARG A 48 -16.92 -14.01 -2.34
C ARG A 48 -15.90 -13.14 -3.07
N GLN A 49 -15.21 -12.28 -2.32
CA GLN A 49 -14.21 -11.39 -2.91
C GLN A 49 -13.46 -10.63 -1.81
N PRO A 50 -12.14 -10.48 -1.99
CA PRO A 50 -11.29 -9.78 -1.03
C PRO A 50 -11.55 -8.27 -1.02
N ALA A 51 -10.65 -7.52 -0.39
CA ALA A 51 -10.79 -6.08 -0.31
C ALA A 51 -9.69 -5.38 -1.10
N LYS A 52 -10.06 -4.79 -2.23
CA LYS A 52 -9.10 -4.09 -3.08
C LYS A 52 -9.13 -2.60 -2.81
N LEU A 53 -7.96 -1.97 -2.81
CA LEU A 53 -7.85 -0.54 -2.56
C LEU A 53 -7.08 0.15 -3.69
N ASN A 54 -7.78 0.98 -4.45
CA ASN A 54 -7.17 1.70 -5.56
C ASN A 54 -6.05 2.60 -5.07
N LEU A 55 -4.83 2.36 -5.56
CA LEU A 55 -3.68 3.16 -5.17
C LEU A 55 -3.78 4.57 -5.73
N LEU A 56 -4.28 4.68 -6.95
CA LEU A 56 -4.42 5.98 -7.61
C LEU A 56 -5.23 6.94 -6.74
N THR A 57 -6.02 6.38 -5.84
CA THR A 57 -6.85 7.20 -4.94
C THR A 57 -6.34 7.12 -3.51
N CYS A 58 -5.75 5.98 -3.15
CA CYS A 58 -5.22 5.78 -1.81
C CYS A 58 -3.92 6.58 -1.62
N GLN A 59 -3.73 7.07 -0.40
CA GLN A 59 -2.53 7.85 -0.08
C GLN A 59 -1.62 7.09 0.87
N VAL A 60 -0.37 6.90 0.48
CA VAL A 60 0.60 6.19 1.30
C VAL A 60 1.43 7.16 2.13
N LYS A 61 1.03 7.35 3.38
CA LYS A 61 1.74 8.25 4.29
C LYS A 61 2.60 7.47 5.27
N PRO A 62 3.89 7.30 4.94
CA PRO A 62 4.84 6.58 5.79
C PRO A 62 5.17 7.32 7.07
N ASN A 63 4.88 6.71 8.21
CA ASN A 63 5.14 7.32 9.51
C ASN A 63 6.62 7.25 9.85
N ALA A 64 7.25 8.42 9.97
CA ALA A 64 8.67 8.48 10.30
C ALA A 64 8.90 8.27 11.80
N GLU A 65 8.08 8.91 12.61
CA GLU A 65 8.19 8.80 14.06
C GLU A 65 8.20 7.33 14.48
N ASP A 66 7.31 6.55 13.89
CA ASP A 66 7.21 5.12 14.20
C ASP A 66 8.32 4.34 13.53
N LYS A 67 8.28 3.01 13.66
CA LYS A 67 9.29 2.15 13.06
C LYS A 67 8.70 1.35 11.90
N LYS A 68 9.36 1.42 10.75
CA LYS A 68 8.90 0.71 9.56
C LYS A 68 7.37 0.64 9.52
N SER A 69 6.73 1.74 9.89
CA SER A 69 5.27 1.80 9.89
C SER A 69 4.77 2.79 8.85
N PHE A 70 3.63 2.48 8.24
CA PHE A 70 3.04 3.33 7.22
C PHE A 70 1.52 3.35 7.33
N ASP A 71 0.93 4.53 7.17
CA ASP A 71 -0.52 4.68 7.26
C ASP A 71 -1.13 4.83 5.87
N LEU A 72 -2.15 4.04 5.59
CA LEU A 72 -2.82 4.08 4.30
C LEU A 72 -4.15 4.83 4.40
N ILE A 73 -4.19 6.04 3.83
CA ILE A 73 -5.39 6.85 3.85
C ILE A 73 -6.32 6.51 2.70
N SER A 74 -7.44 5.87 3.01
CA SER A 74 -8.41 5.48 1.98
C SER A 74 -9.65 6.37 2.04
N HIS A 75 -10.63 6.07 1.20
CA HIS A 75 -11.86 6.83 1.15
C HIS A 75 -12.36 7.14 2.56
N ASN A 76 -12.19 8.39 2.98
CA ASN A 76 -12.62 8.82 4.30
C ASN A 76 -12.41 7.71 5.33
N ARG A 77 -11.29 7.00 5.21
CA ARG A 77 -10.97 5.91 6.12
C ARG A 77 -9.47 5.76 6.28
N THR A 78 -8.99 5.98 7.51
CA THR A 78 -7.57 5.88 7.80
C THR A 78 -7.20 4.46 8.23
N TYR A 79 -6.36 3.79 7.45
CA TYR A 79 -5.94 2.44 7.76
C TYR A 79 -4.54 2.44 8.38
N HIS A 80 -4.19 1.33 9.02
CA HIS A 80 -2.89 1.18 9.66
C HIS A 80 -2.20 -0.09 9.23
N PHE A 81 -0.91 0.01 8.90
CA PHE A 81 -0.14 -1.14 8.46
C PHE A 81 1.27 -1.11 9.05
N GLN A 82 1.77 -2.27 9.44
CA GLN A 82 3.11 -2.37 10.03
C GLN A 82 3.92 -3.45 9.33
N ALA A 83 5.23 -3.22 9.20
CA ALA A 83 6.11 -4.18 8.56
C ALA A 83 6.83 -5.04 9.59
N GLU A 84 7.00 -6.33 9.27
CA GLU A 84 7.66 -7.25 10.17
C GLU A 84 9.16 -6.97 10.22
N ASP A 85 9.70 -6.46 9.13
CA ASP A 85 11.12 -6.15 9.05
C ASP A 85 11.36 -4.84 8.30
N GLU A 86 12.39 -4.11 8.70
CA GLU A 86 12.72 -2.84 8.06
C GLU A 86 12.81 -2.99 6.55
N GLN A 87 13.42 -4.10 6.11
CA GLN A 87 13.57 -4.37 4.69
C GLN A 87 12.22 -4.44 3.99
N ASP A 88 11.25 -5.04 4.67
CA ASP A 88 9.90 -5.17 4.12
C ASP A 88 9.26 -3.80 3.91
N TYR A 89 9.38 -2.94 4.92
CA TYR A 89 8.81 -1.60 4.85
C TYR A 89 9.45 -0.79 3.73
N VAL A 90 10.76 -0.56 3.85
CA VAL A 90 11.50 0.19 2.85
C VAL A 90 11.05 -0.16 1.45
N ALA A 91 10.79 -1.45 1.23
CA ALA A 91 10.35 -1.93 -0.07
C ALA A 91 8.89 -1.58 -0.33
N TRP A 92 8.01 -2.09 0.53
CA TRP A 92 6.58 -1.82 0.39
C TRP A 92 6.33 -0.40 -0.06
N ILE A 93 6.88 0.56 0.68
CA ILE A 93 6.71 1.98 0.35
C ILE A 93 7.09 2.24 -1.09
N SER A 94 8.22 1.69 -1.53
CA SER A 94 8.69 1.88 -2.89
C SER A 94 7.66 1.38 -3.90
N VAL A 95 7.09 0.21 -3.62
CA VAL A 95 6.08 -0.38 -4.49
C VAL A 95 4.78 0.40 -4.43
N LEU A 96 4.08 0.31 -3.31
CA LEU A 96 2.81 1.00 -3.12
C LEU A 96 2.81 2.35 -3.86
N THR A 97 3.87 3.13 -3.66
CA THR A 97 4.00 4.42 -4.31
C THR A 97 4.28 4.27 -5.80
N ASN A 98 5.29 3.46 -6.12
CA ASN A 98 5.67 3.23 -7.51
C ASN A 98 4.44 2.92 -8.36
N SER A 99 3.82 1.78 -8.10
CA SER A 99 2.63 1.36 -8.85
C SER A 99 1.75 2.56 -9.17
N LYS A 100 1.54 3.42 -8.16
CA LYS A 100 0.71 4.61 -8.34
C LYS A 100 1.19 5.44 -9.53
N GLU A 101 2.44 5.87 -9.49
CA GLU A 101 3.01 6.66 -10.57
C GLU A 101 3.10 5.86 -11.86
N GLU A 102 3.76 4.71 -11.78
CA GLU A 102 3.91 3.83 -12.94
C GLU A 102 2.58 3.61 -13.64
N ALA A 103 1.49 3.86 -12.91
CA ALA A 103 0.15 3.69 -13.47
C ALA A 103 -0.38 4.99 -14.05
N LEU A 104 0.10 6.11 -13.51
CA LEU A 104 -0.32 7.43 -13.96
C LEU A 104 0.48 7.86 -15.19
N THR A 105 1.79 7.69 -15.12
CA THR A 105 2.67 8.06 -16.23
C THR A 105 2.32 7.28 -17.49
N MET A 106 1.71 6.11 -17.30
CA MET A 106 1.33 5.26 -18.43
C MET A 106 -0.10 5.57 -18.88
N ALA A 107 -0.79 6.40 -18.10
CA ALA A 107 -2.16 6.77 -18.42
C ALA A 107 -2.25 8.26 -18.78
N PHE A 108 -3.33 8.63 -19.47
CA PHE A 108 -3.54 10.01 -19.87
C PHE A 108 -2.22 10.65 -20.29
N SER A 109 -1.50 9.98 -21.17
CA SER A 109 -0.22 10.49 -21.67
C SER A 109 -0.30 10.84 -23.15
N GLY A 110 0.22 12.01 -23.50
CA GLY A 110 0.19 12.44 -24.88
C GLY A 110 -1.15 12.20 -25.55
N PRO A 111 -1.16 12.21 -26.88
CA PRO A 111 -2.37 11.99 -27.66
C PRO A 111 -2.86 10.55 -27.58
N SER A 112 -2.17 9.74 -26.80
CA SER A 112 -2.53 8.33 -26.63
C SER A 112 -3.68 8.18 -25.64
N SER A 113 -4.80 7.68 -26.12
CA SER A 113 -5.98 7.49 -25.28
C SER A 113 -5.64 6.62 -24.08
N GLY A 114 -5.18 5.40 -24.34
CA GLY A 114 -4.83 4.49 -23.27
C GLY A 114 -5.96 3.55 -22.92
N GLY A 1 25.37 15.94 -5.50
CA GLY A 1 24.05 15.91 -4.89
C GLY A 1 22.95 15.65 -5.90
N SER A 2 23.09 14.55 -6.65
CA SER A 2 22.10 14.19 -7.65
C SER A 2 20.99 13.33 -7.06
N SER A 3 20.02 13.98 -6.44
CA SER A 3 18.90 13.27 -5.82
C SER A 3 18.20 12.36 -6.83
N GLY A 4 17.90 11.14 -6.40
CA GLY A 4 17.24 10.19 -7.28
C GLY A 4 16.11 9.45 -6.59
N SER A 5 15.35 8.69 -7.36
CA SER A 5 14.22 7.94 -6.82
C SER A 5 14.59 6.46 -6.65
N SER A 6 13.80 5.75 -5.86
CA SER A 6 14.03 4.33 -5.62
C SER A 6 13.37 3.47 -6.68
N GLY A 7 13.99 2.35 -7.01
CA GLY A 7 13.45 1.46 -8.01
C GLY A 7 13.37 0.02 -7.53
N TYR A 8 12.24 -0.34 -6.92
CA TYR A 8 12.04 -1.69 -6.42
C TYR A 8 11.09 -2.48 -7.31
N GLY A 9 10.01 -1.83 -7.73
CA GLY A 9 9.04 -2.49 -8.59
C GLY A 9 7.62 -2.01 -8.35
N SER A 10 6.77 -2.16 -9.35
CA SER A 10 5.39 -1.72 -9.25
C SER A 10 4.51 -2.82 -8.64
N GLU A 11 4.88 -4.07 -8.91
CA GLU A 11 4.12 -5.21 -8.40
C GLU A 11 4.91 -5.92 -7.30
N LYS A 12 4.19 -6.41 -6.29
CA LYS A 12 4.82 -7.11 -5.18
C LYS A 12 3.79 -7.91 -4.39
N LYS A 13 4.17 -9.11 -3.96
CA LYS A 13 3.28 -9.97 -3.20
C LYS A 13 3.97 -10.48 -1.92
N GLY A 14 3.26 -10.40 -0.80
CA GLY A 14 3.82 -10.85 0.46
C GLY A 14 2.80 -10.82 1.59
N TYR A 15 3.21 -10.29 2.73
CA TYR A 15 2.33 -10.20 3.89
C TYR A 15 2.55 -8.91 4.66
N LEU A 16 1.55 -8.51 5.43
CA LEU A 16 1.64 -7.28 6.22
C LEU A 16 0.74 -7.36 7.44
N LEU A 17 1.06 -6.57 8.46
CA LEU A 17 0.27 -6.53 9.69
C LEU A 17 -0.86 -5.52 9.59
N LYS A 18 -2.01 -5.88 10.16
CA LYS A 18 -3.18 -5.00 10.13
C LYS A 18 -3.74 -4.80 11.53
N LYS A 19 -4.00 -3.55 11.88
CA LYS A 19 -4.54 -3.22 13.20
C LYS A 19 -6.06 -3.38 13.22
N SER A 20 -6.54 -4.28 14.07
CA SER A 20 -7.96 -4.54 14.20
C SER A 20 -8.73 -3.25 14.47
N ASP A 21 -9.93 -3.15 13.92
CA ASP A 21 -10.76 -1.97 14.11
C ASP A 21 -11.96 -2.29 15.00
N GLY A 22 -12.26 -1.37 15.92
CA GLY A 22 -13.38 -1.57 16.83
C GLY A 22 -13.12 -0.99 18.20
N ILE A 23 -12.63 -1.82 19.11
CA ILE A 23 -12.34 -1.37 20.47
C ILE A 23 -10.90 -1.70 20.86
N ARG A 24 -10.56 -2.99 20.81
CA ARG A 24 -9.21 -3.43 21.16
C ARG A 24 -8.29 -3.36 19.95
N LYS A 25 -7.17 -2.64 20.10
CA LYS A 25 -6.20 -2.48 19.03
C LYS A 25 -5.13 -3.55 19.12
N VAL A 26 -5.03 -4.38 18.08
CA VAL A 26 -4.02 -5.44 18.04
C VAL A 26 -3.54 -5.69 16.62
N TRP A 27 -2.25 -5.94 16.47
CA TRP A 27 -1.67 -6.20 15.16
C TRP A 27 -1.73 -7.68 14.82
N GLN A 28 -2.32 -8.00 13.67
CA GLN A 28 -2.44 -9.39 13.23
C GLN A 28 -1.92 -9.55 11.81
N ARG A 29 -1.02 -10.51 11.62
CA ARG A 29 -0.44 -10.76 10.30
C ARG A 29 -1.53 -11.10 9.30
N ARG A 30 -1.43 -10.50 8.11
CA ARG A 30 -2.40 -10.73 7.05
C ARG A 30 -1.73 -10.84 5.69
N LYS A 31 -2.42 -11.44 4.73
CA LYS A 31 -1.88 -11.60 3.38
C LYS A 31 -2.18 -10.37 2.52
N CYS A 32 -1.15 -9.88 1.84
CA CYS A 32 -1.30 -8.71 0.98
C CYS A 32 -0.79 -9.00 -0.43
N SER A 33 -1.28 -8.24 -1.40
CA SER A 33 -0.88 -8.42 -2.79
C SER A 33 -1.11 -7.14 -3.60
N VAL A 34 -0.10 -6.73 -4.35
CA VAL A 34 -0.19 -5.53 -5.16
C VAL A 34 0.10 -5.83 -6.63
N LYS A 35 -0.86 -5.53 -7.50
CA LYS A 35 -0.70 -5.76 -8.93
C LYS A 35 -1.61 -4.84 -9.73
N ASN A 36 -1.09 -4.32 -10.84
CA ASN A 36 -1.85 -3.42 -11.69
C ASN A 36 -2.28 -2.17 -10.94
N GLY A 37 -1.51 -1.81 -9.92
CA GLY A 37 -1.82 -0.64 -9.12
C GLY A 37 -3.00 -0.86 -8.20
N ILE A 38 -3.18 -2.10 -7.76
CA ILE A 38 -4.27 -2.44 -6.86
C ILE A 38 -3.79 -3.32 -5.71
N LEU A 39 -4.21 -2.98 -4.50
CA LEU A 39 -3.83 -3.73 -3.31
C LEU A 39 -4.99 -4.59 -2.81
N THR A 40 -4.84 -5.91 -2.91
CA THR A 40 -5.88 -6.82 -2.46
C THR A 40 -5.57 -7.37 -1.08
N ILE A 41 -6.50 -7.17 -0.14
CA ILE A 41 -6.32 -7.64 1.22
C ILE A 41 -7.25 -8.81 1.52
N SER A 42 -6.67 -9.98 1.76
CA SER A 42 -7.45 -11.17 2.06
C SER A 42 -7.79 -11.24 3.54
N HIS A 43 -9.05 -11.52 3.85
CA HIS A 43 -9.51 -11.61 5.23
C HIS A 43 -9.64 -13.08 5.65
N ALA A 44 -9.73 -13.29 6.96
CA ALA A 44 -9.86 -14.65 7.50
C ALA A 44 -11.09 -14.76 8.39
N THR A 45 -11.02 -14.17 9.58
CA THR A 45 -12.13 -14.22 10.52
C THR A 45 -12.86 -12.87 10.58
N SER A 46 -12.22 -11.84 10.04
CA SER A 46 -12.81 -10.50 10.02
C SER A 46 -13.98 -10.44 9.04
N ASN A 47 -13.84 -11.15 7.93
CA ASN A 47 -14.89 -11.17 6.90
C ASN A 47 -14.63 -12.28 5.89
N ARG A 48 -15.60 -12.49 5.00
CA ARG A 48 -15.47 -13.51 3.97
C ARG A 48 -15.30 -12.89 2.59
N GLN A 49 -14.60 -11.76 2.55
CA GLN A 49 -14.37 -11.06 1.29
C GLN A 49 -13.14 -10.16 1.38
N PRO A 50 -12.33 -10.13 0.32
CA PRO A 50 -11.11 -9.32 0.26
C PRO A 50 -11.42 -7.83 0.19
N ALA A 51 -10.38 -7.01 0.20
CA ALA A 51 -10.53 -5.56 0.14
C ALA A 51 -9.60 -4.95 -0.91
N LYS A 52 -10.16 -4.55 -2.04
CA LYS A 52 -9.38 -3.96 -3.11
C LYS A 52 -9.34 -2.43 -2.98
N LEU A 53 -8.15 -1.90 -2.74
CA LEU A 53 -7.98 -0.45 -2.59
C LEU A 53 -7.21 0.13 -3.78
N ASN A 54 -7.82 1.09 -4.46
CA ASN A 54 -7.19 1.72 -5.61
C ASN A 54 -6.08 2.67 -5.17
N LEU A 55 -4.84 2.28 -5.43
CA LEU A 55 -3.68 3.09 -5.05
C LEU A 55 -3.78 4.49 -5.67
N LEU A 56 -4.28 4.55 -6.90
CA LEU A 56 -4.43 5.82 -7.60
C LEU A 56 -5.26 6.80 -6.78
N THR A 57 -6.00 6.28 -5.80
CA THR A 57 -6.83 7.11 -4.95
C THR A 57 -6.30 7.13 -3.52
N CYS A 58 -5.71 6.02 -3.10
CA CYS A 58 -5.16 5.92 -1.74
C CYS A 58 -3.87 6.72 -1.62
N GLN A 59 -3.61 7.22 -0.41
CA GLN A 59 -2.41 8.00 -0.16
C GLN A 59 -1.46 7.28 0.79
N VAL A 60 -0.32 6.83 0.27
CA VAL A 60 0.66 6.11 1.07
C VAL A 60 1.48 7.08 1.91
N LYS A 61 1.13 7.19 3.19
CA LYS A 61 1.85 8.08 4.10
C LYS A 61 2.79 7.28 5.01
N PRO A 62 4.07 7.21 4.61
CA PRO A 62 5.08 6.48 5.37
C PRO A 62 5.44 7.19 6.68
N ASN A 63 5.67 6.41 7.73
CA ASN A 63 6.01 6.95 9.03
C ASN A 63 7.08 8.03 8.90
N ALA A 64 7.15 8.91 9.90
CA ALA A 64 8.13 10.00 9.89
C ALA A 64 9.00 9.94 11.14
N GLU A 65 8.37 9.74 12.29
CA GLU A 65 9.08 9.68 13.56
C GLU A 65 9.32 8.24 13.98
N ASP A 66 8.46 7.34 13.51
CA ASP A 66 8.57 5.92 13.84
C ASP A 66 9.21 5.15 12.68
N LYS A 67 9.49 3.87 12.91
CA LYS A 67 10.10 3.02 11.89
C LYS A 67 9.24 1.79 11.63
N LYS A 68 9.38 1.24 10.43
CA LYS A 68 8.62 0.04 10.05
C LYS A 68 7.13 0.27 10.26
N SER A 69 6.60 1.35 9.69
CA SER A 69 5.19 1.68 9.81
C SER A 69 4.75 2.62 8.70
N PHE A 70 3.47 2.56 8.35
CA PHE A 70 2.92 3.41 7.30
C PHE A 70 1.40 3.50 7.41
N ASP A 71 0.86 4.64 6.98
CA ASP A 71 -0.58 4.86 7.03
C ASP A 71 -1.17 4.95 5.62
N LEU A 72 -2.27 4.23 5.40
CA LEU A 72 -2.93 4.24 4.11
C LEU A 72 -4.25 5.00 4.16
N ILE A 73 -4.23 6.23 3.64
CA ILE A 73 -5.42 7.08 3.63
C ILE A 73 -6.31 6.76 2.43
N SER A 74 -7.50 6.25 2.70
CA SER A 74 -8.44 5.90 1.64
C SER A 74 -9.52 6.97 1.50
N HIS A 75 -10.46 6.74 0.59
CA HIS A 75 -11.54 7.68 0.35
C HIS A 75 -12.13 8.18 1.68
N ASN A 76 -11.76 9.39 2.06
CA ASN A 76 -12.25 9.98 3.31
C ASN A 76 -12.13 8.98 4.46
N ARG A 77 -11.00 8.29 4.54
CA ARG A 77 -10.77 7.30 5.59
C ARG A 77 -9.27 7.05 5.77
N THR A 78 -8.90 6.58 6.95
CA THR A 78 -7.51 6.29 7.25
C THR A 78 -7.34 4.87 7.78
N TYR A 79 -6.33 4.17 7.28
CA TYR A 79 -6.06 2.80 7.69
C TYR A 79 -4.74 2.71 8.47
N HIS A 80 -4.54 1.59 9.14
CA HIS A 80 -3.32 1.38 9.92
C HIS A 80 -2.61 0.10 9.48
N PHE A 81 -1.35 0.24 9.07
CA PHE A 81 -0.57 -0.90 8.62
C PHE A 81 0.83 -0.87 9.24
N GLN A 82 1.43 -2.05 9.37
CA GLN A 82 2.77 -2.16 9.94
C GLN A 82 3.55 -3.31 9.30
N ALA A 83 4.79 -3.04 8.93
CA ALA A 83 5.65 -4.04 8.31
C ALA A 83 6.27 -4.96 9.36
N GLU A 84 6.63 -6.17 8.95
CA GLU A 84 7.23 -7.14 9.85
C GLU A 84 8.74 -6.88 10.00
N ASP A 85 9.40 -6.68 8.87
CA ASP A 85 10.84 -6.42 8.87
C ASP A 85 11.15 -5.06 8.26
N GLU A 86 12.32 -4.52 8.57
CA GLU A 86 12.74 -3.22 8.06
C GLU A 86 12.83 -3.26 6.53
N GLN A 87 13.43 -4.32 6.00
CA GLN A 87 13.59 -4.47 4.56
C GLN A 87 12.24 -4.52 3.87
N ASP A 88 11.32 -5.31 4.43
CA ASP A 88 9.98 -5.45 3.86
C ASP A 88 9.29 -4.10 3.74
N TYR A 89 9.43 -3.28 4.78
CA TYR A 89 8.83 -1.95 4.80
C TYR A 89 9.37 -1.09 3.65
N VAL A 90 10.65 -0.74 3.75
CA VAL A 90 11.29 0.08 2.73
C VAL A 90 10.77 -0.27 1.33
N ALA A 91 10.64 -1.57 1.07
CA ALA A 91 10.15 -2.04 -0.22
C ALA A 91 8.69 -1.65 -0.42
N TRP A 92 7.81 -2.19 0.42
CA TRP A 92 6.39 -1.91 0.32
C TRP A 92 6.14 -0.47 -0.12
N ILE A 93 6.58 0.48 0.71
CA ILE A 93 6.42 1.89 0.40
C ILE A 93 6.87 2.21 -1.02
N SER A 94 8.06 1.71 -1.37
CA SER A 94 8.62 1.94 -2.71
C SER A 94 7.67 1.45 -3.78
N VAL A 95 7.09 0.27 -3.56
CA VAL A 95 6.15 -0.31 -4.53
C VAL A 95 4.84 0.45 -4.54
N LEU A 96 4.06 0.32 -3.47
CA LEU A 96 2.77 0.99 -3.36
C LEU A 96 2.81 2.35 -4.06
N THR A 97 3.77 3.20 -3.65
CA THR A 97 3.91 4.52 -4.24
C THR A 97 4.23 4.42 -5.72
N ASN A 98 5.18 3.57 -6.07
CA ASN A 98 5.59 3.37 -7.46
C ASN A 98 4.39 2.99 -8.33
N SER A 99 3.88 1.79 -8.11
CA SER A 99 2.74 1.29 -8.87
C SER A 99 1.73 2.42 -9.14
N LYS A 100 1.51 3.25 -8.13
CA LYS A 100 0.58 4.37 -8.25
C LYS A 100 1.01 5.32 -9.36
N GLU A 101 2.15 5.98 -9.14
CA GLU A 101 2.68 6.92 -10.13
C GLU A 101 2.89 6.25 -11.47
N GLU A 102 3.76 5.24 -11.49
CA GLU A 102 4.07 4.50 -12.71
C GLU A 102 2.80 4.24 -13.51
N ALA A 103 1.66 4.21 -12.82
CA ALA A 103 0.38 3.97 -13.46
C ALA A 103 -0.18 5.26 -14.07
N LEU A 104 -0.07 6.36 -13.33
CA LEU A 104 -0.56 7.65 -13.79
C LEU A 104 0.34 8.21 -14.88
N THR A 105 1.65 8.18 -14.64
CA THR A 105 2.61 8.69 -15.61
C THR A 105 2.28 8.22 -17.01
N MET A 106 1.85 6.96 -17.14
CA MET A 106 1.50 6.39 -18.43
C MET A 106 0.05 6.71 -18.79
N ALA A 107 -0.74 7.08 -17.78
CA ALA A 107 -2.14 7.42 -18.00
C ALA A 107 -2.30 8.90 -18.36
N PHE A 108 -3.43 9.22 -18.99
CA PHE A 108 -3.70 10.60 -19.39
C PHE A 108 -3.37 11.57 -18.26
N SER A 109 -2.26 12.30 -18.42
CA SER A 109 -1.83 13.26 -17.42
C SER A 109 -2.83 14.41 -17.31
N GLY A 110 -2.59 15.30 -16.35
CA GLY A 110 -3.48 16.43 -16.14
C GLY A 110 -2.75 17.75 -16.21
N PRO A 111 -2.26 18.23 -15.06
CA PRO A 111 -1.52 19.49 -14.96
C PRO A 111 -0.15 19.42 -15.64
N SER A 112 0.57 18.34 -15.38
CA SER A 112 1.91 18.16 -15.96
C SER A 112 1.87 18.38 -17.47
N SER A 113 2.57 19.41 -17.92
CA SER A 113 2.62 19.74 -19.35
C SER A 113 2.68 18.47 -20.19
N GLY A 114 3.72 17.67 -19.99
CA GLY A 114 3.87 16.44 -20.74
C GLY A 114 4.54 16.65 -22.08
N GLY A 1 27.33 7.59 -6.53
CA GLY A 1 28.05 7.98 -7.74
C GLY A 1 27.97 6.92 -8.82
N SER A 2 26.76 6.48 -9.12
CA SER A 2 26.57 5.46 -10.16
C SER A 2 25.36 5.79 -11.02
N SER A 3 25.14 4.98 -12.05
CA SER A 3 24.02 5.19 -12.95
C SER A 3 22.99 4.07 -12.83
N GLY A 4 21.73 4.44 -12.64
CA GLY A 4 20.68 3.44 -12.51
C GLY A 4 19.59 3.88 -11.55
N SER A 5 18.60 4.61 -12.06
CA SER A 5 17.50 5.09 -11.25
C SER A 5 16.85 3.95 -10.47
N SER A 6 16.93 4.03 -9.14
CA SER A 6 16.35 3.00 -8.29
C SER A 6 14.97 2.57 -8.79
N GLY A 7 14.55 1.37 -8.42
CA GLY A 7 13.25 0.87 -8.84
C GLY A 7 12.91 -0.45 -8.21
N TYR A 8 12.64 -0.44 -6.91
CA TYR A 8 12.30 -1.66 -6.18
C TYR A 8 11.34 -2.52 -6.98
N GLY A 9 10.22 -1.93 -7.38
CA GLY A 9 9.23 -2.65 -8.15
C GLY A 9 7.82 -2.12 -7.95
N SER A 10 6.96 -2.37 -8.93
CA SER A 10 5.58 -1.89 -8.86
C SER A 10 4.66 -2.96 -8.28
N GLU A 11 4.93 -4.22 -8.62
CA GLU A 11 4.14 -5.33 -8.13
C GLU A 11 4.89 -6.10 -7.04
N LYS A 12 4.15 -6.59 -6.05
CA LYS A 12 4.73 -7.34 -4.95
C LYS A 12 3.65 -8.00 -4.10
N LYS A 13 3.74 -9.32 -3.96
CA LYS A 13 2.77 -10.07 -3.17
C LYS A 13 3.42 -10.66 -1.93
N GLY A 14 2.75 -10.49 -0.79
CA GLY A 14 3.29 -11.02 0.46
C GLY A 14 2.31 -10.87 1.61
N TYR A 15 2.80 -10.42 2.76
CA TYR A 15 1.96 -10.25 3.94
C TYR A 15 2.29 -8.94 4.65
N LEU A 16 1.29 -8.38 5.33
CA LEU A 16 1.48 -7.12 6.05
C LEU A 16 0.62 -7.10 7.31
N LEU A 17 1.10 -6.39 8.33
CA LEU A 17 0.36 -6.27 9.59
C LEU A 17 -0.69 -5.17 9.51
N LYS A 18 -1.90 -5.49 9.97
CA LYS A 18 -3.00 -4.53 9.96
C LYS A 18 -3.77 -4.58 11.27
N LYS A 19 -3.98 -3.41 11.87
CA LYS A 19 -4.71 -3.32 13.13
C LYS A 19 -5.93 -4.23 13.12
N SER A 20 -6.21 -4.85 14.27
CA SER A 20 -7.35 -5.75 14.38
C SER A 20 -8.60 -4.99 14.83
N ASP A 21 -9.73 -5.68 14.84
CA ASP A 21 -10.99 -5.07 15.24
C ASP A 21 -10.77 -4.06 16.35
N GLY A 22 -11.62 -3.03 16.40
CA GLY A 22 -11.50 -2.02 17.43
C GLY A 22 -11.31 -2.60 18.81
N ILE A 23 -12.13 -3.57 19.16
CA ILE A 23 -12.04 -4.22 20.46
C ILE A 23 -10.59 -4.46 20.87
N ARG A 24 -9.76 -4.82 19.88
CA ARG A 24 -8.36 -5.07 20.14
C ARG A 24 -7.49 -4.47 19.04
N LYS A 25 -6.65 -3.51 19.42
CA LYS A 25 -5.77 -2.84 18.47
C LYS A 25 -4.48 -3.64 18.27
N VAL A 26 -4.60 -4.96 18.32
CA VAL A 26 -3.45 -5.84 18.14
C VAL A 26 -3.09 -5.97 16.67
N TRP A 27 -1.80 -5.99 16.38
CA TRP A 27 -1.32 -6.12 15.01
C TRP A 27 -1.31 -7.58 14.56
N GLN A 28 -2.07 -7.88 13.51
CA GLN A 28 -2.14 -9.24 12.99
C GLN A 28 -1.75 -9.28 11.51
N ARG A 29 -0.76 -10.10 11.20
CA ARG A 29 -0.28 -10.24 9.82
C ARG A 29 -1.40 -10.74 8.91
N ARG A 30 -1.48 -10.16 7.72
CA ARG A 30 -2.50 -10.54 6.75
C ARG A 30 -1.91 -10.69 5.35
N LYS A 31 -2.56 -11.48 4.51
CA LYS A 31 -2.10 -11.70 3.15
C LYS A 31 -2.38 -10.49 2.28
N CYS A 32 -1.32 -9.74 1.97
CA CYS A 32 -1.45 -8.55 1.14
C CYS A 32 -0.83 -8.76 -0.23
N SER A 33 -1.21 -7.93 -1.20
CA SER A 33 -0.67 -8.04 -2.55
C SER A 33 -0.81 -6.71 -3.29
N VAL A 34 0.08 -6.48 -4.25
CA VAL A 34 0.07 -5.25 -5.03
C VAL A 34 0.41 -5.53 -6.49
N LYS A 35 -0.48 -5.14 -7.39
CA LYS A 35 -0.28 -5.33 -8.82
C LYS A 35 -1.17 -4.41 -9.63
N ASN A 36 -0.59 -3.78 -10.65
CA ASN A 36 -1.34 -2.87 -11.51
C ASN A 36 -1.89 -1.70 -10.71
N GLY A 37 -1.14 -1.29 -9.69
CA GLY A 37 -1.56 -0.17 -8.86
C GLY A 37 -2.79 -0.50 -8.02
N ILE A 38 -2.91 -1.77 -7.64
CA ILE A 38 -4.03 -2.21 -6.82
C ILE A 38 -3.58 -3.07 -5.65
N LEU A 39 -4.09 -2.78 -4.47
CA LEU A 39 -3.74 -3.53 -3.26
C LEU A 39 -4.87 -4.46 -2.85
N THR A 40 -4.58 -5.75 -2.83
CA THR A 40 -5.57 -6.76 -2.45
C THR A 40 -5.35 -7.23 -1.01
N ILE A 41 -6.44 -7.28 -0.25
CA ILE A 41 -6.36 -7.71 1.14
C ILE A 41 -7.41 -8.79 1.44
N SER A 42 -6.95 -10.02 1.58
CA SER A 42 -7.84 -11.15 1.86
C SER A 42 -8.30 -11.12 3.32
N HIS A 43 -9.55 -10.74 3.53
CA HIS A 43 -10.11 -10.68 4.88
C HIS A 43 -11.62 -10.40 4.83
N ALA A 44 -12.34 -10.90 5.82
CA ALA A 44 -13.78 -10.70 5.89
C ALA A 44 -14.40 -10.67 4.49
N THR A 45 -14.05 -11.66 3.68
CA THR A 45 -14.57 -11.74 2.32
C THR A 45 -16.07 -12.05 2.32
N SER A 46 -16.88 -11.00 2.28
CA SER A 46 -18.33 -11.16 2.28
C SER A 46 -18.79 -11.98 1.07
N ASN A 47 -18.57 -11.44 -0.12
CA ASN A 47 -18.96 -12.12 -1.35
C ASN A 47 -17.86 -13.06 -1.82
N ARG A 48 -17.09 -13.59 -0.88
CA ARG A 48 -15.98 -14.49 -1.20
C ARG A 48 -14.94 -13.79 -2.05
N GLN A 49 -14.67 -12.53 -1.74
CA GLN A 49 -13.68 -11.74 -2.48
C GLN A 49 -12.92 -10.81 -1.54
N PRO A 50 -11.62 -10.64 -1.79
CA PRO A 50 -10.76 -9.78 -0.99
C PRO A 50 -11.08 -8.30 -1.17
N ALA A 51 -10.48 -7.46 -0.35
CA ALA A 51 -10.70 -6.02 -0.42
C ALA A 51 -9.61 -5.34 -1.25
N LYS A 52 -9.97 -4.93 -2.46
CA LYS A 52 -9.03 -4.27 -3.36
C LYS A 52 -9.11 -2.75 -3.20
N LEU A 53 -7.96 -2.14 -2.94
CA LEU A 53 -7.89 -0.69 -2.77
C LEU A 53 -7.21 -0.03 -3.97
N ASN A 54 -7.73 1.13 -4.38
CA ASN A 54 -7.16 1.86 -5.50
C ASN A 54 -6.03 2.77 -5.04
N LEU A 55 -4.80 2.45 -5.46
CA LEU A 55 -3.64 3.25 -5.10
C LEU A 55 -3.58 4.54 -5.91
N LEU A 56 -4.46 4.64 -6.90
CA LEU A 56 -4.51 5.83 -7.75
C LEU A 56 -5.06 7.03 -6.97
N THR A 57 -5.91 6.76 -6.00
CA THR A 57 -6.50 7.81 -5.18
C THR A 57 -5.98 7.76 -3.75
N CYS A 58 -5.71 6.55 -3.27
CA CYS A 58 -5.21 6.36 -1.91
C CYS A 58 -3.90 7.12 -1.72
N GLN A 59 -3.51 7.30 -0.46
CA GLN A 59 -2.28 8.00 -0.13
C GLN A 59 -1.44 7.21 0.88
N VAL A 60 -0.16 7.06 0.58
CA VAL A 60 0.75 6.32 1.44
C VAL A 60 1.53 7.26 2.34
N LYS A 61 1.11 7.35 3.61
CA LYS A 61 1.78 8.21 4.58
C LYS A 61 2.66 7.40 5.51
N PRO A 62 3.96 7.31 5.18
CA PRO A 62 4.94 6.58 5.99
C PRO A 62 5.22 7.25 7.32
N ASN A 63 5.22 6.46 8.39
CA ASN A 63 5.49 6.98 9.72
C ASN A 63 6.97 7.26 9.92
N ALA A 64 7.31 8.53 10.09
CA ALA A 64 8.69 8.94 10.29
C ALA A 64 9.11 8.77 11.75
N GLU A 65 8.26 9.23 12.66
CA GLU A 65 8.55 9.13 14.08
C GLU A 65 9.08 7.75 14.43
N ASP A 66 8.50 6.73 13.81
CA ASP A 66 8.92 5.35 14.06
C ASP A 66 9.22 4.63 12.75
N LYS A 67 10.02 3.57 12.82
CA LYS A 67 10.38 2.79 11.65
C LYS A 67 9.45 1.59 11.48
N LYS A 68 9.36 1.09 10.25
CA LYS A 68 8.52 -0.06 9.96
C LYS A 68 7.05 0.25 10.26
N SER A 69 6.55 1.34 9.67
CA SER A 69 5.17 1.75 9.87
C SER A 69 4.71 2.70 8.77
N PHE A 70 3.48 2.52 8.31
CA PHE A 70 2.92 3.37 7.25
C PHE A 70 1.41 3.38 7.31
N ASP A 71 0.82 4.51 6.93
CA ASP A 71 -0.64 4.66 6.95
C ASP A 71 -1.17 4.82 5.53
N LEU A 72 -2.33 4.21 5.27
CA LEU A 72 -2.95 4.29 3.96
C LEU A 72 -4.25 5.09 4.01
N ILE A 73 -4.20 6.34 3.57
CA ILE A 73 -5.37 7.20 3.58
C ILE A 73 -6.23 6.96 2.34
N SER A 74 -7.26 6.13 2.49
CA SER A 74 -8.16 5.81 1.39
C SER A 74 -9.31 6.81 1.32
N HIS A 75 -10.25 6.56 0.41
CA HIS A 75 -11.40 7.44 0.25
C HIS A 75 -11.92 7.90 1.61
N ASN A 76 -11.61 9.14 1.95
CA ASN A 76 -12.05 9.72 3.22
C ASN A 76 -12.01 8.66 4.33
N ARG A 77 -10.97 7.84 4.32
CA ARG A 77 -10.81 6.80 5.32
C ARG A 77 -9.32 6.52 5.57
N THR A 78 -8.96 6.40 6.84
CA THR A 78 -7.58 6.14 7.23
C THR A 78 -7.40 4.68 7.64
N TYR A 79 -6.34 4.06 7.12
CA TYR A 79 -6.06 2.66 7.43
C TYR A 79 -4.76 2.53 8.23
N HIS A 80 -4.59 1.39 8.88
CA HIS A 80 -3.40 1.15 9.69
C HIS A 80 -2.61 -0.05 9.15
N PHE A 81 -1.34 0.18 8.86
CA PHE A 81 -0.48 -0.88 8.33
C PHE A 81 0.90 -0.83 8.98
N GLN A 82 1.54 -1.99 9.09
CA GLN A 82 2.87 -2.08 9.68
C GLN A 82 3.66 -3.22 9.08
N ALA A 83 4.95 -3.00 8.85
CA ALA A 83 5.82 -4.01 8.27
C ALA A 83 6.40 -4.91 9.35
N GLU A 84 6.70 -6.15 8.98
CA GLU A 84 7.26 -7.13 9.91
C GLU A 84 8.75 -6.89 10.12
N ASP A 85 9.42 -6.38 9.08
CA ASP A 85 10.85 -6.10 9.15
C ASP A 85 11.18 -4.78 8.45
N GLU A 86 12.42 -4.34 8.62
CA GLU A 86 12.86 -3.09 8.01
C GLU A 86 12.88 -3.21 6.48
N GLN A 87 13.40 -4.32 5.99
CA GLN A 87 13.47 -4.56 4.55
C GLN A 87 12.09 -4.55 3.92
N ASP A 88 11.14 -5.22 4.58
CA ASP A 88 9.77 -5.28 4.09
C ASP A 88 9.17 -3.89 3.95
N TYR A 89 9.44 -3.03 4.93
CA TYR A 89 8.92 -1.66 4.91
C TYR A 89 9.49 -0.88 3.73
N VAL A 90 10.81 -0.73 3.71
CA VAL A 90 11.48 0.00 2.64
C VAL A 90 10.93 -0.40 1.27
N ALA A 91 10.80 -1.70 1.06
CA ALA A 91 10.28 -2.22 -0.21
C ALA A 91 8.82 -1.81 -0.40
N TRP A 92 7.94 -2.35 0.44
CA TRP A 92 6.52 -2.05 0.36
C TRP A 92 6.30 -0.61 -0.07
N ILE A 93 6.77 0.32 0.75
CA ILE A 93 6.62 1.75 0.46
C ILE A 93 7.02 2.05 -0.97
N SER A 94 8.15 1.52 -1.40
CA SER A 94 8.64 1.74 -2.75
C SER A 94 7.61 1.30 -3.79
N VAL A 95 6.99 0.16 -3.52
CA VAL A 95 5.98 -0.38 -4.43
C VAL A 95 4.69 0.44 -4.38
N LEU A 96 3.98 0.33 -3.26
CA LEU A 96 2.73 1.07 -3.09
C LEU A 96 2.80 2.42 -3.79
N THR A 97 3.91 3.12 -3.62
CA THR A 97 4.09 4.43 -4.24
C THR A 97 4.43 4.30 -5.72
N ASN A 98 5.34 3.38 -6.03
CA ASN A 98 5.74 3.16 -7.41
C ASN A 98 4.54 2.85 -8.29
N SER A 99 3.92 1.71 -8.08
CA SER A 99 2.76 1.30 -8.87
C SER A 99 1.86 2.50 -9.17
N LYS A 100 1.62 3.31 -8.14
CA LYS A 100 0.78 4.50 -8.29
C LYS A 100 1.32 5.42 -9.38
N GLU A 101 2.60 5.77 -9.27
CA GLU A 101 3.23 6.63 -10.25
C GLU A 101 3.27 5.97 -11.63
N GLU A 102 3.33 4.64 -11.63
CA GLU A 102 3.37 3.89 -12.88
C GLU A 102 1.99 3.84 -13.54
N ALA A 103 0.95 3.80 -12.71
CA ALA A 103 -0.42 3.76 -13.21
C ALA A 103 -0.91 5.16 -13.57
N LEU A 104 -0.35 6.17 -12.94
CA LEU A 104 -0.73 7.55 -13.19
C LEU A 104 0.02 8.11 -14.40
N THR A 105 1.34 8.05 -14.35
CA THR A 105 2.17 8.54 -15.44
C THR A 105 1.66 8.03 -16.79
N MET A 106 1.00 6.88 -16.77
CA MET A 106 0.48 6.27 -17.98
C MET A 106 -0.96 6.71 -18.22
N ALA A 107 -1.73 6.83 -17.14
CA ALA A 107 -3.13 7.24 -17.25
C ALA A 107 -3.26 8.76 -17.22
N PHE A 108 -4.47 9.25 -17.46
CA PHE A 108 -4.73 10.69 -17.48
C PHE A 108 -3.99 11.39 -16.33
N SER A 109 -3.01 12.22 -16.69
CA SER A 109 -2.23 12.94 -15.70
C SER A 109 -1.74 14.27 -16.27
N GLY A 110 -1.53 15.24 -15.39
CA GLY A 110 -1.07 16.55 -15.81
C GLY A 110 0.11 16.47 -16.77
N PRO A 111 0.19 17.43 -17.69
CA PRO A 111 1.27 17.48 -18.68
C PRO A 111 2.62 17.83 -18.06
N SER A 112 3.69 17.31 -18.65
CA SER A 112 5.04 17.57 -18.13
C SER A 112 6.06 17.46 -19.26
N SER A 113 7.10 18.29 -19.18
CA SER A 113 8.16 18.30 -20.19
C SER A 113 8.69 16.89 -20.43
N GLY A 114 8.34 16.32 -21.58
CA GLY A 114 8.80 14.98 -21.91
C GLY A 114 7.65 14.01 -22.11
N GLY A 1 12.13 20.44 -7.06
CA GLY A 1 12.20 19.33 -6.12
C GLY A 1 12.31 17.99 -6.82
N SER A 2 13.53 17.56 -7.10
CA SER A 2 13.77 16.29 -7.78
C SER A 2 14.08 15.20 -6.77
N SER A 3 13.33 14.11 -6.83
CA SER A 3 13.53 12.98 -5.92
C SER A 3 14.66 12.08 -6.41
N GLY A 4 14.95 11.04 -5.63
CA GLY A 4 16.01 10.12 -6.00
C GLY A 4 15.92 8.81 -5.25
N SER A 5 14.86 8.05 -5.51
CA SER A 5 14.66 6.76 -4.84
C SER A 5 15.10 5.61 -5.74
N SER A 6 15.10 4.40 -5.18
CA SER A 6 15.50 3.21 -5.92
C SER A 6 14.30 2.58 -6.64
N GLY A 7 14.57 1.82 -7.69
CA GLY A 7 13.52 1.18 -8.44
C GLY A 7 13.25 -0.24 -7.97
N TYR A 8 12.45 -0.38 -6.93
CA TYR A 8 12.13 -1.69 -6.38
C TYR A 8 11.19 -2.46 -7.32
N GLY A 9 10.07 -1.84 -7.65
CA GLY A 9 9.10 -2.47 -8.53
C GLY A 9 7.69 -2.05 -8.23
N SER A 10 6.84 -2.07 -9.25
CA SER A 10 5.43 -1.68 -9.10
C SER A 10 4.62 -2.84 -8.54
N GLU A 11 5.06 -4.06 -8.81
CA GLU A 11 4.37 -5.26 -8.33
C GLU A 11 5.15 -5.93 -7.21
N LYS A 12 4.44 -6.35 -6.17
CA LYS A 12 5.06 -7.01 -5.03
C LYS A 12 4.05 -7.85 -4.27
N LYS A 13 4.41 -9.12 -4.01
CA LYS A 13 3.53 -10.02 -3.29
C LYS A 13 4.18 -10.49 -1.99
N GLY A 14 3.50 -10.26 -0.87
CA GLY A 14 4.03 -10.68 0.41
C GLY A 14 2.98 -10.65 1.50
N TYR A 15 3.40 -10.27 2.71
CA TYR A 15 2.48 -10.22 3.85
C TYR A 15 2.74 -8.96 4.68
N LEU A 16 1.66 -8.36 5.17
CA LEU A 16 1.75 -7.15 5.99
C LEU A 16 0.84 -7.25 7.21
N LEU A 17 1.03 -6.34 8.16
CA LEU A 17 0.22 -6.32 9.37
C LEU A 17 -0.87 -5.26 9.27
N LYS A 18 -1.93 -5.42 10.06
CA LYS A 18 -3.03 -4.47 10.07
C LYS A 18 -3.57 -4.27 11.49
N LYS A 19 -3.78 -3.01 11.86
CA LYS A 19 -4.30 -2.69 13.19
C LYS A 19 -5.82 -2.70 13.20
N SER A 20 -6.39 -3.76 13.77
CA SER A 20 -7.84 -3.89 13.85
C SER A 20 -8.46 -2.71 14.60
N ASP A 21 -9.30 -1.95 13.89
CA ASP A 21 -9.95 -0.79 14.49
C ASP A 21 -11.30 -1.19 15.10
N GLY A 22 -11.94 -0.24 15.77
CA GLY A 22 -13.22 -0.51 16.38
C GLY A 22 -13.20 -0.27 17.88
N ILE A 23 -12.89 -1.31 18.64
CA ILE A 23 -12.84 -1.21 20.09
C ILE A 23 -11.40 -1.20 20.59
N ARG A 24 -10.58 -2.12 20.07
CA ARG A 24 -9.19 -2.21 20.46
C ARG A 24 -8.28 -2.18 19.24
N LYS A 25 -7.00 -1.89 19.46
CA LYS A 25 -6.02 -1.83 18.37
C LYS A 25 -5.04 -2.99 18.47
N VAL A 26 -5.31 -4.03 17.68
CA VAL A 26 -4.45 -5.22 17.67
C VAL A 26 -3.87 -5.45 16.28
N TRP A 27 -2.58 -5.76 16.22
CA TRP A 27 -1.89 -6.00 14.96
C TRP A 27 -2.04 -7.46 14.54
N GLN A 28 -2.72 -7.68 13.41
CA GLN A 28 -2.93 -9.02 12.90
C GLN A 28 -2.23 -9.22 11.57
N ARG A 29 -1.72 -10.43 11.34
CA ARG A 29 -1.02 -10.73 10.09
C ARG A 29 -2.01 -11.10 8.99
N ARG A 30 -1.76 -10.60 7.79
CA ARG A 30 -2.63 -10.87 6.65
C ARG A 30 -1.83 -10.91 5.35
N LYS A 31 -2.36 -11.62 4.36
CA LYS A 31 -1.69 -11.75 3.08
C LYS A 31 -2.01 -10.56 2.18
N CYS A 32 -0.98 -9.81 1.81
CA CYS A 32 -1.14 -8.64 0.96
C CYS A 32 -0.68 -8.93 -0.46
N SER A 33 -1.18 -8.15 -1.42
CA SER A 33 -0.82 -8.32 -2.82
C SER A 33 -1.06 -7.04 -3.60
N VAL A 34 -0.05 -6.65 -4.39
CA VAL A 34 -0.15 -5.44 -5.20
C VAL A 34 0.10 -5.73 -6.67
N LYS A 35 -0.91 -5.50 -7.49
CA LYS A 35 -0.80 -5.75 -8.93
C LYS A 35 -1.76 -4.85 -9.71
N ASN A 36 -1.27 -4.24 -10.78
CA ASN A 36 -2.09 -3.36 -11.60
C ASN A 36 -2.59 -2.17 -10.80
N GLY A 37 -1.78 -1.74 -9.83
CA GLY A 37 -2.15 -0.60 -9.01
C GLY A 37 -3.33 -0.91 -8.10
N ILE A 38 -3.37 -2.14 -7.59
CA ILE A 38 -4.45 -2.56 -6.70
C ILE A 38 -3.91 -3.34 -5.51
N LEU A 39 -4.32 -2.94 -4.31
CA LEU A 39 -3.89 -3.61 -3.09
C LEU A 39 -5.00 -4.46 -2.50
N THR A 40 -4.91 -5.77 -2.71
CA THR A 40 -5.91 -6.69 -2.20
C THR A 40 -5.56 -7.15 -0.78
N ILE A 41 -6.60 -7.36 0.03
CA ILE A 41 -6.40 -7.79 1.41
C ILE A 41 -7.26 -9.02 1.72
N SER A 42 -6.60 -10.16 1.89
CA SER A 42 -7.30 -11.40 2.21
C SER A 42 -7.66 -11.47 3.69
N HIS A 43 -8.94 -11.29 3.99
CA HIS A 43 -9.41 -11.33 5.37
C HIS A 43 -9.50 -12.78 5.87
N ALA A 44 -9.76 -12.94 7.16
CA ALA A 44 -9.87 -14.27 7.76
C ALA A 44 -10.67 -15.20 6.86
N THR A 45 -11.85 -14.76 6.45
CA THR A 45 -12.71 -15.57 5.59
C THR A 45 -13.24 -14.75 4.41
N SER A 46 -13.26 -15.35 3.23
CA SER A 46 -13.73 -14.67 2.04
C SER A 46 -15.05 -15.29 1.56
N ASN A 47 -16.14 -14.54 1.73
CA ASN A 47 -17.45 -15.00 1.32
C ASN A 47 -17.64 -14.84 -0.19
N ARG A 48 -17.45 -13.62 -0.68
CA ARG A 48 -17.60 -13.34 -2.10
C ARG A 48 -16.27 -12.87 -2.70
N GLN A 49 -15.84 -11.67 -2.30
CA GLN A 49 -14.59 -11.11 -2.79
C GLN A 49 -13.85 -10.37 -1.69
N PRO A 50 -12.51 -10.37 -1.77
CA PRO A 50 -11.65 -9.71 -0.78
C PRO A 50 -11.75 -8.19 -0.86
N ALA A 51 -10.92 -7.51 -0.08
CA ALA A 51 -10.90 -6.05 -0.06
C ALA A 51 -9.99 -5.49 -1.14
N LYS A 52 -10.53 -4.63 -1.99
CA LYS A 52 -9.76 -4.02 -3.07
C LYS A 52 -9.47 -2.55 -2.77
N LEU A 53 -8.20 -2.22 -2.59
CA LEU A 53 -7.80 -0.84 -2.30
C LEU A 53 -7.07 -0.24 -3.49
N ASN A 54 -7.72 0.70 -4.16
CA ASN A 54 -7.13 1.37 -5.32
C ASN A 54 -6.01 2.32 -4.89
N LEU A 55 -4.84 2.14 -5.47
CA LEU A 55 -3.69 2.97 -5.15
C LEU A 55 -3.82 4.35 -5.80
N LEU A 56 -4.43 4.39 -6.97
CA LEU A 56 -4.63 5.64 -7.70
C LEU A 56 -5.37 6.66 -6.82
N THR A 57 -5.95 6.18 -5.72
CA THR A 57 -6.68 7.05 -4.81
C THR A 57 -6.10 6.99 -3.40
N CYS A 58 -5.66 5.81 -3.00
CA CYS A 58 -5.07 5.61 -1.68
C CYS A 58 -3.77 6.39 -1.55
N GLN A 59 -3.59 7.02 -0.38
CA GLN A 59 -2.39 7.81 -0.13
C GLN A 59 -1.46 7.09 0.84
N VAL A 60 -0.26 6.76 0.38
CA VAL A 60 0.72 6.07 1.21
C VAL A 60 1.56 7.05 2.01
N LYS A 61 1.18 7.25 3.26
CA LYS A 61 1.90 8.18 4.15
C LYS A 61 2.77 7.41 5.13
N PRO A 62 4.05 7.21 4.77
CA PRO A 62 5.00 6.49 5.63
C PRO A 62 5.38 7.29 6.87
N ASN A 63 5.45 6.61 8.01
CA ASN A 63 5.81 7.25 9.27
C ASN A 63 7.11 8.03 9.13
N ALA A 64 7.50 8.72 10.20
CA ALA A 64 8.73 9.51 10.20
C ALA A 64 9.64 9.11 11.36
N GLU A 65 9.02 8.76 12.49
CA GLU A 65 9.77 8.35 13.67
C GLU A 65 10.17 6.88 13.59
N ASP A 66 9.16 6.02 13.50
CA ASP A 66 9.39 4.58 13.42
C ASP A 66 10.31 4.23 12.25
N LYS A 67 10.54 2.95 12.03
CA LYS A 67 11.39 2.49 10.94
C LYS A 67 10.59 1.69 9.92
N LYS A 68 9.58 0.95 10.41
CA LYS A 68 8.74 0.15 9.53
C LYS A 68 7.27 0.40 9.82
N SER A 69 6.80 1.59 9.50
CA SER A 69 5.40 1.96 9.72
C SER A 69 4.90 2.90 8.63
N PHE A 70 3.72 2.61 8.10
CA PHE A 70 3.13 3.44 7.06
C PHE A 70 1.61 3.46 7.18
N ASP A 71 1.02 4.62 6.90
CA ASP A 71 -0.43 4.79 6.97
C ASP A 71 -1.04 4.87 5.58
N LEU A 72 -2.13 4.12 5.37
CA LEU A 72 -2.81 4.10 4.09
C LEU A 72 -4.13 4.86 4.16
N ILE A 73 -4.15 6.08 3.62
CA ILE A 73 -5.35 6.90 3.62
C ILE A 73 -6.25 6.55 2.44
N SER A 74 -7.43 6.03 2.75
CA SER A 74 -8.39 5.65 1.72
C SER A 74 -9.44 6.75 1.52
N HIS A 75 -10.03 6.79 0.33
CA HIS A 75 -11.05 7.78 0.01
C HIS A 75 -11.96 8.03 1.21
N ASN A 76 -11.77 9.16 1.87
CA ASN A 76 -12.57 9.52 3.04
C ASN A 76 -12.41 8.48 4.15
N ARG A 77 -11.17 8.08 4.40
CA ARG A 77 -10.88 7.10 5.44
C ARG A 77 -9.37 6.95 5.64
N THR A 78 -8.98 6.44 6.80
CA THR A 78 -7.58 6.25 7.13
C THR A 78 -7.32 4.84 7.65
N TYR A 79 -6.30 4.18 7.10
CA TYR A 79 -5.95 2.83 7.53
C TYR A 79 -4.55 2.79 8.13
N HIS A 80 -4.31 1.81 8.99
CA HIS A 80 -3.01 1.66 9.64
C HIS A 80 -2.36 0.33 9.26
N PHE A 81 -1.11 0.39 8.85
CA PHE A 81 -0.37 -0.80 8.44
C PHE A 81 1.04 -0.78 9.02
N GLN A 82 1.64 -1.97 9.15
CA GLN A 82 2.99 -2.09 9.68
C GLN A 82 3.74 -3.23 9.00
N ALA A 83 5.07 -3.12 8.97
CA ALA A 83 5.90 -4.14 8.35
C ALA A 83 6.66 -4.93 9.41
N GLU A 84 6.88 -6.22 9.14
CA GLU A 84 7.60 -7.09 10.07
C GLU A 84 9.03 -6.60 10.25
N ASP A 85 9.78 -6.54 9.16
CA ASP A 85 11.17 -6.09 9.21
C ASP A 85 11.36 -4.83 8.38
N GLU A 86 12.25 -3.95 8.84
CA GLU A 86 12.53 -2.70 8.14
C GLU A 86 12.73 -2.95 6.65
N GLN A 87 13.30 -4.11 6.32
CA GLN A 87 13.55 -4.46 4.93
C GLN A 87 12.25 -4.55 4.14
N ASP A 88 11.27 -5.26 4.71
CA ASP A 88 9.97 -5.42 4.06
C ASP A 88 9.28 -4.07 3.89
N TYR A 89 9.48 -3.18 4.86
CA TYR A 89 8.87 -1.86 4.82
C TYR A 89 9.47 -1.02 3.70
N VAL A 90 10.77 -0.76 3.79
CA VAL A 90 11.46 0.04 2.78
C VAL A 90 11.01 -0.34 1.38
N ALA A 91 10.75 -1.62 1.17
CA ALA A 91 10.31 -2.12 -0.12
C ALA A 91 8.86 -1.75 -0.38
N TRP A 92 7.96 -2.28 0.43
CA TRP A 92 6.54 -2.01 0.29
C TRP A 92 6.30 -0.56 -0.14
N ILE A 93 6.75 0.38 0.68
CA ILE A 93 6.58 1.79 0.38
C ILE A 93 6.95 2.10 -1.07
N SER A 94 8.11 1.61 -1.50
CA SER A 94 8.58 1.81 -2.87
C SER A 94 7.54 1.33 -3.88
N VAL A 95 6.98 0.15 -3.62
CA VAL A 95 5.97 -0.43 -4.50
C VAL A 95 4.66 0.34 -4.42
N LEU A 96 3.97 0.21 -3.30
CA LEU A 96 2.69 0.90 -3.10
C LEU A 96 2.70 2.26 -3.81
N THR A 97 3.76 3.03 -3.57
CA THR A 97 3.88 4.35 -4.18
C THR A 97 4.16 4.24 -5.67
N ASN A 98 5.02 3.30 -6.04
CA ASN A 98 5.38 3.10 -7.44
C ASN A 98 4.14 2.80 -8.29
N SER A 99 3.54 1.63 -8.06
CA SER A 99 2.36 1.23 -8.79
C SER A 99 1.44 2.42 -9.05
N LYS A 100 1.35 3.31 -8.08
CA LYS A 100 0.52 4.51 -8.20
C LYS A 100 1.08 5.45 -9.26
N GLU A 101 2.35 5.81 -9.11
CA GLU A 101 3.01 6.71 -10.05
C GLU A 101 3.04 6.10 -11.45
N GLU A 102 3.66 4.94 -11.57
CA GLU A 102 3.75 4.25 -12.86
C GLU A 102 2.38 4.15 -13.53
N ALA A 103 1.33 4.27 -12.73
CA ALA A 103 -0.03 4.19 -13.24
C ALA A 103 -0.53 5.57 -13.67
N LEU A 104 -0.02 6.61 -13.03
CA LEU A 104 -0.41 7.97 -13.34
C LEU A 104 0.40 8.52 -14.51
N THR A 105 1.71 8.39 -14.43
CA THR A 105 2.60 8.87 -15.48
C THR A 105 2.25 8.25 -16.82
N MET A 106 1.77 7.01 -16.79
CA MET A 106 1.39 6.31 -18.02
C MET A 106 0.01 6.77 -18.49
N ALA A 107 -0.64 7.61 -17.69
CA ALA A 107 -1.96 8.12 -18.04
C ALA A 107 -1.87 9.51 -18.64
N PHE A 108 -1.06 10.36 -18.01
CA PHE A 108 -0.88 11.74 -18.48
C PHE A 108 0.35 11.85 -19.37
N SER A 109 0.17 11.58 -20.66
CA SER A 109 1.27 11.66 -21.62
C SER A 109 0.84 12.41 -22.87
N GLY A 110 1.71 13.28 -23.36
CA GLY A 110 1.41 14.06 -24.55
C GLY A 110 0.56 15.27 -24.26
N PRO A 111 0.46 16.19 -25.23
CA PRO A 111 -0.33 17.42 -25.09
C PRO A 111 -1.83 17.14 -25.08
N SER A 112 -2.58 18.06 -24.48
CA SER A 112 -4.02 17.91 -24.38
C SER A 112 -4.40 16.65 -23.63
N SER A 113 -3.62 16.34 -22.59
CA SER A 113 -3.87 15.14 -21.79
C SER A 113 -5.00 15.38 -20.79
N GLY A 114 -4.91 16.50 -20.07
CA GLY A 114 -5.94 16.83 -19.09
C GLY A 114 -7.20 17.37 -19.73
N GLY A 1 12.27 16.67 -6.65
CA GLY A 1 12.13 15.27 -7.02
C GLY A 1 13.16 14.85 -8.04
N SER A 2 13.72 13.66 -7.84
CA SER A 2 14.73 13.13 -8.75
C SER A 2 14.08 12.48 -9.98
N SER A 3 14.83 12.39 -11.07
CA SER A 3 14.33 11.79 -12.30
C SER A 3 15.19 10.60 -12.73
N GLY A 4 15.59 9.79 -11.75
CA GLY A 4 16.41 8.64 -12.03
C GLY A 4 16.58 7.73 -10.83
N SER A 5 15.67 6.78 -10.66
CA SER A 5 15.72 5.86 -9.55
C SER A 5 15.84 4.42 -10.03
N SER A 6 16.25 3.53 -9.13
CA SER A 6 16.41 2.11 -9.47
C SER A 6 15.07 1.50 -9.86
N GLY A 7 14.05 1.75 -9.05
CA GLY A 7 12.73 1.20 -9.34
C GLY A 7 12.50 -0.13 -8.65
N TYR A 8 12.08 -0.07 -7.39
CA TYR A 8 11.82 -1.29 -6.62
C TYR A 8 10.85 -2.20 -7.35
N GLY A 9 9.77 -1.62 -7.88
CA GLY A 9 8.78 -2.39 -8.60
C GLY A 9 7.37 -1.90 -8.35
N SER A 10 6.46 -2.20 -9.28
CA SER A 10 5.08 -1.78 -9.16
C SER A 10 4.22 -2.88 -8.56
N GLU A 11 4.67 -4.13 -8.74
CA GLU A 11 3.94 -5.28 -8.21
C GLU A 11 4.72 -5.95 -7.10
N LYS A 12 4.00 -6.45 -6.10
CA LYS A 12 4.63 -7.12 -4.96
C LYS A 12 3.61 -7.95 -4.18
N LYS A 13 3.79 -9.26 -4.17
CA LYS A 13 2.89 -10.15 -3.47
C LYS A 13 3.55 -10.70 -2.20
N GLY A 14 2.95 -10.40 -1.05
CA GLY A 14 3.48 -10.87 0.21
C GLY A 14 2.47 -10.80 1.33
N TYR A 15 2.95 -10.49 2.54
CA TYR A 15 2.07 -10.39 3.70
C TYR A 15 2.38 -9.13 4.52
N LEU A 16 1.40 -8.68 5.28
CA LEU A 16 1.57 -7.49 6.10
C LEU A 16 0.68 -7.55 7.34
N LEU A 17 1.01 -6.75 8.34
CA LEU A 17 0.23 -6.71 9.58
C LEU A 17 -0.79 -5.59 9.55
N LYS A 18 -1.99 -5.86 10.04
CA LYS A 18 -3.06 -4.88 10.08
C LYS A 18 -3.70 -4.81 11.45
N LYS A 19 -4.26 -3.65 11.80
CA LYS A 19 -4.90 -3.46 13.09
C LYS A 19 -6.29 -4.09 13.10
N SER A 20 -6.64 -4.71 14.22
CA SER A 20 -7.94 -5.37 14.36
C SER A 20 -9.01 -4.36 14.76
N ASP A 21 -9.92 -4.09 13.82
CA ASP A 21 -11.01 -3.14 14.07
C ASP A 21 -11.71 -3.45 15.39
N GLY A 22 -12.14 -2.40 16.08
CA GLY A 22 -12.82 -2.59 17.35
C GLY A 22 -12.06 -2.00 18.52
N ILE A 23 -12.55 -2.23 19.73
CA ILE A 23 -11.91 -1.71 20.93
C ILE A 23 -10.42 -2.02 20.93
N ARG A 24 -10.09 -3.30 21.08
CA ARG A 24 -8.69 -3.73 21.09
C ARG A 24 -8.02 -3.47 19.74
N LYS A 25 -6.84 -2.89 19.77
CA LYS A 25 -6.09 -2.59 18.56
C LYS A 25 -4.81 -3.42 18.49
N VAL A 26 -4.97 -4.74 18.45
CA VAL A 26 -3.82 -5.64 18.37
C VAL A 26 -3.43 -5.90 16.93
N TRP A 27 -2.13 -5.93 16.68
CA TRP A 27 -1.62 -6.18 15.32
C TRP A 27 -1.87 -7.63 14.90
N GLN A 28 -2.52 -7.79 13.76
CA GLN A 28 -2.83 -9.13 13.25
C GLN A 28 -2.21 -9.34 11.88
N ARG A 29 -1.50 -10.45 11.71
CA ARG A 29 -0.85 -10.77 10.45
C ARG A 29 -1.88 -11.09 9.37
N ARG A 30 -1.64 -10.58 8.16
CA ARG A 30 -2.55 -10.81 7.05
C ARG A 30 -1.79 -10.85 5.73
N LYS A 31 -2.46 -11.30 4.67
CA LYS A 31 -1.85 -11.39 3.35
C LYS A 31 -2.13 -10.13 2.54
N CYS A 32 -1.09 -9.60 1.89
CA CYS A 32 -1.23 -8.40 1.08
C CYS A 32 -0.66 -8.62 -0.31
N SER A 33 -1.14 -7.83 -1.27
CA SER A 33 -0.68 -7.94 -2.65
C SER A 33 -0.94 -6.65 -3.42
N VAL A 34 0.03 -6.24 -4.24
CA VAL A 34 -0.10 -5.02 -5.02
C VAL A 34 0.23 -5.29 -6.50
N LYS A 35 -0.67 -4.87 -7.38
CA LYS A 35 -0.48 -5.06 -8.81
C LYS A 35 -1.40 -4.13 -9.60
N ASN A 36 -0.87 -3.58 -10.70
CA ASN A 36 -1.64 -2.67 -11.54
C ASN A 36 -2.14 -1.47 -10.74
N GLY A 37 -1.42 -1.14 -9.67
CA GLY A 37 -1.81 -0.02 -8.84
C GLY A 37 -3.01 -0.32 -7.97
N ILE A 38 -3.09 -1.56 -7.49
CA ILE A 38 -4.21 -1.98 -6.65
C ILE A 38 -3.73 -2.86 -5.50
N LEU A 39 -4.16 -2.52 -4.29
CA LEU A 39 -3.77 -3.28 -3.10
C LEU A 39 -4.93 -4.15 -2.61
N THR A 40 -4.85 -5.45 -2.90
CA THR A 40 -5.88 -6.37 -2.49
C THR A 40 -5.65 -6.87 -1.07
N ILE A 41 -6.69 -6.83 -0.25
CA ILE A 41 -6.60 -7.28 1.13
C ILE A 41 -7.48 -8.50 1.38
N SER A 42 -6.86 -9.61 1.75
CA SER A 42 -7.59 -10.85 2.02
C SER A 42 -8.45 -10.71 3.26
N HIS A 43 -9.54 -11.47 3.31
CA HIS A 43 -10.46 -11.43 4.44
C HIS A 43 -11.29 -12.71 4.51
N ALA A 44 -11.61 -13.14 5.72
CA ALA A 44 -12.40 -14.34 5.93
C ALA A 44 -13.66 -14.05 6.74
N THR A 45 -13.50 -13.25 7.80
CA THR A 45 -14.62 -12.89 8.65
C THR A 45 -15.54 -11.88 7.97
N SER A 46 -15.00 -10.72 7.65
CA SER A 46 -15.76 -9.67 6.99
C SER A 46 -16.57 -10.24 5.82
N ASN A 47 -15.87 -10.75 4.81
CA ASN A 47 -16.53 -11.32 3.65
C ASN A 47 -15.53 -12.14 2.82
N ARG A 48 -16.06 -13.02 1.97
CA ARG A 48 -15.23 -13.85 1.12
C ARG A 48 -14.31 -13.00 0.24
N GLN A 49 -14.91 -12.36 -0.76
CA GLN A 49 -14.14 -11.52 -1.68
C GLN A 49 -13.26 -10.53 -0.91
N PRO A 50 -12.04 -10.32 -1.41
CA PRO A 50 -11.08 -9.40 -0.79
C PRO A 50 -11.50 -7.94 -0.91
N ALA A 51 -10.56 -7.03 -0.66
CA ALA A 51 -10.84 -5.60 -0.75
C ALA A 51 -9.93 -4.93 -1.77
N LYS A 52 -10.54 -4.21 -2.71
CA LYS A 52 -9.78 -3.53 -3.76
C LYS A 52 -9.55 -2.06 -3.37
N LEU A 53 -8.29 -1.65 -3.40
CA LEU A 53 -7.94 -0.27 -3.06
C LEU A 53 -7.21 0.40 -4.22
N ASN A 54 -7.69 1.57 -4.62
CA ASN A 54 -7.08 2.31 -5.72
C ASN A 54 -5.86 3.09 -5.23
N LEU A 55 -4.68 2.57 -5.55
CA LEU A 55 -3.42 3.20 -5.15
C LEU A 55 -3.28 4.58 -5.80
N LEU A 56 -4.00 4.78 -6.90
CA LEU A 56 -3.96 6.05 -7.63
C LEU A 56 -4.63 7.15 -6.82
N THR A 57 -5.39 6.76 -5.81
CA THR A 57 -6.10 7.72 -4.97
C THR A 57 -5.60 7.65 -3.53
N CYS A 58 -5.28 6.43 -3.07
CA CYS A 58 -4.80 6.24 -1.71
C CYS A 58 -3.68 7.22 -1.39
N GLN A 59 -3.32 7.31 -0.11
CA GLN A 59 -2.27 8.20 0.33
C GLN A 59 -1.29 7.48 1.26
N VAL A 60 -0.11 7.17 0.74
CA VAL A 60 0.91 6.48 1.52
C VAL A 60 1.60 7.43 2.49
N LYS A 61 1.15 7.43 3.73
CA LYS A 61 1.72 8.29 4.75
C LYS A 61 2.60 7.50 5.72
N PRO A 62 3.91 7.45 5.43
CA PRO A 62 4.87 6.71 6.26
C PRO A 62 5.09 7.38 7.62
N ASN A 63 5.40 6.58 8.63
CA ASN A 63 5.64 7.09 9.97
C ASN A 63 6.58 8.29 9.93
N ALA A 64 6.78 8.92 11.09
CA ALA A 64 7.65 10.08 11.19
C ALA A 64 8.80 9.82 12.17
N GLU A 65 8.54 8.95 13.15
CA GLU A 65 9.54 8.63 14.16
C GLU A 65 10.00 7.17 14.01
N ASP A 66 9.04 6.28 13.82
CA ASP A 66 9.33 4.86 13.67
C ASP A 66 10.06 4.59 12.36
N LYS A 67 10.34 3.31 12.08
CA LYS A 67 11.04 2.93 10.86
C LYS A 67 10.24 1.88 10.10
N LYS A 68 9.42 1.12 10.83
CA LYS A 68 8.59 0.08 10.21
C LYS A 68 7.12 0.33 10.48
N SER A 69 6.60 1.44 9.95
CA SER A 69 5.21 1.80 10.12
C SER A 69 4.76 2.80 9.05
N PHE A 70 3.55 2.61 8.55
CA PHE A 70 3.00 3.49 7.52
C PHE A 70 1.48 3.43 7.52
N ASP A 71 0.86 4.61 7.45
CA ASP A 71 -0.60 4.70 7.43
C ASP A 71 -1.12 4.87 6.01
N LEU A 72 -2.09 4.04 5.63
CA LEU A 72 -2.67 4.11 4.30
C LEU A 72 -4.06 4.74 4.34
N ILE A 73 -4.17 5.97 3.85
CA ILE A 73 -5.43 6.68 3.82
C ILE A 73 -6.23 6.34 2.57
N SER A 74 -7.40 5.75 2.76
CA SER A 74 -8.26 5.36 1.64
C SER A 74 -9.48 6.28 1.56
N HIS A 75 -10.36 5.99 0.62
CA HIS A 75 -11.57 6.79 0.43
C HIS A 75 -12.22 7.11 1.77
N ASN A 76 -11.99 8.32 2.26
CA ASN A 76 -12.55 8.75 3.54
C ASN A 76 -12.34 7.69 4.61
N ARG A 77 -11.15 7.10 4.64
CA ARG A 77 -10.83 6.07 5.61
C ARG A 77 -9.34 6.07 5.94
N THR A 78 -8.98 5.50 7.08
CA THR A 78 -7.59 5.44 7.51
C THR A 78 -7.21 4.03 7.95
N TYR A 79 -6.28 3.43 7.21
CA TYR A 79 -5.83 2.08 7.51
C TYR A 79 -4.52 2.09 8.30
N HIS A 80 -4.27 1.02 9.03
CA HIS A 80 -3.06 0.91 9.84
C HIS A 80 -2.29 -0.35 9.50
N PHE A 81 -1.06 -0.19 9.02
CA PHE A 81 -0.22 -1.33 8.66
C PHE A 81 1.16 -1.23 9.31
N GLN A 82 1.84 -2.35 9.43
CA GLN A 82 3.16 -2.39 10.04
C GLN A 82 4.03 -3.47 9.40
N ALA A 83 5.26 -3.11 9.06
CA ALA A 83 6.19 -4.06 8.45
C ALA A 83 6.94 -4.87 9.51
N GLU A 84 7.21 -6.13 9.21
CA GLU A 84 7.92 -7.00 10.13
C GLU A 84 9.39 -6.61 10.22
N ASP A 85 9.99 -6.32 9.07
CA ASP A 85 11.39 -5.94 9.02
C ASP A 85 11.57 -4.64 8.23
N GLU A 86 12.65 -3.93 8.51
CA GLU A 86 12.94 -2.67 7.82
C GLU A 86 12.97 -2.86 6.32
N GLN A 87 13.36 -4.06 5.88
CA GLN A 87 13.42 -4.37 4.46
C GLN A 87 12.03 -4.40 3.84
N ASP A 88 11.06 -4.92 4.59
CA ASP A 88 9.69 -5.00 4.11
C ASP A 88 9.09 -3.61 3.94
N TYR A 89 9.34 -2.75 4.92
CA TYR A 89 8.82 -1.38 4.88
C TYR A 89 9.40 -0.60 3.71
N VAL A 90 10.73 -0.52 3.66
CA VAL A 90 11.41 0.19 2.59
C VAL A 90 10.87 -0.23 1.22
N ALA A 91 10.70 -1.52 1.03
CA ALA A 91 10.18 -2.06 -0.23
C ALA A 91 8.73 -1.65 -0.45
N TRP A 92 7.88 -2.01 0.51
CA TRP A 92 6.46 -1.68 0.42
C TRP A 92 6.25 -0.24 -0.05
N ILE A 93 6.80 0.70 0.72
CA ILE A 93 6.68 2.11 0.38
C ILE A 93 7.09 2.37 -1.06
N SER A 94 8.22 1.80 -1.46
CA SER A 94 8.73 1.96 -2.81
C SER A 94 7.70 1.51 -3.84
N VAL A 95 7.07 0.37 -3.56
CA VAL A 95 6.06 -0.18 -4.46
C VAL A 95 4.79 0.67 -4.45
N LEU A 96 4.05 0.61 -3.34
CA LEU A 96 2.82 1.37 -3.20
C LEU A 96 2.91 2.71 -3.94
N THR A 97 4.04 3.40 -3.76
CA THR A 97 4.25 4.68 -4.42
C THR A 97 4.56 4.51 -5.89
N ASN A 98 5.48 3.58 -6.19
CA ASN A 98 5.87 3.31 -7.56
C ASN A 98 4.66 2.96 -8.43
N SER A 99 4.02 1.84 -8.10
CA SER A 99 2.85 1.38 -8.84
C SER A 99 1.99 2.58 -9.28
N LYS A 100 1.77 3.50 -8.35
CA LYS A 100 0.96 4.69 -8.64
C LYS A 100 1.46 5.38 -9.90
N GLU A 101 2.64 5.98 -9.82
CA GLU A 101 3.23 6.68 -10.96
C GLU A 101 3.31 5.76 -12.18
N GLU A 102 3.53 4.48 -11.93
CA GLU A 102 3.63 3.50 -13.02
C GLU A 102 2.25 3.23 -13.63
N ALA A 103 1.20 3.58 -12.90
CA ALA A 103 -0.17 3.37 -13.36
C ALA A 103 -0.70 4.64 -14.03
N LEU A 104 -0.18 5.79 -13.62
CA LEU A 104 -0.62 7.06 -14.18
C LEU A 104 0.09 7.35 -15.50
N THR A 105 1.42 7.29 -15.49
CA THR A 105 2.21 7.54 -16.69
C THR A 105 1.73 6.67 -17.86
N MET A 106 1.00 5.60 -17.53
CA MET A 106 0.48 4.70 -18.56
C MET A 106 -1.00 4.93 -18.78
N ALA A 107 -1.67 5.52 -17.78
CA ALA A 107 -3.09 5.80 -17.88
C ALA A 107 -3.35 7.11 -18.62
N PHE A 108 -2.77 8.19 -18.13
CA PHE A 108 -2.94 9.50 -18.76
C PHE A 108 -1.78 9.80 -19.71
N SER A 109 -2.08 9.83 -21.00
CA SER A 109 -1.07 10.11 -22.01
C SER A 109 -1.32 11.45 -22.70
N GLY A 110 -2.60 11.70 -23.02
CA GLY A 110 -2.95 12.94 -23.68
C GLY A 110 -4.45 13.05 -23.94
N PRO A 111 -4.82 13.80 -24.99
CA PRO A 111 -6.23 13.99 -25.36
C PRO A 111 -6.85 12.72 -25.93
N SER A 112 -6.04 11.88 -26.55
CA SER A 112 -6.52 10.64 -27.13
C SER A 112 -6.92 9.64 -26.05
N SER A 113 -8.05 8.99 -26.24
CA SER A 113 -8.54 8.01 -25.27
C SER A 113 -9.28 6.88 -25.98
N GLY A 114 -9.56 5.81 -25.22
CA GLY A 114 -10.25 4.67 -25.80
C GLY A 114 -10.63 3.64 -24.74
N GLY A 1 13.05 10.84 6.18
CA GLY A 1 12.36 10.13 5.13
C GLY A 1 13.14 10.14 3.82
N SER A 2 13.01 9.06 3.05
CA SER A 2 13.71 8.95 1.78
C SER A 2 13.39 10.14 0.87
N SER A 3 14.18 10.29 -0.20
CA SER A 3 13.98 11.37 -1.14
C SER A 3 13.89 10.85 -2.57
N GLY A 4 14.85 9.99 -2.94
CA GLY A 4 14.86 9.43 -4.28
C GLY A 4 14.55 7.95 -4.29
N SER A 5 14.34 7.39 -5.48
CA SER A 5 14.02 5.98 -5.63
C SER A 5 14.94 5.32 -6.64
N SER A 6 15.34 4.09 -6.36
CA SER A 6 16.23 3.34 -7.24
C SER A 6 15.42 2.50 -8.23
N GLY A 7 14.42 1.79 -7.72
CA GLY A 7 13.59 0.96 -8.56
C GLY A 7 13.36 -0.41 -7.98
N TYR A 8 12.56 -0.47 -6.92
CA TYR A 8 12.26 -1.74 -6.25
C TYR A 8 11.28 -2.57 -7.08
N GLY A 9 10.18 -1.95 -7.49
CA GLY A 9 9.19 -2.64 -8.29
C GLY A 9 7.79 -2.09 -8.06
N SER A 10 6.93 -2.25 -9.06
CA SER A 10 5.56 -1.77 -8.97
C SER A 10 4.63 -2.86 -8.43
N GLU A 11 4.93 -4.11 -8.78
CA GLU A 11 4.12 -5.24 -8.33
C GLU A 11 4.85 -6.04 -7.26
N LYS A 12 4.11 -6.51 -6.26
CA LYS A 12 4.68 -7.28 -5.17
C LYS A 12 3.58 -7.93 -4.34
N LYS A 13 3.64 -9.25 -4.19
CA LYS A 13 2.66 -9.99 -3.41
C LYS A 13 3.31 -10.61 -2.17
N GLY A 14 2.91 -10.12 -1.01
CA GLY A 14 3.47 -10.63 0.24
C GLY A 14 2.47 -10.57 1.38
N TYR A 15 2.97 -10.21 2.57
CA TYR A 15 2.12 -10.12 3.75
C TYR A 15 2.43 -8.84 4.54
N LEU A 16 1.44 -8.34 5.25
CA LEU A 16 1.60 -7.13 6.06
C LEU A 16 0.73 -7.18 7.30
N LEU A 17 1.09 -6.38 8.30
CA LEU A 17 0.34 -6.33 9.54
C LEU A 17 -0.76 -5.27 9.48
N LYS A 18 -1.86 -5.51 10.19
CA LYS A 18 -2.98 -4.58 10.22
C LYS A 18 -3.46 -4.34 11.65
N LYS A 19 -3.73 -3.08 11.96
CA LYS A 19 -4.20 -2.72 13.30
C LYS A 19 -5.72 -2.80 13.37
N SER A 20 -6.23 -3.64 14.28
CA SER A 20 -7.66 -3.80 14.46
C SER A 20 -8.32 -2.48 14.85
N ASP A 21 -9.50 -2.23 14.30
CA ASP A 21 -10.23 -1.01 14.60
C ASP A 21 -11.22 -1.23 15.73
N GLY A 22 -11.29 -0.27 16.65
CA GLY A 22 -12.20 -0.38 17.78
C GLY A 22 -11.53 -0.04 19.09
N ILE A 23 -11.74 -0.90 20.10
CA ILE A 23 -11.16 -0.68 21.41
C ILE A 23 -9.83 -1.43 21.55
N ARG A 24 -9.83 -2.70 21.15
CA ARG A 24 -8.62 -3.51 21.23
C ARG A 24 -7.74 -3.29 20.01
N LYS A 25 -6.97 -2.21 20.03
CA LYS A 25 -6.08 -1.88 18.92
C LYS A 25 -4.79 -2.69 19.00
N VAL A 26 -4.63 -3.65 18.10
CA VAL A 26 -3.44 -4.49 18.08
C VAL A 26 -3.09 -4.90 16.65
N TRP A 27 -1.80 -5.13 16.40
CA TRP A 27 -1.34 -5.53 15.08
C TRP A 27 -1.44 -7.04 14.90
N GLN A 28 -2.06 -7.46 13.80
CA GLN A 28 -2.22 -8.89 13.52
C GLN A 28 -1.73 -9.21 12.12
N ARG A 29 -1.08 -10.37 11.98
CA ARG A 29 -0.56 -10.80 10.69
C ARG A 29 -1.68 -10.87 9.65
N ARG A 30 -1.44 -10.26 8.50
CA ARG A 30 -2.43 -10.26 7.42
C ARG A 30 -1.76 -10.42 6.06
N LYS A 31 -2.53 -10.88 5.08
CA LYS A 31 -2.01 -11.09 3.74
C LYS A 31 -2.33 -9.90 2.84
N CYS A 32 -1.30 -9.39 2.18
CA CYS A 32 -1.47 -8.24 1.28
C CYS A 32 -0.89 -8.54 -0.09
N SER A 33 -1.26 -7.73 -1.09
CA SER A 33 -0.78 -7.91 -2.44
C SER A 33 -0.88 -6.61 -3.24
N VAL A 34 0.04 -6.42 -4.17
CA VAL A 34 0.04 -5.21 -5.00
C VAL A 34 0.37 -5.55 -6.45
N LYS A 35 -0.48 -5.08 -7.36
CA LYS A 35 -0.29 -5.33 -8.78
C LYS A 35 -1.22 -4.45 -9.62
N ASN A 36 -0.68 -3.91 -10.71
CA ASN A 36 -1.45 -3.05 -11.59
C ASN A 36 -1.94 -1.80 -10.84
N GLY A 37 -1.20 -1.41 -9.81
CA GLY A 37 -1.57 -0.24 -9.03
C GLY A 37 -2.79 -0.47 -8.17
N ILE A 38 -2.88 -1.66 -7.58
CA ILE A 38 -4.01 -2.01 -6.72
C ILE A 38 -3.56 -2.88 -5.55
N LEU A 39 -4.10 -2.59 -4.38
CA LEU A 39 -3.77 -3.35 -3.17
C LEU A 39 -4.90 -4.29 -2.79
N THR A 40 -4.64 -5.58 -2.89
CA THR A 40 -5.64 -6.59 -2.55
C THR A 40 -5.38 -7.18 -1.16
N ILE A 41 -6.46 -7.52 -0.46
CA ILE A 41 -6.34 -8.08 0.88
C ILE A 41 -7.22 -9.33 1.03
N SER A 42 -6.58 -10.47 1.22
CA SER A 42 -7.31 -11.73 1.37
C SER A 42 -8.41 -11.59 2.41
N HIS A 43 -9.33 -12.56 2.43
CA HIS A 43 -10.44 -12.55 3.38
C HIS A 43 -10.30 -13.70 4.39
N ALA A 44 -10.98 -13.56 5.51
CA ALA A 44 -10.94 -14.58 6.56
C ALA A 44 -12.07 -15.60 6.38
N THR A 45 -13.26 -15.11 6.06
CA THR A 45 -14.41 -15.98 5.86
C THR A 45 -14.65 -16.24 4.38
N SER A 46 -15.43 -17.28 4.09
CA SER A 46 -15.74 -17.64 2.72
C SER A 46 -16.58 -16.56 2.05
N ASN A 47 -15.92 -15.48 1.63
CA ASN A 47 -16.61 -14.38 0.97
C ASN A 47 -16.50 -14.48 -0.54
N ARG A 48 -17.18 -13.59 -1.25
CA ARG A 48 -17.15 -13.59 -2.71
C ARG A 48 -15.79 -13.15 -3.23
N GLN A 49 -15.34 -11.99 -2.77
CA GLN A 49 -14.04 -11.46 -3.19
C GLN A 49 -13.40 -10.64 -2.07
N PRO A 50 -12.06 -10.53 -2.11
CA PRO A 50 -11.30 -9.78 -1.11
C PRO A 50 -11.53 -8.28 -1.22
N ALA A 51 -10.68 -7.50 -0.53
CA ALA A 51 -10.79 -6.05 -0.56
C ALA A 51 -9.81 -5.44 -1.55
N LYS A 52 -10.28 -4.48 -2.32
CA LYS A 52 -9.43 -3.81 -3.32
C LYS A 52 -9.29 -2.32 -2.99
N LEU A 53 -8.06 -1.81 -3.14
CA LEU A 53 -7.79 -0.41 -2.85
C LEU A 53 -7.07 0.25 -4.04
N ASN A 54 -7.64 1.35 -4.52
CA ASN A 54 -7.07 2.07 -5.65
C ASN A 54 -5.91 2.96 -5.19
N LEU A 55 -4.69 2.51 -5.48
CA LEU A 55 -3.49 3.26 -5.09
C LEU A 55 -3.42 4.58 -5.84
N LEU A 56 -4.25 4.72 -6.87
CA LEU A 56 -4.27 5.94 -7.67
C LEU A 56 -4.88 7.10 -6.88
N THR A 57 -5.81 6.77 -5.99
CA THR A 57 -6.47 7.78 -5.17
C THR A 57 -6.00 7.70 -3.73
N CYS A 58 -5.67 6.50 -3.27
CA CYS A 58 -5.21 6.29 -1.90
C CYS A 58 -3.93 7.06 -1.64
N GLN A 59 -3.41 6.95 -0.42
CA GLN A 59 -2.20 7.65 -0.04
C GLN A 59 -1.33 6.76 0.86
N VAL A 60 -0.02 6.99 0.80
CA VAL A 60 0.93 6.21 1.61
C VAL A 60 1.72 7.11 2.55
N LYS A 61 1.22 7.26 3.77
CA LYS A 61 1.89 8.09 4.77
C LYS A 61 2.65 7.23 5.77
N PRO A 62 3.97 7.08 5.54
CA PRO A 62 4.84 6.29 6.40
C PRO A 62 5.06 6.95 7.76
N ASN A 63 4.92 6.17 8.82
CA ASN A 63 5.10 6.67 10.18
C ASN A 63 6.57 6.90 10.49
N ALA A 64 6.86 7.93 11.27
CA ALA A 64 8.23 8.26 11.64
C ALA A 64 8.65 7.50 12.90
N GLU A 65 7.80 7.53 13.91
CA GLU A 65 8.08 6.85 15.18
C GLU A 65 8.77 5.51 14.92
N ASP A 66 8.26 4.76 13.96
CA ASP A 66 8.82 3.45 13.62
C ASP A 66 9.29 3.43 12.18
N LYS A 67 10.15 2.47 11.85
CA LYS A 67 10.67 2.32 10.50
C LYS A 67 9.79 1.41 9.67
N LYS A 68 9.13 0.46 10.33
CA LYS A 68 8.24 -0.47 9.64
C LYS A 68 6.78 -0.15 9.92
N SER A 69 6.39 1.10 9.64
CA SER A 69 5.02 1.54 9.86
C SER A 69 4.58 2.48 8.75
N PHE A 70 3.30 2.39 8.37
CA PHE A 70 2.75 3.23 7.32
C PHE A 70 1.22 3.18 7.34
N ASP A 71 0.60 4.35 7.23
CA ASP A 71 -0.86 4.44 7.22
C ASP A 71 -1.38 4.71 5.82
N LEU A 72 -2.33 3.88 5.37
CA LEU A 72 -2.91 4.03 4.05
C LEU A 72 -4.23 4.80 4.12
N ILE A 73 -4.19 6.06 3.70
CA ILE A 73 -5.38 6.90 3.72
C ILE A 73 -6.24 6.64 2.49
N SER A 74 -7.40 6.01 2.71
CA SER A 74 -8.32 5.71 1.62
C SER A 74 -9.40 6.77 1.50
N HIS A 75 -10.25 6.64 0.49
CA HIS A 75 -11.33 7.59 0.27
C HIS A 75 -12.21 7.71 1.52
N ASN A 76 -12.25 8.90 2.09
CA ASN A 76 -13.05 9.14 3.29
C ASN A 76 -12.87 8.02 4.30
N ARG A 77 -11.70 7.39 4.27
CA ARG A 77 -11.40 6.29 5.19
C ARG A 77 -9.89 6.16 5.38
N THR A 78 -9.49 5.77 6.59
CA THR A 78 -8.08 5.60 6.92
C THR A 78 -7.78 4.17 7.33
N TYR A 79 -6.61 3.68 6.93
CA TYR A 79 -6.19 2.32 7.27
C TYR A 79 -4.84 2.32 7.96
N HIS A 80 -4.55 1.23 8.68
CA HIS A 80 -3.30 1.09 9.39
C HIS A 80 -2.52 -0.12 8.91
N PHE A 81 -1.19 0.01 8.86
CA PHE A 81 -0.33 -1.08 8.41
C PHE A 81 1.02 -1.03 9.10
N GLN A 82 1.66 -2.18 9.22
CA GLN A 82 2.97 -2.27 9.86
C GLN A 82 3.81 -3.38 9.25
N ALA A 83 5.06 -3.06 8.92
CA ALA A 83 5.97 -4.04 8.33
C ALA A 83 6.64 -4.88 9.40
N GLU A 84 7.04 -6.10 9.02
CA GLU A 84 7.70 -7.00 9.96
C GLU A 84 9.21 -6.79 9.96
N ASP A 85 9.79 -6.74 8.77
CA ASP A 85 11.23 -6.53 8.62
C ASP A 85 11.53 -5.23 7.89
N GLU A 86 12.67 -4.63 8.20
CA GLU A 86 13.06 -3.38 7.56
C GLU A 86 13.06 -3.51 6.05
N GLN A 87 13.59 -4.62 5.55
CA GLN A 87 13.64 -4.86 4.11
C GLN A 87 12.24 -4.84 3.50
N ASP A 88 11.32 -5.53 4.14
CA ASP A 88 9.94 -5.59 3.66
C ASP A 88 9.33 -4.19 3.59
N TYR A 89 9.54 -3.41 4.64
CA TYR A 89 9.02 -2.05 4.71
C TYR A 89 9.52 -1.21 3.54
N VAL A 90 10.82 -0.95 3.53
CA VAL A 90 11.45 -0.16 2.48
C VAL A 90 10.86 -0.52 1.11
N ALA A 91 10.71 -1.82 0.87
CA ALA A 91 10.16 -2.29 -0.40
C ALA A 91 8.71 -1.87 -0.56
N TRP A 92 7.85 -2.35 0.34
CA TRP A 92 6.43 -2.02 0.29
C TRP A 92 6.23 -0.55 -0.09
N ILE A 93 6.74 0.35 0.75
CA ILE A 93 6.62 1.77 0.50
C ILE A 93 7.03 2.13 -0.93
N SER A 94 8.15 1.56 -1.36
CA SER A 94 8.66 1.82 -2.70
C SER A 94 7.63 1.43 -3.76
N VAL A 95 6.99 0.28 -3.56
CA VAL A 95 5.98 -0.21 -4.49
C VAL A 95 4.71 0.63 -4.40
N LEU A 96 3.99 0.49 -3.30
CA LEU A 96 2.76 1.23 -3.09
C LEU A 96 2.83 2.61 -3.74
N THR A 97 3.98 3.25 -3.62
CA THR A 97 4.19 4.58 -4.20
C THR A 97 4.51 4.48 -5.68
N ASN A 98 5.48 3.63 -6.02
CA ASN A 98 5.89 3.45 -7.41
C ASN A 98 4.69 3.11 -8.29
N SER A 99 4.13 1.92 -8.09
CA SER A 99 2.98 1.48 -8.86
C SER A 99 2.02 2.63 -9.12
N LYS A 100 1.80 3.45 -8.10
CA LYS A 100 0.90 4.60 -8.21
C LYS A 100 1.25 5.44 -9.44
N GLU A 101 2.40 6.10 -9.39
CA GLU A 101 2.85 6.94 -10.49
C GLU A 101 2.99 6.13 -11.77
N GLU A 102 3.41 4.87 -11.63
CA GLU A 102 3.59 3.99 -12.77
C GLU A 102 2.25 3.76 -13.49
N ALA A 103 1.16 3.95 -12.77
CA ALA A 103 -0.17 3.77 -13.34
C ALA A 103 -0.70 5.06 -13.93
N LEU A 104 -0.22 6.19 -13.41
CA LEU A 104 -0.65 7.49 -13.89
C LEU A 104 0.17 7.93 -15.09
N THR A 105 1.49 7.95 -14.93
CA THR A 105 2.39 8.35 -16.00
C THR A 105 1.94 7.76 -17.34
N MET A 106 1.51 6.51 -17.31
CA MET A 106 1.06 5.82 -18.51
C MET A 106 -0.35 6.26 -18.89
N ALA A 107 -1.14 6.66 -17.88
CA ALA A 107 -2.50 7.10 -18.11
C ALA A 107 -2.54 8.54 -18.64
N PHE A 108 -3.72 9.00 -18.99
CA PHE A 108 -3.89 10.35 -19.50
C PHE A 108 -3.10 10.55 -20.79
N SER A 109 -3.16 9.55 -21.67
CA SER A 109 -2.44 9.60 -22.94
C SER A 109 -3.35 10.11 -24.05
N GLY A 110 -4.66 9.99 -23.84
CA GLY A 110 -5.61 10.44 -24.84
C GLY A 110 -7.05 10.19 -24.42
N PRO A 111 -7.97 11.03 -24.93
CA PRO A 111 -9.40 10.91 -24.62
C PRO A 111 -10.03 9.68 -25.24
N SER A 112 -9.23 8.89 -25.95
CA SER A 112 -9.71 7.68 -26.59
C SER A 112 -10.04 6.61 -25.57
N SER A 113 -11.26 6.09 -25.64
CA SER A 113 -11.72 5.06 -24.71
C SER A 113 -11.02 3.74 -24.99
N GLY A 114 -10.21 3.29 -24.03
CA GLY A 114 -9.50 2.03 -24.18
C GLY A 114 -8.64 2.01 -25.43
N GLY A 1 22.66 9.64 3.09
CA GLY A 1 21.87 9.41 1.90
C GLY A 1 22.66 9.63 0.62
N SER A 2 22.31 8.91 -0.43
CA SER A 2 23.00 9.02 -1.71
C SER A 2 22.06 8.68 -2.86
N SER A 3 22.30 9.30 -4.01
CA SER A 3 21.48 9.06 -5.19
C SER A 3 21.58 7.61 -5.64
N GLY A 4 20.44 7.02 -6.00
CA GLY A 4 20.42 5.64 -6.45
C GLY A 4 19.02 5.15 -6.73
N SER A 5 18.74 4.87 -8.00
CA SER A 5 17.42 4.39 -8.40
C SER A 5 17.00 3.18 -7.56
N SER A 6 15.86 3.31 -6.88
CA SER A 6 15.35 2.23 -6.04
C SER A 6 15.34 0.90 -6.80
N GLY A 7 14.58 0.86 -7.89
CA GLY A 7 14.49 -0.35 -8.68
C GLY A 7 13.89 -1.51 -7.91
N TYR A 8 12.63 -1.38 -7.52
CA TYR A 8 11.95 -2.41 -6.77
C TYR A 8 10.84 -3.06 -7.61
N GLY A 9 10.04 -2.23 -8.26
CA GLY A 9 8.96 -2.73 -9.09
C GLY A 9 7.60 -2.27 -8.60
N SER A 10 6.65 -2.16 -9.54
CA SER A 10 5.30 -1.72 -9.21
C SER A 10 4.42 -2.90 -8.83
N GLU A 11 5.05 -4.01 -8.43
CA GLU A 11 4.33 -5.21 -8.05
C GLU A 11 5.06 -5.97 -6.95
N LYS A 12 4.32 -6.37 -5.91
CA LYS A 12 4.90 -7.10 -4.80
C LYS A 12 3.83 -7.85 -4.02
N LYS A 13 4.03 -9.16 -3.84
CA LYS A 13 3.08 -9.98 -3.11
C LYS A 13 3.73 -10.59 -1.87
N GLY A 14 3.13 -10.32 -0.71
CA GLY A 14 3.65 -10.86 0.54
C GLY A 14 2.66 -10.75 1.67
N TYR A 15 3.14 -10.32 2.84
CA TYR A 15 2.28 -10.17 4.01
C TYR A 15 2.53 -8.85 4.72
N LEU A 16 1.48 -8.30 5.32
CA LEU A 16 1.59 -7.03 6.04
C LEU A 16 0.69 -7.03 7.27
N LEU A 17 1.04 -6.18 8.23
CA LEU A 17 0.25 -6.08 9.46
C LEU A 17 -0.83 -5.02 9.33
N LYS A 18 -2.04 -5.37 9.71
CA LYS A 18 -3.18 -4.45 9.64
C LYS A 18 -3.80 -4.23 11.01
N LYS A 19 -4.12 -2.97 11.31
CA LYS A 19 -4.72 -2.62 12.59
C LYS A 19 -6.24 -2.60 12.50
N SER A 20 -6.89 -3.48 13.24
CA SER A 20 -8.35 -3.54 13.24
C SER A 20 -8.97 -2.25 13.78
N ASP A 21 -9.97 -1.75 13.08
CA ASP A 21 -10.65 -0.52 13.48
C ASP A 21 -12.07 -0.80 13.95
N GLY A 22 -12.34 -0.50 15.22
CA GLY A 22 -13.66 -0.72 15.77
C GLY A 22 -13.70 -0.55 17.27
N ILE A 23 -13.54 -1.65 18.01
CA ILE A 23 -13.55 -1.61 19.46
C ILE A 23 -12.14 -1.58 20.02
N ARG A 24 -11.35 -2.59 19.70
CA ARG A 24 -9.98 -2.69 20.17
C ARG A 24 -8.99 -2.53 19.02
N LYS A 25 -8.00 -1.66 19.20
CA LYS A 25 -7.00 -1.42 18.17
C LYS A 25 -5.77 -2.28 18.42
N VAL A 26 -5.60 -3.32 17.60
CA VAL A 26 -4.47 -4.22 17.73
C VAL A 26 -3.96 -4.66 16.35
N TRP A 27 -2.65 -4.80 16.23
CA TRP A 27 -2.04 -5.22 14.97
C TRP A 27 -2.18 -6.72 14.78
N GLN A 28 -2.55 -7.13 13.56
CA GLN A 28 -2.72 -8.54 13.24
C GLN A 28 -2.12 -8.86 11.88
N ARG A 29 -1.47 -10.02 11.78
CA ARG A 29 -0.85 -10.45 10.53
C ARG A 29 -1.92 -10.77 9.48
N ARG A 30 -1.73 -10.21 8.29
CA ARG A 30 -2.68 -10.44 7.20
C ARG A 30 -1.97 -10.39 5.85
N LYS A 31 -2.26 -11.36 5.00
CA LYS A 31 -1.65 -11.43 3.68
C LYS A 31 -2.02 -10.21 2.85
N CYS A 32 -1.05 -9.72 2.07
CA CYS A 32 -1.28 -8.55 1.22
C CYS A 32 -0.62 -8.73 -0.14
N SER A 33 -1.07 -7.94 -1.11
CA SER A 33 -0.52 -8.02 -2.46
C SER A 33 -0.77 -6.72 -3.22
N VAL A 34 0.03 -6.49 -4.25
CA VAL A 34 -0.09 -5.28 -5.07
C VAL A 34 0.28 -5.55 -6.52
N LYS A 35 -0.64 -5.25 -7.43
CA LYS A 35 -0.41 -5.46 -8.85
C LYS A 35 -1.34 -4.58 -9.68
N ASN A 36 -0.79 -3.99 -10.74
CA ASN A 36 -1.57 -3.13 -11.63
C ASN A 36 -2.10 -1.92 -10.87
N GLY A 37 -1.42 -1.55 -9.79
CA GLY A 37 -1.83 -0.41 -9.00
C GLY A 37 -3.01 -0.73 -8.09
N ILE A 38 -3.20 -2.01 -7.80
CA ILE A 38 -4.29 -2.45 -6.95
C ILE A 38 -3.77 -3.28 -5.77
N LEU A 39 -4.25 -2.94 -4.57
CA LEU A 39 -3.83 -3.64 -3.36
C LEU A 39 -4.94 -4.56 -2.87
N THR A 40 -4.70 -5.86 -2.93
CA THR A 40 -5.67 -6.85 -2.48
C THR A 40 -5.36 -7.33 -1.07
N ILE A 41 -6.42 -7.53 -0.28
CA ILE A 41 -6.26 -7.99 1.09
C ILE A 41 -7.02 -9.29 1.34
N SER A 42 -6.30 -10.39 1.33
CA SER A 42 -6.91 -11.70 1.54
C SER A 42 -7.76 -11.71 2.80
N HIS A 43 -8.80 -12.55 2.81
CA HIS A 43 -9.69 -12.64 3.96
C HIS A 43 -9.86 -11.28 4.63
N ALA A 44 -10.18 -10.27 3.84
CA ALA A 44 -10.36 -8.91 4.35
C ALA A 44 -11.48 -8.88 5.39
N THR A 45 -12.58 -9.57 5.10
CA THR A 45 -13.72 -9.62 6.00
C THR A 45 -14.24 -11.05 6.16
N SER A 46 -14.25 -11.79 5.07
CA SER A 46 -14.72 -13.18 5.09
C SER A 46 -14.31 -13.90 3.82
N ASN A 47 -14.64 -15.19 3.76
CA ASN A 47 -14.30 -16.01 2.60
C ASN A 47 -14.50 -15.23 1.30
N ARG A 48 -15.56 -14.41 1.27
CA ARG A 48 -15.87 -13.61 0.09
C ARG A 48 -14.62 -12.89 -0.42
N GLN A 49 -14.60 -12.57 -1.71
CA GLN A 49 -13.47 -11.89 -2.32
C GLN A 49 -12.88 -10.85 -1.37
N PRO A 50 -11.56 -10.65 -1.45
CA PRO A 50 -10.85 -9.69 -0.60
C PRO A 50 -11.20 -8.24 -0.94
N ALA A 51 -10.69 -7.31 -0.15
CA ALA A 51 -10.94 -5.89 -0.38
C ALA A 51 -9.83 -5.25 -1.21
N LYS A 52 -10.19 -4.82 -2.41
CA LYS A 52 -9.22 -4.19 -3.31
C LYS A 52 -9.18 -2.68 -3.09
N LEU A 53 -8.02 -2.18 -2.69
CA LEU A 53 -7.85 -0.75 -2.45
C LEU A 53 -7.06 -0.10 -3.58
N ASN A 54 -7.73 0.75 -4.35
CA ASN A 54 -7.08 1.44 -5.47
C ASN A 54 -5.99 2.38 -4.96
N LEU A 55 -4.78 2.18 -5.46
CA LEU A 55 -3.65 3.01 -5.06
C LEU A 55 -3.74 4.40 -5.70
N LEU A 56 -4.27 4.45 -6.90
CA LEU A 56 -4.42 5.72 -7.62
C LEU A 56 -5.26 6.70 -6.81
N THR A 57 -6.08 6.17 -5.90
CA THR A 57 -6.94 6.99 -5.06
C THR A 57 -6.47 6.97 -3.62
N CYS A 58 -5.89 5.86 -3.20
CA CYS A 58 -5.40 5.70 -1.84
C CYS A 58 -4.13 6.52 -1.62
N GLN A 59 -3.78 6.74 -0.36
CA GLN A 59 -2.58 7.50 -0.02
C GLN A 59 -1.63 6.67 0.83
N VAL A 60 -0.33 6.89 0.66
CA VAL A 60 0.68 6.17 1.41
C VAL A 60 1.57 7.13 2.19
N LYS A 61 1.25 7.31 3.47
CA LYS A 61 2.03 8.20 4.33
C LYS A 61 2.83 7.40 5.35
N PRO A 62 4.11 7.15 5.04
CA PRO A 62 5.00 6.39 5.93
C PRO A 62 5.37 7.18 7.18
N ASN A 63 5.33 6.49 8.33
CA ASN A 63 5.64 7.13 9.61
C ASN A 63 7.16 7.12 9.85
N ALA A 64 7.81 8.21 9.45
CA ALA A 64 9.25 8.33 9.62
C ALA A 64 9.64 8.20 11.09
N GLU A 65 8.97 8.96 11.95
CA GLU A 65 9.25 8.92 13.38
C GLU A 65 9.64 7.52 13.83
N ASP A 66 8.87 6.53 13.38
CA ASP A 66 9.13 5.13 13.73
C ASP A 66 9.65 4.36 12.53
N LYS A 67 10.03 3.11 12.76
CA LYS A 67 10.55 2.26 11.69
C LYS A 67 9.53 1.20 11.29
N LYS A 68 9.57 0.80 10.02
CA LYS A 68 8.65 -0.21 9.52
C LYS A 68 7.21 0.14 9.87
N SER A 69 6.80 1.35 9.54
CA SER A 69 5.45 1.82 9.81
C SER A 69 4.94 2.73 8.70
N PHE A 70 3.67 2.56 8.33
CA PHE A 70 3.07 3.37 7.28
C PHE A 70 1.55 3.32 7.37
N ASP A 71 0.91 4.47 7.14
CA ASP A 71 -0.54 4.56 7.20
C ASP A 71 -1.13 4.75 5.81
N LEU A 72 -2.15 3.96 5.49
CA LEU A 72 -2.79 4.04 4.19
C LEU A 72 -4.15 4.74 4.28
N ILE A 73 -4.17 6.01 3.91
CA ILE A 73 -5.41 6.80 3.95
C ILE A 73 -6.28 6.52 2.73
N SER A 74 -7.34 5.75 2.94
CA SER A 74 -8.27 5.41 1.86
C SER A 74 -9.28 6.53 1.63
N HIS A 75 -9.57 6.80 0.36
CA HIS A 75 -10.52 7.85 0.00
C HIS A 75 -11.73 7.81 0.92
N ASN A 76 -12.02 6.63 1.49
CA ASN A 76 -13.15 6.48 2.39
C ASN A 76 -12.75 6.79 3.83
N ARG A 77 -11.79 6.02 4.35
CA ARG A 77 -11.31 6.22 5.71
C ARG A 77 -9.79 6.06 5.79
N THR A 78 -9.26 6.14 7.00
CA THR A 78 -7.82 6.00 7.21
C THR A 78 -7.48 4.60 7.71
N TYR A 79 -6.54 3.96 7.03
CA TYR A 79 -6.11 2.61 7.39
C TYR A 79 -4.67 2.61 7.89
N HIS A 80 -4.37 1.69 8.80
CA HIS A 80 -3.03 1.58 9.37
C HIS A 80 -2.37 0.28 8.95
N PHE A 81 -1.06 0.33 8.69
CA PHE A 81 -0.32 -0.86 8.28
C PHE A 81 1.07 -0.88 8.91
N GLN A 82 1.74 -2.02 8.82
CA GLN A 82 3.08 -2.16 9.39
C GLN A 82 3.84 -3.30 8.72
N ALA A 83 5.14 -3.12 8.55
CA ALA A 83 5.99 -4.14 7.93
C ALA A 83 6.61 -5.05 8.98
N GLU A 84 6.95 -6.27 8.56
CA GLU A 84 7.56 -7.24 9.46
C GLU A 84 9.08 -7.04 9.52
N ASP A 85 9.71 -7.02 8.36
CA ASP A 85 11.16 -6.85 8.28
C ASP A 85 11.50 -5.53 7.57
N GLU A 86 12.72 -5.05 7.81
CA GLU A 86 13.17 -3.80 7.19
C GLU A 86 13.00 -3.85 5.68
N GLN A 87 13.38 -4.98 5.09
CA GLN A 87 13.28 -5.16 3.64
C GLN A 87 11.83 -5.05 3.19
N ASP A 88 10.91 -5.52 4.03
CA ASP A 88 9.49 -5.48 3.71
C ASP A 88 8.99 -4.05 3.63
N TYR A 89 9.39 -3.22 4.59
CA TYR A 89 8.98 -1.83 4.63
C TYR A 89 9.59 -1.05 3.46
N VAL A 90 10.91 -1.00 3.41
CA VAL A 90 11.61 -0.30 2.35
C VAL A 90 11.00 -0.61 0.99
N ALA A 91 10.79 -1.91 0.73
CA ALA A 91 10.20 -2.34 -0.53
C ALA A 91 8.75 -1.92 -0.64
N TRP A 92 7.92 -2.45 0.23
CA TRP A 92 6.49 -2.12 0.24
C TRP A 92 6.26 -0.67 -0.15
N ILE A 93 6.82 0.24 0.66
CA ILE A 93 6.67 1.67 0.40
C ILE A 93 7.05 2.02 -1.04
N SER A 94 8.18 1.48 -1.49
CA SER A 94 8.65 1.73 -2.85
C SER A 94 7.62 1.27 -3.87
N VAL A 95 6.97 0.14 -3.60
CA VAL A 95 5.96 -0.41 -4.49
C VAL A 95 4.67 0.41 -4.43
N LEU A 96 3.97 0.31 -3.31
CA LEU A 96 2.72 1.03 -3.12
C LEU A 96 2.77 2.38 -3.83
N THR A 97 3.81 3.15 -3.56
CA THR A 97 3.98 4.46 -4.19
C THR A 97 4.23 4.34 -5.69
N ASN A 98 5.23 3.55 -6.05
CA ASN A 98 5.57 3.35 -7.45
C ASN A 98 4.32 3.01 -8.27
N SER A 99 3.77 1.82 -8.04
CA SER A 99 2.58 1.39 -8.76
C SER A 99 1.63 2.55 -9.00
N LYS A 100 1.55 3.45 -8.03
CA LYS A 100 0.68 4.62 -8.14
C LYS A 100 1.18 5.57 -9.22
N GLU A 101 2.42 6.03 -9.09
CA GLU A 101 3.01 6.94 -10.05
C GLU A 101 3.12 6.29 -11.42
N GLU A 102 3.81 5.15 -11.48
CA GLU A 102 3.99 4.43 -12.73
C GLU A 102 2.65 4.21 -13.43
N ALA A 103 1.57 4.35 -12.68
CA ALA A 103 0.22 4.18 -13.22
C ALA A 103 -0.37 5.51 -13.66
N LEU A 104 0.05 6.58 -12.99
CA LEU A 104 -0.45 7.92 -13.30
C LEU A 104 0.29 8.50 -14.51
N THR A 105 1.62 8.43 -14.47
CA THR A 105 2.44 8.96 -15.56
C THR A 105 2.02 8.38 -16.89
N MET A 106 1.26 7.28 -16.85
CA MET A 106 0.77 6.64 -18.06
C MET A 106 -0.69 6.96 -18.32
N ALA A 107 -1.39 7.35 -17.26
CA ALA A 107 -2.81 7.70 -17.37
C ALA A 107 -2.99 9.06 -18.02
N PHE A 108 -4.11 9.23 -18.72
CA PHE A 108 -4.40 10.49 -19.39
C PHE A 108 -4.57 11.63 -18.39
N SER A 109 -3.77 12.67 -18.55
CA SER A 109 -3.83 13.83 -17.65
C SER A 109 -5.10 14.63 -17.88
N GLY A 110 -5.43 14.85 -19.15
CA GLY A 110 -6.63 15.61 -19.49
C GLY A 110 -7.48 14.92 -20.53
N PRO A 111 -8.30 13.95 -20.09
CA PRO A 111 -9.18 13.19 -20.99
C PRO A 111 -10.31 14.05 -21.54
N SER A 112 -10.82 13.67 -22.72
CA SER A 112 -11.90 14.42 -23.35
C SER A 112 -12.91 14.89 -22.31
N SER A 113 -13.41 16.11 -22.51
CA SER A 113 -14.39 16.68 -21.58
C SER A 113 -15.73 15.99 -21.72
N GLY A 114 -16.02 15.09 -20.78
CA GLY A 114 -17.28 14.37 -20.80
C GLY A 114 -17.73 13.93 -19.43
N GLY A 1 10.12 6.40 0.66
CA GLY A 1 11.10 7.24 -0.01
C GLY A 1 11.78 6.54 -1.17
N SER A 2 11.42 6.94 -2.39
CA SER A 2 11.99 6.34 -3.59
C SER A 2 13.47 6.71 -3.73
N SER A 3 14.34 5.72 -3.57
CA SER A 3 15.78 5.95 -3.68
C SER A 3 16.17 6.29 -5.11
N GLY A 4 17.44 6.62 -5.30
CA GLY A 4 17.92 6.97 -6.63
C GLY A 4 18.21 5.75 -7.48
N SER A 5 17.83 5.81 -8.75
CA SER A 5 18.05 4.70 -9.68
C SER A 5 17.60 3.38 -9.05
N SER A 6 16.54 3.44 -8.26
CA SER A 6 16.01 2.25 -7.60
C SER A 6 14.76 1.74 -8.32
N GLY A 7 14.80 0.47 -8.72
CA GLY A 7 13.67 -0.12 -9.42
C GLY A 7 13.12 -1.34 -8.70
N TYR A 8 12.47 -1.12 -7.56
CA TYR A 8 11.90 -2.20 -6.78
C TYR A 8 10.81 -2.93 -7.56
N GLY A 9 9.82 -2.18 -8.03
CA GLY A 9 8.73 -2.76 -8.79
C GLY A 9 7.37 -2.27 -8.33
N SER A 10 6.37 -2.38 -9.20
CA SER A 10 5.02 -1.94 -8.88
C SER A 10 4.20 -3.11 -8.32
N GLU A 11 4.66 -4.33 -8.58
CA GLU A 11 3.96 -5.51 -8.10
C GLU A 11 4.70 -6.13 -6.92
N LYS A 12 3.94 -6.73 -6.00
CA LYS A 12 4.52 -7.37 -4.83
C LYS A 12 3.46 -8.19 -4.09
N LYS A 13 3.89 -9.30 -3.50
CA LYS A 13 2.99 -10.17 -2.75
C LYS A 13 3.69 -10.75 -1.52
N GLY A 14 3.22 -10.34 -0.34
CA GLY A 14 3.82 -10.83 0.89
C GLY A 14 2.84 -10.82 2.04
N TYR A 15 3.25 -10.27 3.17
CA TYR A 15 2.41 -10.20 4.36
C TYR A 15 2.58 -8.87 5.08
N LEU A 16 1.52 -8.42 5.73
CA LEU A 16 1.55 -7.15 6.47
C LEU A 16 0.66 -7.22 7.70
N LEU A 17 0.89 -6.30 8.63
CA LEU A 17 0.10 -6.25 9.87
C LEU A 17 -1.01 -5.23 9.76
N LYS A 18 -2.25 -5.69 9.92
CA LYS A 18 -3.41 -4.81 9.84
C LYS A 18 -4.16 -4.79 11.17
N LYS A 19 -4.50 -3.59 11.62
CA LYS A 19 -5.23 -3.43 12.89
C LYS A 19 -6.68 -3.88 12.75
N SER A 20 -6.98 -5.06 13.28
CA SER A 20 -8.33 -5.61 13.22
C SER A 20 -9.38 -4.52 13.44
N ASP A 21 -10.34 -4.45 12.54
CA ASP A 21 -11.41 -3.45 12.64
C ASP A 21 -12.42 -3.84 13.71
N GLY A 22 -13.00 -2.83 14.37
CA GLY A 22 -13.97 -3.10 15.41
C GLY A 22 -13.61 -2.44 16.72
N ILE A 23 -14.07 -3.02 17.83
CA ILE A 23 -13.79 -2.48 19.15
C ILE A 23 -12.36 -2.79 19.57
N ARG A 24 -11.84 -3.92 19.08
CA ARG A 24 -10.48 -4.34 19.42
C ARG A 24 -9.50 -3.92 18.32
N LYS A 25 -8.30 -3.50 18.73
CA LYS A 25 -7.28 -3.08 17.79
C LYS A 25 -6.08 -4.03 17.83
N VAL A 26 -6.33 -5.30 17.54
CA VAL A 26 -5.27 -6.31 17.54
C VAL A 26 -4.50 -6.28 16.22
N TRP A 27 -3.20 -6.52 16.31
CA TRP A 27 -2.34 -6.54 15.12
C TRP A 27 -2.19 -7.94 14.57
N GLN A 28 -2.93 -8.24 13.51
CA GLN A 28 -2.88 -9.56 12.89
C GLN A 28 -2.28 -9.48 11.49
N ARG A 29 -1.29 -10.32 11.24
CA ARG A 29 -0.61 -10.35 9.94
C ARG A 29 -1.42 -11.15 8.93
N ARG A 30 -1.48 -10.66 7.70
CA ARG A 30 -2.22 -11.33 6.63
C ARG A 30 -1.47 -11.26 5.32
N LYS A 31 -1.95 -12.00 4.32
CA LYS A 31 -1.32 -12.02 3.01
C LYS A 31 -1.70 -10.79 2.20
N CYS A 32 -0.71 -10.05 1.74
CA CYS A 32 -0.95 -8.84 0.94
C CYS A 32 -0.40 -9.00 -0.47
N SER A 33 -0.93 -8.21 -1.40
CA SER A 33 -0.49 -8.27 -2.78
C SER A 33 -0.83 -6.97 -3.51
N VAL A 34 -0.04 -6.65 -4.54
CA VAL A 34 -0.26 -5.43 -5.31
C VAL A 34 -0.04 -5.70 -6.80
N LYS A 35 -1.05 -5.40 -7.61
CA LYS A 35 -0.97 -5.60 -9.05
C LYS A 35 -1.95 -4.69 -9.78
N ASN A 36 -1.49 -4.09 -10.88
CA ASN A 36 -2.33 -3.19 -11.66
C ASN A 36 -2.78 -2.00 -10.84
N GLY A 37 -1.93 -1.57 -9.90
CA GLY A 37 -2.26 -0.44 -9.05
C GLY A 37 -3.37 -0.75 -8.07
N ILE A 38 -3.48 -2.03 -7.69
CA ILE A 38 -4.50 -2.45 -6.75
C ILE A 38 -3.90 -3.31 -5.63
N LEU A 39 -4.21 -2.95 -4.39
CA LEU A 39 -3.70 -3.70 -3.24
C LEU A 39 -4.80 -4.56 -2.62
N THR A 40 -4.65 -5.88 -2.76
CA THR A 40 -5.62 -6.81 -2.21
C THR A 40 -5.31 -7.15 -0.75
N ILE A 41 -6.36 -7.25 0.05
CA ILE A 41 -6.20 -7.56 1.47
C ILE A 41 -6.94 -8.84 1.84
N SER A 42 -6.19 -9.94 1.94
CA SER A 42 -6.77 -11.23 2.27
C SER A 42 -7.25 -11.25 3.72
N HIS A 43 -8.55 -11.49 3.91
CA HIS A 43 -9.13 -11.53 5.25
C HIS A 43 -9.50 -12.96 5.64
N ALA A 44 -9.73 -13.18 6.93
CA ALA A 44 -10.09 -14.49 7.43
C ALA A 44 -11.57 -14.77 7.23
N THR A 45 -11.91 -15.44 6.14
CA THR A 45 -13.30 -15.77 5.83
C THR A 45 -13.39 -16.70 4.63
N SER A 46 -14.59 -17.21 4.37
CA SER A 46 -14.82 -18.12 3.26
C SER A 46 -16.09 -17.76 2.51
N ASN A 47 -16.03 -17.83 1.18
CA ASN A 47 -17.19 -17.51 0.35
C ASN A 47 -17.42 -16.00 0.30
N ARG A 48 -16.33 -15.23 0.26
CA ARG A 48 -16.41 -13.78 0.21
C ARG A 48 -15.19 -13.19 -0.49
N GLN A 49 -15.38 -12.03 -1.12
CA GLN A 49 -14.30 -11.36 -1.83
C GLN A 49 -13.52 -10.44 -0.90
N PRO A 50 -12.20 -10.35 -1.12
CA PRO A 50 -11.31 -9.50 -0.31
C PRO A 50 -11.56 -8.02 -0.54
N ALA A 51 -10.67 -7.19 0.01
CA ALA A 51 -10.80 -5.75 -0.14
C ALA A 51 -9.80 -5.22 -1.18
N LYS A 52 -10.32 -4.57 -2.21
CA LYS A 52 -9.48 -4.02 -3.27
C LYS A 52 -9.30 -2.52 -3.09
N LEU A 53 -8.04 -2.08 -2.99
CA LEU A 53 -7.73 -0.66 -2.82
C LEU A 53 -7.10 -0.09 -4.08
N ASN A 54 -7.51 1.13 -4.44
CA ASN A 54 -6.97 1.79 -5.62
C ASN A 54 -5.69 2.54 -5.29
N LEU A 55 -4.55 1.93 -5.57
CA LEU A 55 -3.26 2.55 -5.31
C LEU A 55 -3.09 3.83 -6.11
N LEU A 56 -4.02 4.08 -7.03
CA LEU A 56 -3.98 5.27 -7.86
C LEU A 56 -4.45 6.50 -7.09
N THR A 57 -5.12 6.26 -5.96
CA THR A 57 -5.63 7.34 -5.12
C THR A 57 -5.12 7.22 -3.70
N CYS A 58 -4.72 6.01 -3.32
CA CYS A 58 -4.21 5.75 -1.97
C CYS A 58 -3.06 6.71 -1.64
N GLN A 59 -3.04 7.18 -0.40
CA GLN A 59 -2.00 8.09 0.05
C GLN A 59 -1.07 7.42 1.05
N VAL A 60 0.12 7.05 0.59
CA VAL A 60 1.10 6.39 1.45
C VAL A 60 1.83 7.41 2.33
N LYS A 61 1.39 7.50 3.58
CA LYS A 61 2.00 8.43 4.54
C LYS A 61 2.89 7.69 5.53
N PRO A 62 4.19 7.60 5.20
CA PRO A 62 5.17 6.92 6.06
C PRO A 62 5.44 7.68 7.35
N ASN A 63 5.59 6.95 8.44
CA ASN A 63 5.86 7.56 9.74
C ASN A 63 7.36 7.61 10.02
N ALA A 64 7.97 8.73 9.68
CA ALA A 64 9.41 8.91 9.89
C ALA A 64 9.76 8.73 11.37
N GLU A 65 8.90 9.22 12.25
CA GLU A 65 9.13 9.10 13.69
C GLU A 65 9.71 7.74 14.04
N ASP A 66 9.15 6.68 13.45
CA ASP A 66 9.61 5.33 13.70
C ASP A 66 9.55 4.49 12.43
N LYS A 67 10.62 3.73 12.17
CA LYS A 67 10.68 2.88 10.99
C LYS A 67 9.65 1.76 11.07
N LYS A 68 9.55 0.98 9.99
CA LYS A 68 8.60 -0.12 9.94
C LYS A 68 7.21 0.31 10.40
N SER A 69 6.69 1.35 9.77
CA SER A 69 5.38 1.88 10.11
C SER A 69 4.90 2.90 9.08
N PHE A 70 3.70 2.70 8.57
CA PHE A 70 3.13 3.61 7.57
C PHE A 70 1.61 3.57 7.61
N ASP A 71 0.98 4.70 7.28
CA ASP A 71 -0.47 4.80 7.27
C ASP A 71 -1.00 4.98 5.86
N LEU A 72 -2.08 4.27 5.54
CA LEU A 72 -2.68 4.35 4.21
C LEU A 72 -4.03 5.07 4.28
N ILE A 73 -4.07 6.26 3.68
CA ILE A 73 -5.29 7.05 3.66
C ILE A 73 -6.12 6.76 2.41
N SER A 74 -7.28 6.14 2.61
CA SER A 74 -8.16 5.79 1.50
C SER A 74 -9.32 6.78 1.40
N HIS A 75 -10.23 6.52 0.48
CA HIS A 75 -11.38 7.39 0.28
C HIS A 75 -11.93 7.89 1.61
N ASN A 76 -11.46 9.05 2.04
CA ASN A 76 -11.90 9.63 3.30
C ASN A 76 -11.83 8.61 4.43
N ARG A 77 -10.71 7.88 4.49
CA ARG A 77 -10.51 6.86 5.51
C ARG A 77 -9.03 6.70 5.84
N THR A 78 -8.74 6.24 7.06
CA THR A 78 -7.36 6.04 7.49
C THR A 78 -7.12 4.60 7.88
N TYR A 79 -6.17 3.95 7.21
CA TYR A 79 -5.84 2.56 7.50
C TYR A 79 -4.50 2.45 8.22
N HIS A 80 -4.39 1.47 9.11
CA HIS A 80 -3.17 1.27 9.87
C HIS A 80 -2.44 0.01 9.40
N PHE A 81 -1.16 0.17 9.05
CA PHE A 81 -0.36 -0.95 8.58
C PHE A 81 1.01 -0.96 9.26
N GLN A 82 1.62 -2.14 9.31
CA GLN A 82 2.94 -2.29 9.95
C GLN A 82 3.75 -3.38 9.26
N ALA A 83 4.97 -3.05 8.88
CA ALA A 83 5.85 -3.99 8.21
C ALA A 83 6.53 -4.93 9.22
N GLU A 84 6.57 -6.20 8.90
CA GLU A 84 7.19 -7.19 9.78
C GLU A 84 8.67 -6.92 9.95
N ASP A 85 9.34 -6.57 8.85
CA ASP A 85 10.76 -6.28 8.88
C ASP A 85 11.06 -4.96 8.16
N GLU A 86 12.26 -4.43 8.38
CA GLU A 86 12.67 -3.18 7.76
C GLU A 86 12.62 -3.29 6.23
N GLN A 87 13.10 -4.41 5.71
CA GLN A 87 13.12 -4.64 4.27
C GLN A 87 11.70 -4.60 3.70
N ASP A 88 10.77 -5.26 4.39
CA ASP A 88 9.39 -5.31 3.95
C ASP A 88 8.81 -3.90 3.84
N TYR A 89 9.22 -3.02 4.74
CA TYR A 89 8.75 -1.64 4.74
C TYR A 89 9.33 -0.85 3.57
N VAL A 90 10.65 -0.65 3.62
CA VAL A 90 11.34 0.09 2.56
C VAL A 90 10.77 -0.26 1.19
N ALA A 91 10.41 -1.53 1.01
CA ALA A 91 9.86 -1.98 -0.26
C ALA A 91 8.41 -1.52 -0.42
N TRP A 92 7.53 -2.02 0.44
CA TRP A 92 6.12 -1.66 0.38
C TRP A 92 5.95 -0.21 -0.05
N ILE A 93 6.64 0.70 0.64
CA ILE A 93 6.56 2.12 0.34
C ILE A 93 6.95 2.39 -1.11
N SER A 94 8.07 1.80 -1.54
CA SER A 94 8.55 1.98 -2.91
C SER A 94 7.51 1.50 -3.92
N VAL A 95 6.90 0.36 -3.63
CA VAL A 95 5.87 -0.20 -4.51
C VAL A 95 4.60 0.62 -4.48
N LEU A 96 3.88 0.54 -3.35
CA LEU A 96 2.63 1.29 -3.18
C LEU A 96 2.70 2.63 -3.91
N THR A 97 3.82 3.32 -3.77
CA THR A 97 4.02 4.62 -4.41
C THR A 97 4.33 4.46 -5.89
N ASN A 98 5.25 3.55 -6.20
CA ASN A 98 5.65 3.29 -7.58
C ASN A 98 4.44 2.98 -8.44
N SER A 99 3.78 1.86 -8.17
CA SER A 99 2.61 1.44 -8.92
C SER A 99 1.74 2.65 -9.26
N LYS A 100 1.47 3.48 -8.25
CA LYS A 100 0.64 4.66 -8.44
C LYS A 100 1.13 5.50 -9.61
N GLU A 101 2.35 6.01 -9.50
CA GLU A 101 2.94 6.83 -10.55
C GLU A 101 2.99 6.05 -11.87
N GLU A 102 3.62 4.88 -11.83
CA GLU A 102 3.74 4.05 -13.03
C GLU A 102 2.39 3.90 -13.72
N ALA A 103 1.32 4.02 -12.96
CA ALA A 103 -0.04 3.90 -13.50
C ALA A 103 -0.52 5.22 -14.05
N LEU A 104 -0.08 6.31 -13.43
CA LEU A 104 -0.47 7.65 -13.86
C LEU A 104 0.31 8.08 -15.11
N THR A 105 1.63 8.05 -15.01
CA THR A 105 2.49 8.43 -16.12
C THR A 105 1.97 7.85 -17.44
N MET A 106 1.46 6.63 -17.38
CA MET A 106 0.93 5.97 -18.56
C MET A 106 -0.48 6.46 -18.88
N ALA A 107 -1.23 6.80 -17.84
CA ALA A 107 -2.59 7.29 -18.00
C ALA A 107 -2.60 8.70 -18.56
N PHE A 108 -3.64 9.02 -19.33
CA PHE A 108 -3.76 10.35 -19.94
C PHE A 108 -2.39 10.90 -20.31
N SER A 109 -1.49 10.02 -20.71
CA SER A 109 -0.14 10.42 -21.09
C SER A 109 -0.19 11.49 -22.18
N GLY A 110 -1.04 11.29 -23.18
CA GLY A 110 -1.16 12.24 -24.26
C GLY A 110 -2.16 11.79 -25.32
N PRO A 111 -2.12 12.46 -26.49
CA PRO A 111 -3.02 12.14 -27.60
C PRO A 111 -2.69 10.79 -28.25
N SER A 112 -1.57 10.20 -27.83
CA SER A 112 -1.13 8.93 -28.37
C SER A 112 -2.27 7.91 -28.35
N SER A 113 -2.13 6.85 -29.15
CA SER A 113 -3.15 5.81 -29.22
C SER A 113 -2.57 4.46 -28.82
N GLY A 114 -3.37 3.66 -28.13
CA GLY A 114 -2.93 2.35 -27.70
C GLY A 114 -1.68 2.42 -26.83
N GLY A 1 14.36 8.73 -3.10
CA GLY A 1 13.69 10.01 -3.13
C GLY A 1 14.67 11.17 -3.18
N SER A 2 15.32 11.44 -2.06
CA SER A 2 16.29 12.54 -1.98
C SER A 2 17.70 12.04 -2.24
N SER A 3 18.17 11.12 -1.41
CA SER A 3 19.51 10.56 -1.56
C SER A 3 19.69 9.94 -2.93
N GLY A 4 18.75 9.07 -3.31
CA GLY A 4 18.82 8.41 -4.60
C GLY A 4 17.99 7.15 -4.65
N SER A 5 17.37 6.89 -5.80
CA SER A 5 16.54 5.71 -5.99
C SER A 5 17.17 4.74 -6.97
N SER A 6 16.98 3.45 -6.74
CA SER A 6 17.54 2.42 -7.62
C SER A 6 16.43 1.71 -8.39
N GLY A 7 15.43 1.22 -7.67
CA GLY A 7 14.33 0.52 -8.30
C GLY A 7 13.92 -0.74 -7.56
N TYR A 8 12.61 -0.94 -7.42
CA TYR A 8 12.11 -2.12 -6.71
C TYR A 8 11.04 -2.82 -7.55
N GLY A 9 10.07 -2.06 -8.05
CA GLY A 9 9.02 -2.64 -8.86
C GLY A 9 7.64 -2.31 -8.32
N SER A 10 6.65 -2.31 -9.20
CA SER A 10 5.27 -2.01 -8.80
C SER A 10 4.51 -3.29 -8.49
N GLU A 11 5.24 -4.40 -8.39
CA GLU A 11 4.63 -5.69 -8.09
C GLU A 11 5.27 -6.33 -6.86
N LYS A 12 4.46 -6.61 -5.85
CA LYS A 12 4.96 -7.23 -4.62
C LYS A 12 3.83 -7.98 -3.91
N LYS A 13 3.99 -9.29 -3.79
CA LYS A 13 3.00 -10.12 -3.12
C LYS A 13 3.59 -10.80 -1.89
N GLY A 14 3.03 -10.50 -0.73
CA GLY A 14 3.52 -11.08 0.51
C GLY A 14 2.52 -10.97 1.65
N TYR A 15 3.00 -10.57 2.82
CA TYR A 15 2.15 -10.41 3.99
C TYR A 15 2.49 -9.14 4.75
N LEU A 16 1.52 -8.63 5.49
CA LEU A 16 1.72 -7.41 6.27
C LEU A 16 0.81 -7.39 7.50
N LEU A 17 1.20 -6.62 8.51
CA LEU A 17 0.43 -6.53 9.74
C LEU A 17 -0.59 -5.39 9.64
N LYS A 18 -1.82 -5.67 10.07
CA LYS A 18 -2.88 -4.67 10.04
C LYS A 18 -3.60 -4.60 11.38
N LYS A 19 -3.97 -3.39 11.79
CA LYS A 19 -4.66 -3.18 13.06
C LYS A 19 -6.15 -3.47 12.92
N SER A 20 -6.61 -4.55 13.54
CA SER A 20 -8.01 -4.93 13.48
C SER A 20 -8.91 -3.81 14.02
N ASP A 21 -9.60 -3.13 13.12
CA ASP A 21 -10.49 -2.04 13.50
C ASP A 21 -11.32 -2.41 14.72
N GLY A 22 -11.77 -1.40 15.44
CA GLY A 22 -12.57 -1.65 16.64
C GLY A 22 -11.90 -1.15 17.89
N ILE A 23 -12.58 -1.30 19.03
CA ILE A 23 -12.03 -0.86 20.31
C ILE A 23 -10.70 -1.54 20.61
N ARG A 24 -10.64 -2.84 20.34
CA ARG A 24 -9.43 -3.62 20.59
C ARG A 24 -8.40 -3.37 19.48
N LYS A 25 -7.35 -2.63 19.82
CA LYS A 25 -6.30 -2.31 18.87
C LYS A 25 -5.21 -3.38 18.88
N VAL A 26 -5.36 -4.38 18.03
CA VAL A 26 -4.39 -5.47 17.96
C VAL A 26 -3.83 -5.62 16.54
N TRP A 27 -2.56 -6.02 16.44
CA TRP A 27 -1.92 -6.20 15.15
C TRP A 27 -1.98 -7.66 14.71
N GLN A 28 -2.70 -7.91 13.61
CA GLN A 28 -2.83 -9.26 13.09
C GLN A 28 -2.20 -9.37 11.70
N ARG A 29 -1.68 -10.56 11.39
CA ARG A 29 -1.06 -10.79 10.10
C ARG A 29 -2.09 -11.18 9.04
N ARG A 30 -1.95 -10.63 7.85
CA ARG A 30 -2.87 -10.91 6.76
C ARG A 30 -2.13 -11.00 5.43
N LYS A 31 -2.76 -11.64 4.45
CA LYS A 31 -2.15 -11.80 3.13
C LYS A 31 -2.47 -10.60 2.24
N CYS A 32 -1.44 -9.84 1.88
CA CYS A 32 -1.61 -8.66 1.04
C CYS A 32 -1.07 -8.92 -0.37
N SER A 33 -1.49 -8.10 -1.32
CA SER A 33 -1.05 -8.24 -2.70
C SER A 33 -1.20 -6.92 -3.46
N VAL A 34 -0.17 -6.56 -4.21
CA VAL A 34 -0.18 -5.33 -4.99
C VAL A 34 0.13 -5.59 -6.46
N LYS A 35 -0.75 -5.12 -7.34
CA LYS A 35 -0.57 -5.31 -8.77
C LYS A 35 -1.50 -4.39 -9.56
N ASN A 36 -0.99 -3.83 -10.65
CA ASN A 36 -1.78 -2.95 -11.49
C ASN A 36 -2.29 -1.76 -10.69
N GLY A 37 -1.56 -1.39 -9.64
CA GLY A 37 -1.97 -0.28 -8.81
C GLY A 37 -3.17 -0.59 -7.95
N ILE A 38 -3.25 -1.84 -7.48
CA ILE A 38 -4.36 -2.28 -6.65
C ILE A 38 -3.87 -3.13 -5.48
N LEU A 39 -4.33 -2.79 -4.27
CA LEU A 39 -3.94 -3.53 -3.08
C LEU A 39 -5.10 -4.36 -2.55
N THR A 40 -5.11 -5.65 -2.87
CA THR A 40 -6.15 -6.55 -2.42
C THR A 40 -5.91 -7.01 -1.00
N ILE A 41 -6.99 -7.11 -0.22
CA ILE A 41 -6.90 -7.54 1.17
C ILE A 41 -7.72 -8.81 1.40
N SER A 42 -7.03 -9.93 1.58
CA SER A 42 -7.71 -11.21 1.81
C SER A 42 -8.53 -11.16 3.09
N HIS A 43 -9.63 -11.90 3.11
CA HIS A 43 -10.52 -11.94 4.26
C HIS A 43 -10.70 -13.37 4.76
N ALA A 44 -11.42 -13.53 5.86
CA ALA A 44 -11.67 -14.84 6.44
C ALA A 44 -12.27 -15.79 5.41
N THR A 45 -12.09 -17.09 5.64
CA THR A 45 -12.62 -18.10 4.72
C THR A 45 -14.13 -17.99 4.59
N SER A 46 -14.59 -17.23 3.60
CA SER A 46 -16.01 -17.04 3.37
C SER A 46 -16.26 -16.42 2.00
N ASN A 47 -17.53 -16.30 1.64
CA ASN A 47 -17.92 -15.72 0.35
C ASN A 47 -17.93 -14.20 0.42
N ARG A 48 -16.93 -13.64 1.12
CA ARG A 48 -16.83 -12.20 1.26
C ARG A 48 -15.65 -11.65 0.46
N GLN A 49 -15.95 -10.94 -0.62
CA GLN A 49 -14.91 -10.37 -1.48
C GLN A 49 -13.94 -9.52 -0.66
N PRO A 50 -12.66 -9.57 -1.02
CA PRO A 50 -11.61 -8.81 -0.34
C PRO A 50 -11.72 -7.31 -0.59
N ALA A 51 -11.04 -6.52 0.24
CA ALA A 51 -11.07 -5.07 0.10
C ALA A 51 -9.95 -4.59 -0.80
N LYS A 52 -10.30 -4.19 -2.02
CA LYS A 52 -9.33 -3.71 -2.99
C LYS A 52 -9.16 -2.19 -2.88
N LEU A 53 -7.93 -1.76 -2.68
CA LEU A 53 -7.62 -0.33 -2.56
C LEU A 53 -6.99 0.20 -3.84
N ASN A 54 -7.50 1.33 -4.32
CA ASN A 54 -6.98 1.95 -5.53
C ASN A 54 -5.69 2.70 -5.25
N LEU A 55 -4.55 2.07 -5.55
CA LEU A 55 -3.25 2.68 -5.33
C LEU A 55 -3.04 3.88 -6.26
N LEU A 56 -4.01 4.10 -7.15
CA LEU A 56 -3.93 5.21 -8.10
C LEU A 56 -4.35 6.52 -7.42
N THR A 57 -5.08 6.42 -6.32
CA THR A 57 -5.54 7.59 -5.60
C THR A 57 -5.12 7.52 -4.13
N CYS A 58 -4.95 6.31 -3.62
CA CYS A 58 -4.55 6.11 -2.23
C CYS A 58 -3.46 7.11 -1.83
N GLN A 59 -3.27 7.26 -0.53
CA GLN A 59 -2.26 8.19 -0.01
C GLN A 59 -1.31 7.48 0.94
N VAL A 60 -0.11 7.19 0.47
CA VAL A 60 0.90 6.51 1.28
C VAL A 60 1.66 7.51 2.16
N LYS A 61 1.25 7.62 3.41
CA LYS A 61 1.90 8.54 4.34
C LYS A 61 2.78 7.77 5.33
N PRO A 62 4.07 7.67 5.01
CA PRO A 62 5.04 6.97 5.86
C PRO A 62 5.33 7.72 7.16
N ASN A 63 5.16 7.03 8.28
CA ASN A 63 5.38 7.63 9.59
C ASN A 63 6.80 8.17 9.69
N ALA A 64 7.09 8.84 10.81
CA ALA A 64 8.42 9.41 11.03
C ALA A 64 9.09 8.79 12.24
N GLU A 65 8.41 8.85 13.40
CA GLU A 65 8.95 8.30 14.63
C GLU A 65 9.60 6.94 14.37
N ASP A 66 8.84 6.02 13.80
CA ASP A 66 9.33 4.68 13.51
C ASP A 66 9.72 4.56 12.03
N LYS A 67 10.31 3.43 11.67
CA LYS A 67 10.73 3.18 10.30
C LYS A 67 9.83 2.15 9.64
N LYS A 68 9.50 1.10 10.38
CA LYS A 68 8.64 0.04 9.86
C LYS A 68 7.18 0.33 10.15
N SER A 69 6.75 1.56 9.85
CA SER A 69 5.36 1.97 10.08
C SER A 69 4.89 2.92 9.00
N PHE A 70 3.66 2.72 8.54
CA PHE A 70 3.08 3.56 7.50
C PHE A 70 1.56 3.49 7.53
N ASP A 71 0.92 4.63 7.26
CA ASP A 71 -0.54 4.71 7.27
C ASP A 71 -1.06 4.88 5.85
N LEU A 72 -2.00 4.03 5.46
CA LEU A 72 -2.59 4.09 4.13
C LEU A 72 -3.98 4.72 4.17
N ILE A 73 -4.07 5.97 3.73
CA ILE A 73 -5.34 6.68 3.72
C ILE A 73 -6.13 6.39 2.46
N SER A 74 -7.38 5.95 2.63
CA SER A 74 -8.24 5.62 1.50
C SER A 74 -9.33 6.68 1.33
N HIS A 75 -10.18 6.48 0.33
CA HIS A 75 -11.27 7.41 0.06
C HIS A 75 -12.19 7.55 1.27
N ASN A 76 -11.95 8.58 2.07
CA ASN A 76 -12.75 8.83 3.26
C ASN A 76 -12.55 7.71 4.29
N ARG A 77 -11.31 7.26 4.44
CA ARG A 77 -11.00 6.20 5.39
C ARG A 77 -9.50 6.12 5.64
N THR A 78 -9.12 5.53 6.77
CA THR A 78 -7.72 5.39 7.14
C THR A 78 -7.37 3.96 7.51
N TYR A 79 -6.25 3.47 7.01
CA TYR A 79 -5.81 2.11 7.29
C TYR A 79 -4.47 2.11 8.01
N HIS A 80 -4.27 1.12 8.88
CA HIS A 80 -3.04 1.00 9.64
C HIS A 80 -2.24 -0.22 9.19
N PHE A 81 -0.93 -0.05 9.06
CA PHE A 81 -0.06 -1.14 8.64
C PHE A 81 1.31 -1.02 9.28
N GLN A 82 1.97 -2.15 9.50
CA GLN A 82 3.29 -2.17 10.10
C GLN A 82 4.17 -3.25 9.47
N ALA A 83 5.32 -2.84 8.95
CA ALA A 83 6.24 -3.77 8.32
C ALA A 83 6.96 -4.61 9.36
N GLU A 84 7.21 -5.88 9.03
CA GLU A 84 7.90 -6.79 9.94
C GLU A 84 9.35 -6.38 10.14
N ASP A 85 10.01 -6.03 9.04
CA ASP A 85 11.41 -5.62 9.08
C ASP A 85 11.61 -4.33 8.29
N GLU A 86 12.75 -3.68 8.52
CA GLU A 86 13.07 -2.42 7.83
C GLU A 86 13.08 -2.62 6.32
N GLN A 87 13.56 -3.78 5.88
CA GLN A 87 13.62 -4.09 4.45
C GLN A 87 12.22 -4.13 3.85
N ASP A 88 11.29 -4.78 4.54
CA ASP A 88 9.91 -4.88 4.07
C ASP A 88 9.29 -3.50 3.89
N TYR A 89 9.55 -2.61 4.85
CA TYR A 89 9.02 -1.25 4.80
C TYR A 89 9.56 -0.50 3.59
N VAL A 90 10.89 -0.45 3.48
CA VAL A 90 11.54 0.24 2.36
C VAL A 90 11.01 -0.25 1.03
N ALA A 91 10.83 -1.56 0.91
CA ALA A 91 10.33 -2.17 -0.32
C ALA A 91 8.87 -1.81 -0.54
N TRP A 92 8.03 -2.10 0.44
CA TRP A 92 6.61 -1.82 0.35
C TRP A 92 6.37 -0.38 -0.10
N ILE A 93 6.90 0.57 0.66
CA ILE A 93 6.75 1.98 0.34
C ILE A 93 7.10 2.26 -1.12
N SER A 94 8.18 1.64 -1.58
CA SER A 94 8.64 1.81 -2.96
C SER A 94 7.56 1.38 -3.95
N VAL A 95 6.92 0.24 -3.67
CA VAL A 95 5.87 -0.28 -4.53
C VAL A 95 4.61 0.59 -4.45
N LEU A 96 3.93 0.53 -3.31
CA LEU A 96 2.73 1.31 -3.10
C LEU A 96 2.80 2.65 -3.83
N THR A 97 3.94 3.32 -3.70
CA THR A 97 4.15 4.61 -4.33
C THR A 97 4.37 4.45 -5.83
N ASN A 98 5.32 3.60 -6.21
CA ASN A 98 5.62 3.36 -7.61
C ASN A 98 4.36 2.95 -8.38
N SER A 99 3.80 1.80 -8.01
CA SER A 99 2.59 1.31 -8.67
C SER A 99 1.66 2.46 -9.05
N LYS A 100 1.46 3.37 -8.11
CA LYS A 100 0.59 4.52 -8.33
C LYS A 100 1.07 5.34 -9.52
N GLU A 101 2.29 5.86 -9.42
CA GLU A 101 2.86 6.67 -10.50
C GLU A 101 2.90 5.89 -11.80
N GLU A 102 3.58 4.75 -11.78
CA GLU A 102 3.69 3.91 -12.97
C GLU A 102 2.36 3.83 -13.70
N ALA A 103 1.27 3.86 -12.95
CA ALA A 103 -0.07 3.79 -13.53
C ALA A 103 -0.48 5.14 -14.12
N LEU A 104 -0.04 6.22 -13.47
CA LEU A 104 -0.36 7.56 -13.93
C LEU A 104 0.52 7.98 -15.10
N THR A 105 1.83 8.05 -14.85
CA THR A 105 2.79 8.42 -15.87
C THR A 105 2.37 7.89 -17.24
N MET A 106 1.90 6.65 -17.26
CA MET A 106 1.46 6.02 -18.52
C MET A 106 0.10 6.56 -18.94
N ALA A 107 -0.85 6.52 -18.01
CA ALA A 107 -2.20 7.00 -18.29
C ALA A 107 -2.17 8.22 -19.21
N PHE A 108 -3.25 8.41 -19.96
CA PHE A 108 -3.35 9.53 -20.89
C PHE A 108 -2.91 10.84 -20.22
N SER A 109 -2.28 11.71 -20.99
CA SER A 109 -1.81 12.98 -20.48
C SER A 109 -1.43 13.93 -21.61
N GLY A 110 -1.79 15.20 -21.46
CA GLY A 110 -1.48 16.18 -22.48
C GLY A 110 -0.37 17.13 -22.06
N PRO A 111 0.35 17.68 -23.04
CA PRO A 111 1.46 18.60 -22.79
C PRO A 111 0.97 19.96 -22.27
N SER A 112 1.54 20.39 -21.15
CA SER A 112 1.16 21.66 -20.54
C SER A 112 2.11 22.77 -20.98
N SER A 113 1.82 23.38 -22.13
CA SER A 113 2.65 24.46 -22.65
C SER A 113 2.01 25.81 -22.39
N GLY A 114 2.35 26.41 -21.25
CA GLY A 114 1.79 27.71 -20.89
C GLY A 114 2.51 28.85 -21.59
N GLY A 1 26.52 13.78 -4.49
CA GLY A 1 26.47 12.33 -4.52
C GLY A 1 25.28 11.81 -5.30
N SER A 2 25.54 11.29 -6.50
CA SER A 2 24.48 10.75 -7.34
C SER A 2 23.77 9.61 -6.66
N SER A 3 22.64 9.20 -7.22
CA SER A 3 21.85 8.11 -6.66
C SER A 3 21.49 7.09 -7.73
N GLY A 4 21.44 5.82 -7.35
CA GLY A 4 21.10 4.77 -8.29
C GLY A 4 19.70 4.23 -8.09
N SER A 5 19.10 3.74 -9.17
CA SER A 5 17.74 3.20 -9.10
C SER A 5 17.76 1.67 -9.14
N SER A 6 18.03 1.07 -8.00
CA SER A 6 18.09 -0.40 -7.90
C SER A 6 16.96 -1.03 -8.70
N GLY A 7 15.72 -0.61 -8.43
CA GLY A 7 14.59 -1.15 -9.14
C GLY A 7 13.82 -2.19 -8.32
N TYR A 8 12.83 -1.72 -7.56
CA TYR A 8 12.03 -2.60 -6.73
C TYR A 8 10.93 -3.26 -7.54
N GLY A 9 10.18 -2.45 -8.28
CA GLY A 9 9.10 -2.97 -9.10
C GLY A 9 7.74 -2.45 -8.66
N SER A 10 6.89 -2.15 -9.64
CA SER A 10 5.56 -1.62 -9.35
C SER A 10 4.57 -2.76 -9.08
N GLU A 11 5.10 -3.88 -8.58
CA GLU A 11 4.27 -5.04 -8.28
C GLU A 11 4.94 -5.94 -7.24
N LYS A 12 4.19 -6.28 -6.19
CA LYS A 12 4.71 -7.14 -5.14
C LYS A 12 3.60 -7.58 -4.20
N LYS A 13 3.79 -8.74 -3.56
CA LYS A 13 2.80 -9.27 -2.64
C LYS A 13 3.48 -9.94 -1.44
N GLY A 14 2.68 -10.30 -0.45
CA GLY A 14 3.21 -10.94 0.74
C GLY A 14 2.29 -10.83 1.93
N TYR A 15 2.85 -10.46 3.08
CA TYR A 15 2.06 -10.32 4.29
C TYR A 15 2.41 -9.02 5.04
N LEU A 16 1.42 -8.42 5.67
CA LEU A 16 1.63 -7.18 6.41
C LEU A 16 0.79 -7.16 7.68
N LEU A 17 1.19 -6.33 8.63
CA LEU A 17 0.47 -6.21 9.90
C LEU A 17 -0.62 -5.15 9.80
N LYS A 18 -1.74 -5.41 10.49
CA LYS A 18 -2.87 -4.48 10.49
C LYS A 18 -3.51 -4.39 11.87
N LYS A 19 -3.83 -3.17 12.29
CA LYS A 19 -4.44 -2.95 13.59
C LYS A 19 -5.73 -3.75 13.72
N SER A 20 -5.95 -4.34 14.90
CA SER A 20 -7.15 -5.12 15.15
C SER A 20 -8.39 -4.24 15.22
N ASP A 21 -9.41 -4.61 14.47
CA ASP A 21 -10.66 -3.84 14.44
C ASP A 21 -11.58 -4.27 15.59
N GLY A 22 -11.49 -3.56 16.71
CA GLY A 22 -12.31 -3.88 17.86
C GLY A 22 -11.79 -3.27 19.14
N ILE A 23 -12.19 -3.84 20.27
CA ILE A 23 -11.75 -3.35 21.57
C ILE A 23 -10.23 -3.27 21.64
N ARG A 24 -9.57 -4.39 21.37
CA ARG A 24 -8.11 -4.45 21.41
C ARG A 24 -7.52 -4.08 20.05
N LYS A 25 -6.35 -3.45 20.07
CA LYS A 25 -5.69 -3.03 18.85
C LYS A 25 -4.46 -3.91 18.58
N VAL A 26 -4.65 -5.22 18.64
CA VAL A 26 -3.57 -6.17 18.40
C VAL A 26 -3.17 -6.19 16.93
N TRP A 27 -1.87 -6.21 16.67
CA TRP A 27 -1.37 -6.24 15.30
C TRP A 27 -1.50 -7.63 14.70
N GLN A 28 -2.43 -7.77 13.75
CA GLN A 28 -2.65 -9.05 13.10
C GLN A 28 -2.09 -9.05 11.68
N ARG A 29 -1.35 -10.10 11.33
CA ARG A 29 -0.76 -10.21 10.00
C ARG A 29 -1.77 -10.74 9.00
N ARG A 30 -1.94 -10.03 7.89
CA ARG A 30 -2.88 -10.43 6.85
C ARG A 30 -2.19 -10.50 5.49
N LYS A 31 -2.66 -11.41 4.65
CA LYS A 31 -2.10 -11.58 3.31
C LYS A 31 -2.39 -10.38 2.44
N CYS A 32 -1.34 -9.78 1.89
CA CYS A 32 -1.49 -8.60 1.03
C CYS A 32 -0.89 -8.87 -0.35
N SER A 33 -1.36 -8.11 -1.34
CA SER A 33 -0.88 -8.26 -2.71
C SER A 33 -1.11 -6.99 -3.52
N VAL A 34 -0.10 -6.59 -4.28
CA VAL A 34 -0.20 -5.39 -5.11
C VAL A 34 0.16 -5.69 -6.56
N LYS A 35 -0.79 -5.43 -7.45
CA LYS A 35 -0.57 -5.67 -8.88
C LYS A 35 -1.44 -4.74 -9.72
N ASN A 36 -0.94 -4.36 -10.88
CA ASN A 36 -1.67 -3.47 -11.78
C ASN A 36 -2.14 -2.21 -11.05
N GLY A 37 -1.43 -1.87 -9.98
CA GLY A 37 -1.79 -0.69 -9.21
C GLY A 37 -3.00 -0.91 -8.34
N ILE A 38 -3.14 -2.13 -7.82
CA ILE A 38 -4.27 -2.48 -6.97
C ILE A 38 -3.82 -3.32 -5.78
N LEU A 39 -4.27 -2.95 -4.59
CA LEU A 39 -3.93 -3.68 -3.38
C LEU A 39 -5.11 -4.51 -2.87
N THR A 40 -4.91 -5.82 -2.81
CA THR A 40 -5.96 -6.72 -2.34
C THR A 40 -5.70 -7.19 -0.92
N ILE A 41 -6.76 -7.34 -0.13
CA ILE A 41 -6.64 -7.78 1.25
C ILE A 41 -7.56 -8.97 1.53
N SER A 42 -6.96 -10.11 1.84
CA SER A 42 -7.72 -11.33 2.13
C SER A 42 -8.46 -11.20 3.45
N HIS A 43 -9.66 -11.75 3.51
CA HIS A 43 -10.47 -11.71 4.71
C HIS A 43 -10.99 -10.29 4.97
N ALA A 44 -11.61 -9.71 3.94
CA ALA A 44 -12.15 -8.35 4.06
C ALA A 44 -13.64 -8.38 4.35
N THR A 45 -14.16 -7.29 4.90
CA THR A 45 -15.58 -7.19 5.22
C THR A 45 -16.41 -6.92 3.97
N SER A 46 -16.68 -7.97 3.21
CA SER A 46 -17.48 -7.85 1.99
C SER A 46 -18.03 -9.20 1.56
N ASN A 47 -19.04 -9.16 0.69
CA ASN A 47 -19.67 -10.39 0.21
C ASN A 47 -18.63 -11.32 -0.41
N ARG A 48 -18.14 -12.27 0.38
CA ARG A 48 -17.14 -13.21 -0.09
C ARG A 48 -16.18 -12.55 -1.09
N GLN A 49 -15.57 -11.46 -0.66
CA GLN A 49 -14.64 -10.73 -1.51
C GLN A 49 -13.73 -9.83 -0.68
N PRO A 50 -12.44 -9.80 -1.02
CA PRO A 50 -11.45 -8.98 -0.33
C PRO A 50 -11.64 -7.49 -0.57
N ALA A 51 -10.81 -6.68 0.06
CA ALA A 51 -10.89 -5.23 -0.08
C ALA A 51 -9.81 -4.71 -1.03
N LYS A 52 -10.20 -4.35 -2.25
CA LYS A 52 -9.28 -3.85 -3.25
C LYS A 52 -9.18 -2.32 -3.17
N LEU A 53 -7.95 -1.81 -3.18
CA LEU A 53 -7.73 -0.37 -3.12
C LEU A 53 -7.06 0.13 -4.40
N ASN A 54 -7.40 1.35 -4.79
CA ASN A 54 -6.83 1.95 -6.00
C ASN A 54 -5.54 2.70 -5.67
N LEU A 55 -4.42 2.13 -6.08
CA LEU A 55 -3.11 2.74 -5.83
C LEU A 55 -2.97 4.04 -6.63
N LEU A 56 -3.97 4.34 -7.45
CA LEU A 56 -3.95 5.55 -8.27
C LEU A 56 -4.38 6.76 -7.46
N THR A 57 -5.08 6.51 -6.35
CA THR A 57 -5.56 7.58 -5.48
C THR A 57 -5.07 7.39 -4.06
N CYS A 58 -4.87 6.14 -3.67
CA CYS A 58 -4.39 5.83 -2.33
C CYS A 58 -3.30 6.80 -1.89
N GLN A 59 -3.29 7.12 -0.61
CA GLN A 59 -2.29 8.05 -0.06
C GLN A 59 -1.37 7.34 0.92
N VAL A 60 -0.15 7.06 0.48
CA VAL A 60 0.83 6.38 1.33
C VAL A 60 1.58 7.38 2.20
N LYS A 61 1.13 7.51 3.45
CA LYS A 61 1.77 8.42 4.40
C LYS A 61 2.61 7.66 5.40
N PRO A 62 3.91 7.54 5.13
CA PRO A 62 4.85 6.83 6.01
C PRO A 62 5.11 7.59 7.30
N ASN A 63 5.18 6.86 8.41
CA ASN A 63 5.42 7.46 9.71
C ASN A 63 6.78 8.16 9.75
N ALA A 64 7.13 8.70 10.90
CA ALA A 64 8.39 9.40 11.08
C ALA A 64 9.19 8.81 12.24
N GLU A 65 8.58 8.78 13.41
CA GLU A 65 9.24 8.24 14.59
C GLU A 65 9.98 6.95 14.27
N ASP A 66 9.26 5.98 13.71
CA ASP A 66 9.85 4.70 13.35
C ASP A 66 10.08 4.62 11.84
N LYS A 67 10.59 3.47 11.39
CA LYS A 67 10.87 3.27 9.98
C LYS A 67 9.98 2.16 9.41
N LYS A 68 9.45 1.33 10.29
CA LYS A 68 8.58 0.23 9.88
C LYS A 68 7.12 0.53 10.24
N SER A 69 6.65 1.70 9.83
CA SER A 69 5.27 2.10 10.12
C SER A 69 4.75 3.04 9.05
N PHE A 70 3.66 2.66 8.40
CA PHE A 70 3.06 3.47 7.35
C PHE A 70 1.53 3.36 7.38
N ASP A 71 0.86 4.47 7.08
CA ASP A 71 -0.60 4.50 7.07
C ASP A 71 -1.13 4.69 5.65
N LEU A 72 -2.23 4.01 5.34
CA LEU A 72 -2.84 4.10 4.02
C LEU A 72 -4.21 4.77 4.10
N ILE A 73 -4.29 6.01 3.62
CA ILE A 73 -5.54 6.76 3.63
C ILE A 73 -6.36 6.48 2.37
N SER A 74 -7.43 5.72 2.52
CA SER A 74 -8.29 5.38 1.40
C SER A 74 -9.46 6.36 1.29
N HIS A 75 -10.32 6.15 0.30
CA HIS A 75 -11.48 7.01 0.09
C HIS A 75 -12.30 7.13 1.36
N ASN A 76 -12.04 8.17 2.14
CA ASN A 76 -12.76 8.40 3.39
C ASN A 76 -12.56 7.23 4.36
N ARG A 77 -11.31 6.82 4.51
CA ARG A 77 -10.98 5.72 5.41
C ARG A 77 -9.49 5.70 5.73
N THR A 78 -9.16 5.45 6.99
CA THR A 78 -7.77 5.40 7.43
C THR A 78 -7.36 3.98 7.81
N TYR A 79 -6.33 3.47 7.14
CA TYR A 79 -5.84 2.12 7.41
C TYR A 79 -4.51 2.17 8.14
N HIS A 80 -4.27 1.18 8.99
CA HIS A 80 -3.04 1.10 9.76
C HIS A 80 -2.24 -0.14 9.39
N PHE A 81 -1.01 0.06 8.91
CA PHE A 81 -0.15 -1.05 8.51
C PHE A 81 1.23 -0.93 9.17
N GLN A 82 1.84 -2.07 9.44
CA GLN A 82 3.15 -2.10 10.07
C GLN A 82 4.01 -3.21 9.48
N ALA A 83 5.23 -2.86 9.07
CA ALA A 83 6.16 -3.84 8.50
C ALA A 83 6.94 -4.55 9.58
N GLU A 84 7.28 -5.81 9.33
CA GLU A 84 8.04 -6.61 10.28
C GLU A 84 9.52 -6.24 10.26
N ASP A 85 10.10 -6.27 9.06
CA ASP A 85 11.50 -5.93 8.89
C ASP A 85 11.67 -4.72 7.99
N GLU A 86 12.82 -4.06 8.11
CA GLU A 86 13.10 -2.86 7.31
C GLU A 86 12.96 -3.17 5.82
N GLN A 87 13.39 -4.36 5.43
CA GLN A 87 13.32 -4.77 4.03
C GLN A 87 11.89 -4.73 3.52
N ASP A 88 10.97 -5.27 4.31
CA ASP A 88 9.56 -5.30 3.95
C ASP A 88 9.01 -3.88 3.80
N TYR A 89 9.34 -3.03 4.76
CA TYR A 89 8.87 -1.64 4.74
C TYR A 89 9.50 -0.88 3.57
N VAL A 90 10.81 -0.67 3.64
CA VAL A 90 11.52 0.05 2.58
C VAL A 90 10.99 -0.32 1.21
N ALA A 91 10.70 -1.60 1.01
CA ALA A 91 10.18 -2.09 -0.26
C ALA A 91 8.71 -1.70 -0.43
N TRP A 92 7.87 -2.19 0.47
CA TRP A 92 6.44 -1.90 0.41
C TRP A 92 6.19 -0.45 0.00
N ILE A 93 6.93 0.46 0.61
CA ILE A 93 6.80 1.88 0.30
C ILE A 93 7.20 2.18 -1.14
N SER A 94 8.29 1.56 -1.57
CA SER A 94 8.79 1.76 -2.93
C SER A 94 7.75 1.33 -3.95
N VAL A 95 7.10 0.20 -3.69
CA VAL A 95 6.08 -0.32 -4.59
C VAL A 95 4.81 0.53 -4.53
N LEU A 96 4.10 0.45 -3.41
CA LEU A 96 2.87 1.20 -3.23
C LEU A 96 2.94 2.55 -3.94
N THR A 97 4.09 3.21 -3.84
CA THR A 97 4.30 4.50 -4.47
C THR A 97 4.61 4.34 -5.96
N ASN A 98 5.52 3.43 -6.27
CA ASN A 98 5.91 3.17 -7.66
C ASN A 98 4.68 2.85 -8.51
N SER A 99 4.01 1.76 -8.20
CA SER A 99 2.83 1.34 -8.94
C SER A 99 1.90 2.52 -9.18
N LYS A 100 1.69 3.32 -8.14
CA LYS A 100 0.83 4.50 -8.25
C LYS A 100 1.24 5.38 -9.43
N GLU A 101 2.42 5.98 -9.31
CA GLU A 101 2.93 6.86 -10.37
C GLU A 101 2.96 6.13 -11.71
N GLU A 102 3.64 4.99 -11.74
CA GLU A 102 3.75 4.19 -12.95
C GLU A 102 2.39 4.02 -13.62
N ALA A 103 1.33 4.07 -12.81
CA ALA A 103 -0.02 3.92 -13.32
C ALA A 103 -0.58 5.25 -13.79
N LEU A 104 -0.11 6.33 -13.18
CA LEU A 104 -0.57 7.67 -13.53
C LEU A 104 0.23 8.22 -14.71
N THR A 105 1.54 8.33 -14.54
CA THR A 105 2.41 8.83 -15.60
C THR A 105 2.08 8.18 -16.94
N MET A 106 1.62 6.94 -16.89
CA MET A 106 1.28 6.22 -18.11
C MET A 106 -0.13 6.60 -18.58
N ALA A 107 -1.00 6.91 -17.63
CA ALA A 107 -2.37 7.30 -17.95
C ALA A 107 -2.42 8.70 -18.52
N PHE A 108 -3.54 9.04 -19.16
CA PHE A 108 -3.72 10.36 -19.76
C PHE A 108 -3.22 11.45 -18.81
N SER A 109 -2.71 12.54 -19.39
CA SER A 109 -2.19 13.64 -18.61
C SER A 109 -3.33 14.42 -17.95
N GLY A 110 -4.20 15.01 -18.77
CA GLY A 110 -5.32 15.77 -18.25
C GLY A 110 -6.60 15.51 -19.03
N PRO A 111 -7.55 16.45 -18.92
CA PRO A 111 -8.84 16.36 -19.61
C PRO A 111 -8.71 16.53 -21.12
N SER A 112 -7.77 17.38 -21.53
CA SER A 112 -7.53 17.63 -22.94
C SER A 112 -6.65 16.55 -23.56
N SER A 113 -7.27 15.66 -24.33
CA SER A 113 -6.55 14.57 -24.98
C SER A 113 -5.62 15.10 -26.06
N GLY A 114 -4.46 15.60 -25.65
CA GLY A 114 -3.50 16.13 -26.60
C GLY A 114 -3.42 15.31 -27.87
N GLY A 1 17.06 12.12 1.36
CA GLY A 1 17.81 11.00 0.83
C GLY A 1 18.26 11.23 -0.60
N SER A 2 19.49 10.81 -0.91
CA SER A 2 20.03 10.97 -2.24
C SER A 2 20.63 9.65 -2.75
N SER A 3 20.37 9.36 -4.02
CA SER A 3 20.88 8.13 -4.63
C SER A 3 20.72 8.17 -6.15
N GLY A 4 21.25 7.14 -6.81
CA GLY A 4 21.16 7.08 -8.26
C GLY A 4 19.76 6.73 -8.74
N SER A 5 19.49 5.43 -8.85
CA SER A 5 18.19 4.96 -9.32
C SER A 5 17.66 3.84 -8.41
N SER A 6 16.35 3.63 -8.45
CA SER A 6 15.72 2.60 -7.63
C SER A 6 14.79 1.73 -8.48
N GLY A 7 15.09 0.44 -8.53
CA GLY A 7 14.29 -0.48 -9.30
C GLY A 7 13.70 -1.59 -8.45
N TYR A 8 12.83 -1.22 -7.52
CA TYR A 8 12.20 -2.19 -6.63
C TYR A 8 11.03 -2.89 -7.34
N GLY A 9 10.28 -2.12 -8.12
CA GLY A 9 9.15 -2.69 -8.83
C GLY A 9 7.84 -2.02 -8.46
N SER A 10 6.94 -1.92 -9.43
CA SER A 10 5.63 -1.29 -9.19
C SER A 10 4.72 -2.23 -8.39
N GLU A 11 4.77 -3.51 -8.71
CA GLU A 11 3.95 -4.51 -8.03
C GLU A 11 4.81 -5.39 -7.13
N LYS A 12 4.16 -6.04 -6.17
CA LYS A 12 4.87 -6.93 -5.25
C LYS A 12 3.88 -7.75 -4.42
N LYS A 13 4.34 -8.88 -3.91
CA LYS A 13 3.49 -9.75 -3.09
C LYS A 13 4.20 -10.15 -1.81
N GLY A 14 3.43 -10.36 -0.75
CA GLY A 14 4.00 -10.74 0.53
C GLY A 14 2.98 -10.69 1.66
N TYR A 15 3.43 -10.22 2.82
CA TYR A 15 2.55 -10.12 3.98
C TYR A 15 2.78 -8.81 4.73
N LEU A 16 1.72 -8.28 5.32
CA LEU A 16 1.81 -7.03 6.07
C LEU A 16 0.83 -7.02 7.24
N LEU A 17 1.04 -6.11 8.17
CA LEU A 17 0.17 -6.00 9.34
C LEU A 17 -0.87 -4.90 9.15
N LYS A 18 -2.03 -5.07 9.77
CA LYS A 18 -3.11 -4.09 9.67
C LYS A 18 -3.87 -3.99 10.99
N LYS A 19 -4.24 -2.75 11.34
CA LYS A 19 -4.97 -2.51 12.58
C LYS A 19 -6.47 -2.81 12.39
N SER A 20 -7.01 -3.60 13.30
CA SER A 20 -8.43 -3.97 13.24
C SER A 20 -9.26 -2.81 12.71
N ASP A 21 -9.16 -1.66 13.38
CA ASP A 21 -9.90 -0.47 12.97
C ASP A 21 -11.41 -0.72 13.06
N GLY A 22 -11.84 -1.34 14.16
CA GLY A 22 -13.24 -1.63 14.34
C GLY A 22 -13.63 -1.70 15.81
N ILE A 23 -13.37 -2.85 16.43
CA ILE A 23 -13.69 -3.04 17.83
C ILE A 23 -12.53 -2.63 18.73
N ARG A 24 -11.34 -3.15 18.42
CA ARG A 24 -10.15 -2.84 19.20
C ARG A 24 -9.05 -2.28 18.30
N LYS A 25 -7.92 -1.94 18.92
CA LYS A 25 -6.79 -1.39 18.17
C LYS A 25 -5.65 -2.40 18.10
N VAL A 26 -5.99 -3.65 17.79
CA VAL A 26 -4.99 -4.71 17.70
C VAL A 26 -4.59 -4.95 16.25
N TRP A 27 -3.31 -5.26 16.04
CA TRP A 27 -2.80 -5.51 14.70
C TRP A 27 -2.92 -6.98 14.34
N GLN A 28 -3.28 -7.26 13.09
CA GLN A 28 -3.43 -8.63 12.62
C GLN A 28 -2.58 -8.87 11.38
N ARG A 29 -2.01 -10.07 11.28
CA ARG A 29 -1.18 -10.43 10.15
C ARG A 29 -2.00 -11.15 9.08
N ARG A 30 -1.81 -10.73 7.83
CA ARG A 30 -2.54 -11.33 6.71
C ARG A 30 -1.71 -11.26 5.42
N LYS A 31 -2.19 -11.93 4.38
CA LYS A 31 -1.50 -11.94 3.10
C LYS A 31 -1.84 -10.70 2.28
N CYS A 32 -0.83 -10.05 1.73
CA CYS A 32 -1.03 -8.86 0.93
C CYS A 32 -0.58 -9.09 -0.52
N SER A 33 -1.12 -8.28 -1.43
CA SER A 33 -0.77 -8.40 -2.84
C SER A 33 -1.05 -7.10 -3.58
N VAL A 34 -0.10 -6.68 -4.41
CA VAL A 34 -0.25 -5.45 -5.18
C VAL A 34 0.01 -5.69 -6.66
N LYS A 35 -0.95 -5.32 -7.50
CA LYS A 35 -0.83 -5.49 -8.94
C LYS A 35 -1.72 -4.51 -9.69
N ASN A 36 -1.27 -4.08 -10.86
CA ASN A 36 -2.03 -3.13 -11.67
C ASN A 36 -2.48 -1.94 -10.84
N GLY A 37 -1.70 -1.62 -9.81
CA GLY A 37 -2.03 -0.50 -8.95
C GLY A 37 -3.19 -0.79 -8.02
N ILE A 38 -3.32 -2.06 -7.62
CA ILE A 38 -4.40 -2.47 -6.74
C ILE A 38 -3.87 -3.37 -5.62
N LEU A 39 -4.23 -3.04 -4.38
CA LEU A 39 -3.79 -3.81 -3.23
C LEU A 39 -4.95 -4.64 -2.66
N THR A 40 -4.80 -5.96 -2.69
CA THR A 40 -5.82 -6.85 -2.17
C THR A 40 -5.50 -7.30 -0.75
N ILE A 41 -6.38 -6.97 0.19
CA ILE A 41 -6.19 -7.33 1.58
C ILE A 41 -6.95 -8.61 1.93
N SER A 42 -6.22 -9.72 2.00
CA SER A 42 -6.82 -11.02 2.32
C SER A 42 -7.55 -10.96 3.66
N HIS A 43 -8.86 -11.10 3.62
CA HIS A 43 -9.68 -11.08 4.83
C HIS A 43 -11.05 -11.67 4.57
N ALA A 44 -11.89 -11.72 5.61
CA ALA A 44 -13.23 -12.26 5.48
C ALA A 44 -14.28 -11.21 5.84
N THR A 45 -15.38 -11.21 5.10
CA THR A 45 -16.45 -10.25 5.34
C THR A 45 -17.75 -10.70 4.67
N SER A 46 -18.81 -9.90 4.83
CA SER A 46 -20.10 -10.23 4.24
C SER A 46 -19.93 -10.88 2.88
N ASN A 47 -18.85 -10.52 2.18
CA ASN A 47 -18.57 -11.06 0.86
C ASN A 47 -17.21 -11.74 0.83
N ARG A 48 -17.18 -12.96 0.30
CA ARG A 48 -15.93 -13.72 0.20
C ARG A 48 -14.81 -12.86 -0.37
N GLN A 49 -15.01 -12.38 -1.59
CA GLN A 49 -14.01 -11.55 -2.25
C GLN A 49 -13.35 -10.60 -1.25
N PRO A 50 -12.02 -10.45 -1.38
CA PRO A 50 -11.23 -9.58 -0.49
C PRO A 50 -11.53 -8.10 -0.73
N ALA A 51 -10.74 -7.24 -0.10
CA ALA A 51 -10.91 -5.80 -0.24
C ALA A 51 -9.92 -5.23 -1.25
N LYS A 52 -10.45 -4.58 -2.28
CA LYS A 52 -9.62 -3.98 -3.32
C LYS A 52 -9.46 -2.48 -3.09
N LEU A 53 -8.22 -2.04 -2.94
CA LEU A 53 -7.93 -0.62 -2.72
C LEU A 53 -7.22 -0.02 -3.94
N ASN A 54 -7.73 1.12 -4.40
CA ASN A 54 -7.15 1.80 -5.55
C ASN A 54 -5.91 2.59 -5.14
N LEU A 55 -4.75 2.14 -5.61
CA LEU A 55 -3.49 2.81 -5.30
C LEU A 55 -3.35 4.10 -6.07
N LEU A 56 -4.25 4.31 -7.03
CA LEU A 56 -4.23 5.52 -7.85
C LEU A 56 -4.56 6.75 -7.01
N THR A 57 -5.11 6.52 -5.82
CA THR A 57 -5.48 7.61 -4.93
C THR A 57 -4.88 7.40 -3.54
N CYS A 58 -4.67 6.14 -3.16
CA CYS A 58 -4.11 5.81 -1.87
C CYS A 58 -2.93 6.70 -1.54
N GLN A 59 -2.88 7.20 -0.31
CA GLN A 59 -1.80 8.07 0.13
C GLN A 59 -0.90 7.37 1.15
N VAL A 60 0.27 6.93 0.71
CA VAL A 60 1.21 6.24 1.59
C VAL A 60 1.91 7.23 2.52
N LYS A 61 1.53 7.22 3.79
CA LYS A 61 2.12 8.10 4.78
C LYS A 61 3.07 7.34 5.70
N PRO A 62 4.35 7.29 5.31
CA PRO A 62 5.38 6.60 6.08
C PRO A 62 5.70 7.31 7.39
N ASN A 63 5.55 6.59 8.50
CA ASN A 63 5.83 7.17 9.82
C ASN A 63 7.29 7.56 9.95
N ALA A 64 7.55 8.62 10.70
CA ALA A 64 8.91 9.11 10.89
C ALA A 64 9.43 8.72 12.28
N GLU A 65 8.68 9.10 13.31
CA GLU A 65 9.06 8.81 14.68
C GLU A 65 9.54 7.36 14.82
N ASP A 66 8.81 6.45 14.20
CA ASP A 66 9.16 5.03 14.25
C ASP A 66 9.30 4.45 12.84
N LYS A 67 10.07 3.38 12.72
CA LYS A 67 10.27 2.73 11.43
C LYS A 67 9.32 1.55 11.25
N LYS A 68 9.45 0.86 10.13
CA LYS A 68 8.60 -0.30 9.84
C LYS A 68 7.13 0.02 10.11
N SER A 69 6.73 1.25 9.79
CA SER A 69 5.35 1.67 10.00
C SER A 69 4.92 2.68 8.94
N PHE A 70 3.70 2.52 8.45
CA PHE A 70 3.16 3.41 7.42
C PHE A 70 1.65 3.43 7.46
N ASP A 71 1.07 4.62 7.31
CA ASP A 71 -0.38 4.78 7.33
C ASP A 71 -0.93 4.90 5.91
N LEU A 72 -1.92 4.06 5.59
CA LEU A 72 -2.53 4.08 4.27
C LEU A 72 -3.85 4.83 4.29
N ILE A 73 -3.90 5.96 3.59
CA ILE A 73 -5.11 6.77 3.52
C ILE A 73 -5.89 6.49 2.25
N SER A 74 -7.11 6.00 2.39
CA SER A 74 -7.95 5.69 1.24
C SER A 74 -8.80 6.90 0.86
N HIS A 75 -9.67 6.71 -0.14
CA HIS A 75 -10.54 7.78 -0.61
C HIS A 75 -11.13 8.55 0.57
N ASN A 76 -11.98 7.89 1.33
CA ASN A 76 -12.62 8.51 2.48
C ASN A 76 -12.54 7.60 3.71
N ARG A 77 -11.37 7.04 3.94
CA ARG A 77 -11.16 6.15 5.08
C ARG A 77 -9.66 5.97 5.36
N THR A 78 -9.29 6.12 6.63
CA THR A 78 -7.89 5.98 7.03
C THR A 78 -7.60 4.57 7.52
N TYR A 79 -6.42 4.07 7.19
CA TYR A 79 -6.02 2.73 7.59
C TYR A 79 -4.67 2.75 8.30
N HIS A 80 -4.33 1.64 8.96
CA HIS A 80 -3.06 1.53 9.68
C HIS A 80 -2.36 0.22 9.33
N PHE A 81 -1.17 0.34 8.74
CA PHE A 81 -0.39 -0.83 8.35
C PHE A 81 0.92 -0.90 9.13
N GLN A 82 1.64 -2.00 8.97
CA GLN A 82 2.91 -2.19 9.67
C GLN A 82 3.70 -3.34 9.05
N ALA A 83 5.01 -3.13 8.91
CA ALA A 83 5.88 -4.15 8.34
C ALA A 83 6.56 -4.97 9.43
N GLU A 84 7.02 -6.17 9.07
CA GLU A 84 7.68 -7.04 10.02
C GLU A 84 9.20 -6.84 9.99
N ASP A 85 9.76 -6.85 8.79
CA ASP A 85 11.20 -6.66 8.63
C ASP A 85 11.50 -5.30 8.00
N GLU A 86 12.60 -4.69 8.42
CA GLU A 86 13.00 -3.38 7.91
C GLU A 86 13.00 -3.37 6.38
N GLN A 87 13.55 -4.43 5.79
CA GLN A 87 13.61 -4.55 4.34
C GLN A 87 12.22 -4.54 3.73
N ASP A 88 11.33 -5.35 4.30
CA ASP A 88 9.96 -5.43 3.81
C ASP A 88 9.32 -4.05 3.73
N TYR A 89 9.48 -3.27 4.80
CA TYR A 89 8.92 -1.93 4.85
C TYR A 89 9.48 -1.05 3.74
N VAL A 90 10.80 -0.88 3.74
CA VAL A 90 11.46 -0.07 2.72
C VAL A 90 10.97 -0.43 1.32
N ALA A 91 10.90 -1.72 1.04
CA ALA A 91 10.43 -2.19 -0.26
C ALA A 91 8.96 -1.85 -0.48
N TRP A 92 8.11 -2.33 0.42
CA TRP A 92 6.68 -2.07 0.31
C TRP A 92 6.41 -0.63 -0.09
N ILE A 93 6.95 0.30 0.70
CA ILE A 93 6.77 1.73 0.43
C ILE A 93 7.13 2.06 -1.02
N SER A 94 8.29 1.59 -1.45
CA SER A 94 8.76 1.84 -2.81
C SER A 94 7.72 1.37 -3.84
N VAL A 95 7.13 0.22 -3.58
CA VAL A 95 6.12 -0.34 -4.47
C VAL A 95 4.82 0.46 -4.40
N LEU A 96 4.12 0.35 -3.28
CA LEU A 96 2.86 1.07 -3.10
C LEU A 96 2.90 2.42 -3.80
N THR A 97 3.95 3.19 -3.54
CA THR A 97 4.10 4.51 -4.15
C THR A 97 4.37 4.39 -5.64
N ASN A 98 5.23 3.46 -6.02
CA ASN A 98 5.57 3.25 -7.42
C ASN A 98 4.33 2.96 -8.24
N SER A 99 3.72 1.79 -8.00
CA SER A 99 2.52 1.39 -8.72
C SER A 99 1.62 2.60 -9.01
N LYS A 100 1.55 3.52 -8.05
CA LYS A 100 0.74 4.71 -8.19
C LYS A 100 1.20 5.55 -9.37
N GLU A 101 2.43 6.05 -9.29
CA GLU A 101 2.99 6.86 -10.36
C GLU A 101 3.03 6.10 -11.67
N GLU A 102 3.28 4.79 -11.58
CA GLU A 102 3.33 3.94 -12.76
C GLU A 102 1.94 3.71 -13.35
N ALA A 103 0.93 3.87 -12.52
CA ALA A 103 -0.46 3.69 -12.94
C ALA A 103 -1.09 5.02 -13.35
N LEU A 104 -0.49 6.11 -12.90
CA LEU A 104 -0.99 7.45 -13.22
C LEU A 104 -0.31 8.00 -14.47
N THR A 105 1.02 7.91 -14.50
CA THR A 105 1.78 8.40 -15.64
C THR A 105 1.06 8.12 -16.95
N MET A 106 0.26 7.06 -16.96
CA MET A 106 -0.50 6.69 -18.16
C MET A 106 -1.45 7.80 -18.57
N ALA A 107 -2.27 8.25 -17.62
CA ALA A 107 -3.23 9.31 -17.88
C ALA A 107 -2.70 10.30 -18.90
N PHE A 108 -3.58 10.79 -19.77
CA PHE A 108 -3.20 11.74 -20.80
C PHE A 108 -3.15 13.16 -20.23
N SER A 109 -1.95 13.75 -20.22
CA SER A 109 -1.77 15.10 -19.70
C SER A 109 -1.71 16.11 -20.84
N GLY A 110 -2.01 17.38 -20.52
CA GLY A 110 -1.99 18.42 -21.52
C GLY A 110 -3.39 18.87 -21.92
N PRO A 111 -3.52 20.17 -22.23
CA PRO A 111 -4.80 20.77 -22.62
C PRO A 111 -5.26 20.29 -24.00
N SER A 112 -6.41 19.63 -24.03
CA SER A 112 -6.96 19.12 -25.28
C SER A 112 -8.02 20.06 -25.83
N SER A 113 -7.59 21.02 -26.64
CA SER A 113 -8.51 21.99 -27.23
C SER A 113 -8.97 21.54 -28.62
N GLY A 114 -9.93 22.26 -29.19
CA GLY A 114 -10.44 21.92 -30.50
C GLY A 114 -10.84 20.46 -30.61
N GLY A 1 11.15 9.84 6.94
CA GLY A 1 10.44 9.77 5.67
C GLY A 1 11.08 8.80 4.70
N SER A 2 11.61 9.34 3.60
CA SER A 2 12.25 8.52 2.58
C SER A 2 13.61 9.11 2.19
N SER A 3 14.43 8.29 1.54
CA SER A 3 15.75 8.72 1.11
C SER A 3 15.97 8.42 -0.37
N GLY A 4 14.92 8.57 -1.15
CA GLY A 4 15.01 8.31 -2.58
C GLY A 4 14.93 6.83 -2.91
N SER A 5 13.93 6.46 -3.70
CA SER A 5 13.72 5.07 -4.08
C SER A 5 14.60 4.70 -5.28
N SER A 6 14.88 3.41 -5.42
CA SER A 6 15.71 2.93 -6.53
C SER A 6 14.91 1.98 -7.42
N GLY A 7 13.67 2.37 -7.71
CA GLY A 7 12.83 1.55 -8.56
C GLY A 7 12.75 0.11 -8.09
N TYR A 8 11.89 -0.14 -7.11
CA TYR A 8 11.72 -1.48 -6.57
C TYR A 8 10.76 -2.31 -7.43
N GLY A 9 9.65 -1.69 -7.82
CA GLY A 9 8.67 -2.38 -8.64
C GLY A 9 7.25 -1.95 -8.34
N SER A 10 6.37 -2.10 -9.32
CA SER A 10 4.97 -1.72 -9.15
C SER A 10 4.14 -2.88 -8.60
N GLU A 11 4.63 -4.10 -8.82
CA GLU A 11 3.93 -5.29 -8.35
C GLU A 11 4.68 -5.92 -7.17
N LYS A 12 3.93 -6.44 -6.21
CA LYS A 12 4.52 -7.07 -5.03
C LYS A 12 3.46 -7.81 -4.22
N LYS A 13 3.66 -9.12 -4.06
CA LYS A 13 2.72 -9.94 -3.30
C LYS A 13 3.39 -10.53 -2.07
N GLY A 14 2.92 -10.14 -0.89
CA GLY A 14 3.49 -10.65 0.35
C GLY A 14 2.50 -10.57 1.50
N TYR A 15 3.02 -10.24 2.69
CA TYR A 15 2.18 -10.14 3.88
C TYR A 15 2.48 -8.86 4.65
N LEU A 16 1.51 -8.40 5.42
CA LEU A 16 1.67 -7.18 6.20
C LEU A 16 0.82 -7.24 7.48
N LEU A 17 1.20 -6.45 8.47
CA LEU A 17 0.47 -6.40 9.73
C LEU A 17 -0.61 -5.33 9.71
N LYS A 18 -1.80 -5.69 10.16
CA LYS A 18 -2.93 -4.76 10.20
C LYS A 18 -3.48 -4.63 11.61
N LYS A 19 -3.63 -3.38 12.06
CA LYS A 19 -4.15 -3.11 13.40
C LYS A 19 -5.67 -3.26 13.43
N SER A 20 -6.16 -4.02 14.40
CA SER A 20 -7.60 -4.23 14.54
C SER A 20 -8.34 -2.91 14.74
N ASP A 21 -9.64 -3.00 14.98
CA ASP A 21 -10.45 -1.81 15.20
C ASP A 21 -9.99 -1.05 16.43
N GLY A 22 -10.72 0.01 16.78
CA GLY A 22 -10.37 0.81 17.94
C GLY A 22 -10.84 0.18 19.24
N ILE A 23 -10.78 -1.14 19.32
CA ILE A 23 -11.20 -1.86 20.52
C ILE A 23 -10.05 -2.65 21.11
N ARG A 24 -9.31 -3.37 20.26
CA ARG A 24 -8.18 -4.16 20.71
C ARG A 24 -6.89 -3.72 20.02
N LYS A 25 -7.04 -3.10 18.85
CA LYS A 25 -5.89 -2.62 18.08
C LYS A 25 -4.74 -3.61 18.17
N VAL A 26 -5.02 -4.88 17.87
CA VAL A 26 -4.00 -5.93 17.90
C VAL A 26 -3.39 -6.15 16.53
N TRP A 27 -2.08 -6.22 16.47
CA TRP A 27 -1.37 -6.43 15.21
C TRP A 27 -1.49 -7.88 14.76
N GLN A 28 -2.31 -8.13 13.74
CA GLN A 28 -2.52 -9.47 13.22
C GLN A 28 -2.02 -9.57 11.78
N ARG A 29 -1.17 -10.56 11.52
CA ARG A 29 -0.62 -10.77 10.19
C ARG A 29 -1.74 -10.94 9.16
N ARG A 30 -1.61 -10.25 8.04
CA ARG A 30 -2.61 -10.33 6.98
C ARG A 30 -1.94 -10.39 5.60
N LYS A 31 -2.45 -11.27 4.75
CA LYS A 31 -1.91 -11.43 3.40
C LYS A 31 -2.24 -10.23 2.53
N CYS A 32 -1.21 -9.55 2.04
CA CYS A 32 -1.40 -8.37 1.19
C CYS A 32 -0.84 -8.62 -0.20
N SER A 33 -1.28 -7.80 -1.16
CA SER A 33 -0.82 -7.93 -2.54
C SER A 33 -1.00 -6.62 -3.30
N VAL A 34 -0.12 -6.37 -4.26
CA VAL A 34 -0.18 -5.16 -5.06
C VAL A 34 0.14 -5.45 -6.52
N LYS A 35 -0.86 -5.28 -7.39
CA LYS A 35 -0.68 -5.51 -8.81
C LYS A 35 -1.64 -4.66 -9.63
N ASN A 36 -1.13 -4.07 -10.70
CA ASN A 36 -1.95 -3.22 -11.57
C ASN A 36 -2.46 -2.00 -10.82
N GLY A 37 -1.72 -1.58 -9.79
CA GLY A 37 -2.10 -0.43 -9.00
C GLY A 37 -3.30 -0.72 -8.11
N ILE A 38 -3.36 -1.93 -7.58
CA ILE A 38 -4.45 -2.33 -6.71
C ILE A 38 -3.94 -3.12 -5.50
N LEU A 39 -4.39 -2.73 -4.31
CA LEU A 39 -3.97 -3.41 -3.09
C LEU A 39 -5.10 -4.29 -2.55
N THR A 40 -4.99 -5.59 -2.80
CA THR A 40 -5.99 -6.55 -2.33
C THR A 40 -5.71 -6.99 -0.91
N ILE A 41 -6.75 -7.00 -0.08
CA ILE A 41 -6.62 -7.40 1.32
C ILE A 41 -7.55 -8.56 1.65
N SER A 42 -6.97 -9.71 1.98
CA SER A 42 -7.75 -10.89 2.31
C SER A 42 -8.39 -10.75 3.69
N HIS A 43 -9.71 -10.69 3.72
CA HIS A 43 -10.45 -10.56 4.97
C HIS A 43 -10.99 -11.91 5.44
N ALA A 44 -11.18 -12.05 6.75
CA ALA A 44 -11.70 -13.29 7.31
C ALA A 44 -13.22 -13.35 7.20
N THR A 45 -13.87 -12.22 7.47
CA THR A 45 -15.32 -12.15 7.41
C THR A 45 -15.78 -11.10 6.39
N SER A 46 -16.36 -11.56 5.30
CA SER A 46 -16.84 -10.67 4.24
C SER A 46 -17.79 -11.40 3.30
N ASN A 47 -18.25 -10.69 2.27
CA ASN A 47 -19.16 -11.27 1.29
C ASN A 47 -18.40 -12.07 0.25
N ARG A 48 -17.68 -13.09 0.71
CA ARG A 48 -16.91 -13.95 -0.18
C ARG A 48 -16.08 -13.11 -1.15
N GLN A 49 -15.39 -12.11 -0.62
CA GLN A 49 -14.57 -11.23 -1.44
C GLN A 49 -13.70 -10.32 -0.58
N PRO A 50 -12.41 -10.23 -0.91
CA PRO A 50 -11.46 -9.40 -0.17
C PRO A 50 -11.71 -7.91 -0.38
N ALA A 51 -10.75 -7.09 0.05
CA ALA A 51 -10.87 -5.65 -0.09
C ALA A 51 -9.79 -5.09 -1.01
N LYS A 52 -10.21 -4.48 -2.11
CA LYS A 52 -9.28 -3.90 -3.08
C LYS A 52 -9.22 -2.39 -2.93
N LEU A 53 -8.02 -1.83 -3.11
CA LEU A 53 -7.82 -0.40 -3.01
C LEU A 53 -7.16 0.16 -4.27
N ASN A 54 -7.62 1.32 -4.71
CA ASN A 54 -7.07 1.96 -5.89
C ASN A 54 -5.80 2.74 -5.56
N LEU A 55 -4.65 2.16 -5.91
CA LEU A 55 -3.37 2.80 -5.64
C LEU A 55 -3.24 4.11 -6.42
N LEU A 56 -4.19 4.35 -7.32
CA LEU A 56 -4.19 5.57 -8.11
C LEU A 56 -4.68 6.76 -7.29
N THR A 57 -5.28 6.47 -6.14
CA THR A 57 -5.79 7.51 -5.26
C THR A 57 -5.40 7.25 -3.81
N CYS A 58 -4.68 6.16 -3.59
CA CYS A 58 -4.24 5.79 -2.24
C CYS A 58 -3.11 6.70 -1.78
N GLN A 59 -3.13 7.06 -0.50
CA GLN A 59 -2.10 7.93 0.07
C GLN A 59 -1.23 7.16 1.05
N VAL A 60 0.06 7.03 0.72
CA VAL A 60 1.00 6.33 1.58
C VAL A 60 1.72 7.29 2.51
N LYS A 61 1.24 7.37 3.75
CA LYS A 61 1.83 8.26 4.75
C LYS A 61 2.65 7.46 5.77
N PRO A 62 3.95 7.34 5.52
CA PRO A 62 4.87 6.61 6.40
C PRO A 62 5.08 7.31 7.74
N ASN A 63 5.24 6.54 8.80
CA ASN A 63 5.45 7.09 10.12
C ASN A 63 6.78 7.82 10.21
N ALA A 64 6.88 8.77 11.14
CA ALA A 64 8.12 9.53 11.32
C ALA A 64 8.72 9.28 12.70
N GLU A 65 7.88 9.35 13.73
CA GLU A 65 8.34 9.14 15.10
C GLU A 65 8.73 7.68 15.32
N ASP A 66 8.15 6.79 14.50
CA ASP A 66 8.43 5.37 14.62
C ASP A 66 8.61 4.74 13.23
N LYS A 67 9.78 4.15 13.01
CA LYS A 67 10.08 3.52 11.72
C LYS A 67 9.34 2.19 11.59
N LYS A 68 9.36 1.62 10.39
CA LYS A 68 8.70 0.35 10.13
C LYS A 68 7.19 0.47 10.33
N SER A 69 6.62 1.58 9.85
CA SER A 69 5.19 1.82 9.98
C SER A 69 4.71 2.83 8.94
N PHE A 70 3.47 2.67 8.51
CA PHE A 70 2.89 3.57 7.52
C PHE A 70 1.36 3.48 7.53
N ASP A 71 0.71 4.61 7.25
CA ASP A 71 -0.75 4.66 7.23
C ASP A 71 -1.26 4.87 5.81
N LEU A 72 -2.20 4.03 5.39
CA LEU A 72 -2.77 4.12 4.05
C LEU A 72 -4.14 4.80 4.09
N ILE A 73 -4.21 6.04 3.64
CA ILE A 73 -5.45 6.79 3.62
C ILE A 73 -6.14 6.68 2.26
N SER A 74 -7.27 5.99 2.23
CA SER A 74 -8.02 5.80 1.00
C SER A 74 -9.33 6.60 1.04
N HIS A 75 -10.12 6.49 -0.03
CA HIS A 75 -11.39 7.19 -0.12
C HIS A 75 -12.08 7.23 1.24
N ASN A 76 -12.00 8.38 1.90
CA ASN A 76 -12.62 8.55 3.21
C ASN A 76 -12.37 7.33 4.10
N ARG A 77 -11.11 6.93 4.20
CA ARG A 77 -10.74 5.79 5.01
C ARG A 77 -9.26 5.85 5.40
N THR A 78 -8.96 5.43 6.63
CA THR A 78 -7.59 5.44 7.13
C THR A 78 -7.21 4.08 7.70
N TYR A 79 -6.32 3.38 7.00
CA TYR A 79 -5.87 2.07 7.44
C TYR A 79 -4.54 2.16 8.19
N HIS A 80 -4.20 1.12 8.92
CA HIS A 80 -2.96 1.09 9.69
C HIS A 80 -2.16 -0.18 9.39
N PHE A 81 -1.05 -0.03 8.67
CA PHE A 81 -0.20 -1.16 8.32
C PHE A 81 1.17 -1.02 8.95
N GLN A 82 1.83 -2.16 9.19
CA GLN A 82 3.16 -2.17 9.78
C GLN A 82 4.03 -3.25 9.16
N ALA A 83 5.24 -2.88 8.77
CA ALA A 83 6.17 -3.82 8.17
C ALA A 83 6.89 -4.64 9.23
N GLU A 84 7.12 -5.92 8.92
CA GLU A 84 7.79 -6.81 9.86
C GLU A 84 9.27 -6.46 9.97
N ASP A 85 9.90 -6.17 8.85
CA ASP A 85 11.32 -5.82 8.82
C ASP A 85 11.56 -4.63 7.90
N GLU A 86 12.70 -3.96 8.09
CA GLU A 86 13.04 -2.80 7.28
C GLU A 86 12.92 -3.13 5.79
N GLN A 87 13.35 -4.33 5.41
CA GLN A 87 13.29 -4.76 4.03
C GLN A 87 11.85 -4.71 3.50
N ASP A 88 10.90 -5.03 4.38
CA ASP A 88 9.50 -5.02 4.01
C ASP A 88 8.96 -3.59 3.92
N TYR A 89 9.36 -2.76 4.87
CA TYR A 89 8.92 -1.37 4.91
C TYR A 89 9.45 -0.60 3.71
N VAL A 90 10.77 -0.54 3.58
CA VAL A 90 11.41 0.17 2.48
C VAL A 90 10.79 -0.24 1.14
N ALA A 91 10.62 -1.54 0.96
CA ALA A 91 10.03 -2.06 -0.28
C ALA A 91 8.59 -1.62 -0.44
N TRP A 92 7.74 -2.05 0.50
CA TRP A 92 6.33 -1.70 0.47
C TRP A 92 6.13 -0.26 0.04
N ILE A 93 6.71 0.67 0.80
CA ILE A 93 6.59 2.09 0.50
C ILE A 93 7.03 2.38 -0.93
N SER A 94 8.07 1.68 -1.38
CA SER A 94 8.59 1.87 -2.73
C SER A 94 7.56 1.42 -3.76
N VAL A 95 6.87 0.33 -3.47
CA VAL A 95 5.85 -0.20 -4.38
C VAL A 95 4.58 0.64 -4.33
N LEU A 96 3.85 0.53 -3.22
CA LEU A 96 2.62 1.28 -3.04
C LEU A 96 2.69 2.64 -3.74
N THR A 97 3.86 3.27 -3.66
CA THR A 97 4.06 4.57 -4.28
C THR A 97 4.43 4.43 -5.75
N ASN A 98 5.32 3.47 -6.04
CA ASN A 98 5.75 3.24 -7.41
C ASN A 98 4.56 2.95 -8.32
N SER A 99 3.87 1.84 -8.05
CA SER A 99 2.71 1.45 -8.84
C SER A 99 1.84 2.65 -9.17
N LYS A 100 1.66 3.53 -8.19
CA LYS A 100 0.86 4.73 -8.36
C LYS A 100 1.38 5.59 -9.50
N GLU A 101 2.70 5.73 -9.56
CA GLU A 101 3.34 6.53 -10.61
C GLU A 101 3.43 5.74 -11.91
N GLU A 102 3.53 4.42 -11.79
CA GLU A 102 3.62 3.54 -12.95
C GLU A 102 2.29 3.50 -13.71
N ALA A 103 1.21 3.83 -13.01
CA ALA A 103 -0.12 3.83 -13.62
C ALA A 103 -0.50 5.22 -14.10
N LEU A 104 0.09 6.24 -13.49
CA LEU A 104 -0.19 7.62 -13.87
C LEU A 104 0.63 8.03 -15.09
N THR A 105 1.91 7.68 -15.09
CA THR A 105 2.80 8.01 -16.20
C THR A 105 2.30 7.39 -17.50
N MET A 106 1.46 6.36 -17.38
CA MET A 106 0.91 5.68 -18.55
C MET A 106 -0.49 6.19 -18.86
N ALA A 107 -1.07 6.94 -17.93
CA ALA A 107 -2.41 7.47 -18.11
C ALA A 107 -2.35 8.98 -18.39
N PHE A 108 -3.50 9.55 -18.75
CA PHE A 108 -3.59 10.98 -19.05
C PHE A 108 -3.10 11.81 -17.86
N SER A 109 -2.78 13.07 -18.12
CA SER A 109 -2.30 13.96 -17.08
C SER A 109 -3.33 15.06 -16.79
N GLY A 110 -3.08 15.83 -15.75
CA GLY A 110 -3.99 16.90 -15.37
C GLY A 110 -3.88 17.28 -13.91
N PRO A 111 -4.42 16.42 -13.03
CA PRO A 111 -4.40 16.64 -11.59
C PRO A 111 -3.00 16.51 -11.01
N SER A 112 -2.10 15.90 -11.76
CA SER A 112 -0.72 15.71 -11.32
C SER A 112 -0.10 17.04 -10.87
N SER A 113 -0.39 18.09 -11.63
CA SER A 113 0.13 19.41 -11.32
C SER A 113 -0.89 20.24 -10.54
N GLY A 114 -0.91 20.06 -9.23
CA GLY A 114 -1.85 20.79 -8.39
C GLY A 114 -3.24 20.18 -8.41
N GLY A 1 13.99 12.55 1.85
CA GLY A 1 14.30 12.05 0.52
C GLY A 1 15.33 10.95 0.54
N SER A 2 15.76 10.51 -0.64
CA SER A 2 16.77 9.46 -0.76
C SER A 2 17.32 9.39 -2.18
N SER A 3 18.61 9.68 -2.30
CA SER A 3 19.28 9.66 -3.60
C SER A 3 19.46 8.22 -4.10
N GLY A 4 18.59 7.81 -5.02
CA GLY A 4 18.67 6.46 -5.56
C GLY A 4 17.87 6.30 -6.84
N SER A 5 16.54 6.26 -6.68
CA SER A 5 15.66 6.09 -7.84
C SER A 5 16.09 4.91 -8.70
N SER A 6 16.48 3.82 -8.03
CA SER A 6 16.92 2.62 -8.73
C SER A 6 15.76 1.96 -9.46
N GLY A 7 14.67 1.72 -8.72
CA GLY A 7 13.50 1.09 -9.31
C GLY A 7 13.16 -0.23 -8.65
N TYR A 8 12.34 -0.16 -7.60
CA TYR A 8 11.94 -1.37 -6.87
C TYR A 8 10.94 -2.19 -7.69
N GLY A 9 9.85 -1.56 -8.08
CA GLY A 9 8.84 -2.26 -8.87
C GLY A 9 7.43 -1.78 -8.55
N SER A 10 6.56 -1.81 -9.56
CA SER A 10 5.18 -1.37 -9.39
C SER A 10 4.31 -2.50 -8.83
N GLU A 11 4.75 -3.74 -9.05
CA GLU A 11 4.02 -4.90 -8.58
C GLU A 11 4.85 -5.69 -7.56
N LYS A 12 4.22 -6.04 -6.45
CA LYS A 12 4.90 -6.80 -5.40
C LYS A 12 3.89 -7.55 -4.53
N LYS A 13 4.18 -8.81 -4.24
CA LYS A 13 3.31 -9.64 -3.41
C LYS A 13 4.04 -10.12 -2.16
N GLY A 14 3.48 -9.79 -1.00
CA GLY A 14 4.09 -10.20 0.25
C GLY A 14 3.07 -10.32 1.37
N TYR A 15 3.44 -9.83 2.55
CA TYR A 15 2.55 -9.89 3.71
C TYR A 15 2.69 -8.63 4.57
N LEU A 16 1.62 -8.30 5.28
CA LEU A 16 1.61 -7.11 6.13
C LEU A 16 0.74 -7.34 7.37
N LEU A 17 0.97 -6.54 8.40
CA LEU A 17 0.20 -6.65 9.64
C LEU A 17 -0.98 -5.68 9.64
N LYS A 18 -2.18 -6.23 9.82
CA LYS A 18 -3.39 -5.42 9.84
C LYS A 18 -3.66 -4.89 11.25
N LYS A 19 -4.01 -3.61 11.33
CA LYS A 19 -4.29 -2.98 12.62
C LYS A 19 -5.80 -2.91 12.87
N SER A 20 -6.26 -3.60 13.90
CA SER A 20 -7.68 -3.62 14.24
C SER A 20 -8.21 -2.21 14.43
N ASP A 21 -9.34 -1.92 13.81
CA ASP A 21 -9.96 -0.60 13.90
C ASP A 21 -10.99 -0.56 15.03
N GLY A 22 -11.18 0.61 15.61
CA GLY A 22 -12.15 0.76 16.69
C GLY A 22 -11.48 0.99 18.03
N ILE A 23 -11.98 0.30 19.06
CA ILE A 23 -11.43 0.44 20.40
C ILE A 23 -10.15 -0.39 20.55
N ARG A 24 -10.03 -1.43 19.74
CA ARG A 24 -8.85 -2.30 19.79
C ARG A 24 -7.93 -2.00 18.61
N LYS A 25 -6.62 -2.11 18.86
CA LYS A 25 -5.63 -1.86 17.82
C LYS A 25 -4.68 -3.04 17.68
N VAL A 26 -5.20 -4.25 17.90
CA VAL A 26 -4.39 -5.46 17.80
C VAL A 26 -3.83 -5.64 16.39
N TRP A 27 -2.62 -6.16 16.30
CA TRP A 27 -1.98 -6.38 15.01
C TRP A 27 -2.06 -7.85 14.61
N GLN A 28 -2.76 -8.12 13.50
CA GLN A 28 -2.91 -9.48 13.02
C GLN A 28 -2.23 -9.65 11.66
N ARG A 29 -1.59 -10.79 11.47
CA ARG A 29 -0.89 -11.08 10.22
C ARG A 29 -1.88 -11.43 9.11
N ARG A 30 -1.71 -10.80 7.96
CA ARG A 30 -2.59 -11.04 6.81
C ARG A 30 -1.82 -10.93 5.50
N LYS A 31 -2.15 -11.81 4.56
CA LYS A 31 -1.48 -11.82 3.26
C LYS A 31 -1.88 -10.59 2.44
N CYS A 32 -0.90 -9.96 1.81
CA CYS A 32 -1.15 -8.77 1.01
C CYS A 32 -0.67 -8.98 -0.43
N SER A 33 -1.18 -8.16 -1.34
CA SER A 33 -0.81 -8.26 -2.75
C SER A 33 -1.06 -6.95 -3.47
N VAL A 34 -0.12 -6.57 -4.34
CA VAL A 34 -0.24 -5.33 -5.10
C VAL A 34 0.02 -5.57 -6.58
N LYS A 35 -0.94 -5.20 -7.43
CA LYS A 35 -0.80 -5.37 -8.86
C LYS A 35 -1.73 -4.42 -9.61
N ASN A 36 -1.20 -3.81 -10.67
CA ASN A 36 -1.99 -2.87 -11.47
C ASN A 36 -2.51 -1.71 -10.62
N GLY A 37 -1.75 -1.38 -9.58
CA GLY A 37 -2.14 -0.29 -8.70
C GLY A 37 -3.33 -0.65 -7.82
N ILE A 38 -3.42 -1.92 -7.44
CA ILE A 38 -4.50 -2.39 -6.60
C ILE A 38 -3.98 -3.24 -5.45
N LEU A 39 -4.43 -2.92 -4.24
CA LEU A 39 -4.01 -3.64 -3.05
C LEU A 39 -5.12 -4.55 -2.54
N THR A 40 -4.95 -5.85 -2.72
CA THR A 40 -5.94 -6.83 -2.28
C THR A 40 -5.63 -7.35 -0.89
N ILE A 41 -6.62 -7.33 -0.01
CA ILE A 41 -6.45 -7.80 1.35
C ILE A 41 -7.25 -9.08 1.60
N SER A 42 -6.55 -10.20 1.77
CA SER A 42 -7.20 -11.48 2.02
C SER A 42 -8.21 -11.37 3.15
N HIS A 43 -9.43 -11.82 2.90
CA HIS A 43 -10.49 -11.77 3.91
C HIS A 43 -10.10 -12.56 5.15
N ALA A 44 -10.95 -12.52 6.16
CA ALA A 44 -10.69 -13.24 7.41
C ALA A 44 -11.78 -14.27 7.69
N THR A 45 -11.37 -15.49 8.03
CA THR A 45 -12.31 -16.55 8.32
C THR A 45 -13.32 -16.72 7.20
N SER A 46 -12.83 -16.74 5.96
CA SER A 46 -13.69 -16.88 4.79
C SER A 46 -15.04 -16.21 5.02
N ASN A 47 -15.01 -15.07 5.72
CA ASN A 47 -16.22 -14.32 6.00
C ASN A 47 -16.83 -13.76 4.73
N ARG A 48 -16.13 -12.82 4.09
CA ARG A 48 -16.61 -12.21 2.86
C ARG A 48 -15.44 -11.94 1.91
N GLN A 49 -15.75 -11.37 0.75
CA GLN A 49 -14.74 -11.06 -0.24
C GLN A 49 -13.69 -10.11 0.32
N PRO A 50 -12.48 -10.16 -0.25
CA PRO A 50 -11.37 -9.30 0.17
C PRO A 50 -11.59 -7.83 -0.18
N ALA A 51 -10.81 -6.95 0.44
CA ALA A 51 -10.93 -5.52 0.18
C ALA A 51 -9.82 -5.04 -0.73
N LYS A 52 -10.20 -4.46 -1.87
CA LYS A 52 -9.24 -3.95 -2.83
C LYS A 52 -9.15 -2.43 -2.78
N LEU A 53 -8.00 -1.92 -2.39
CA LEU A 53 -7.79 -0.47 -2.30
C LEU A 53 -7.09 0.06 -3.56
N ASN A 54 -7.60 1.16 -4.08
CA ASN A 54 -7.03 1.77 -5.27
C ASN A 54 -5.80 2.60 -4.92
N LEU A 55 -4.65 2.20 -5.46
CA LEU A 55 -3.39 2.89 -5.20
C LEU A 55 -3.27 4.13 -6.08
N LEU A 56 -4.13 4.22 -7.09
CA LEU A 56 -4.13 5.37 -8.00
C LEU A 56 -4.62 6.63 -7.30
N THR A 57 -5.24 6.44 -6.13
CA THR A 57 -5.75 7.57 -5.36
C THR A 57 -5.27 7.51 -3.92
N CYS A 58 -5.12 6.30 -3.40
CA CYS A 58 -4.66 6.11 -2.02
C CYS A 58 -3.31 6.76 -1.80
N GLN A 59 -3.13 7.36 -0.62
CA GLN A 59 -1.88 8.02 -0.29
C GLN A 59 -1.06 7.20 0.70
N VAL A 60 0.22 7.00 0.40
CA VAL A 60 1.09 6.22 1.26
C VAL A 60 1.97 7.14 2.11
N LYS A 61 1.54 7.39 3.34
CA LYS A 61 2.29 8.26 4.25
C LYS A 61 3.03 7.42 5.29
N PRO A 62 4.31 7.15 5.02
CA PRO A 62 5.16 6.36 5.92
C PRO A 62 5.49 7.11 7.21
N ASN A 63 5.09 6.54 8.34
CA ASN A 63 5.34 7.16 9.64
C ASN A 63 6.73 7.79 9.68
N ALA A 64 6.91 8.74 10.60
CA ALA A 64 8.19 9.43 10.73
C ALA A 64 9.01 8.83 11.87
N GLU A 65 8.45 8.85 13.08
CA GLU A 65 9.13 8.31 14.25
C GLU A 65 9.46 6.84 14.05
N ASP A 66 8.45 6.05 13.68
CA ASP A 66 8.63 4.63 13.47
C ASP A 66 9.04 4.34 12.03
N LYS A 67 10.10 3.57 11.86
CA LYS A 67 10.59 3.22 10.53
C LYS A 67 9.82 2.04 9.96
N LYS A 68 9.28 1.21 10.84
CA LYS A 68 8.51 0.05 10.41
C LYS A 68 7.01 0.29 10.56
N SER A 69 6.54 1.37 9.95
CA SER A 69 5.12 1.73 10.01
C SER A 69 4.74 2.69 8.88
N PHE A 70 3.57 2.47 8.30
CA PHE A 70 3.09 3.31 7.21
C PHE A 70 1.57 3.43 7.24
N ASP A 71 1.09 4.65 7.03
CA ASP A 71 -0.35 4.91 7.04
C ASP A 71 -0.89 5.05 5.62
N LEU A 72 -1.93 4.27 5.30
CA LEU A 72 -2.53 4.31 3.97
C LEU A 72 -3.82 5.11 3.98
N ILE A 73 -3.75 6.35 3.49
CA ILE A 73 -4.91 7.23 3.44
C ILE A 73 -5.77 6.91 2.23
N SER A 74 -6.94 6.32 2.48
CA SER A 74 -7.86 5.97 1.40
C SER A 74 -8.91 7.06 1.21
N HIS A 75 -9.34 7.25 -0.03
CA HIS A 75 -10.35 8.26 -0.35
C HIS A 75 -11.60 8.07 0.49
N ASN A 76 -11.71 6.89 1.13
CA ASN A 76 -12.85 6.58 1.97
C ASN A 76 -12.52 6.79 3.45
N ARG A 77 -11.32 6.36 3.84
CA ARG A 77 -10.88 6.50 5.21
C ARG A 77 -9.40 6.16 5.35
N THR A 78 -8.76 6.69 6.39
CA THR A 78 -7.34 6.44 6.62
C THR A 78 -7.14 5.10 7.32
N TYR A 79 -6.20 4.31 6.80
CA TYR A 79 -5.90 3.00 7.37
C TYR A 79 -4.50 2.98 7.98
N HIS A 80 -4.23 1.93 8.75
CA HIS A 80 -2.93 1.79 9.40
C HIS A 80 -2.32 0.43 9.11
N PHE A 81 -1.00 0.39 8.94
CA PHE A 81 -0.29 -0.85 8.65
C PHE A 81 1.09 -0.86 9.32
N GLN A 82 1.59 -2.06 9.59
CA GLN A 82 2.88 -2.22 10.22
C GLN A 82 3.67 -3.36 9.60
N ALA A 83 4.85 -3.04 9.08
CA ALA A 83 5.70 -4.04 8.44
C ALA A 83 6.34 -4.96 9.48
N GLU A 84 6.54 -6.23 9.12
CA GLU A 84 7.13 -7.20 10.02
C GLU A 84 8.62 -6.91 10.22
N ASP A 85 9.29 -6.55 9.13
CA ASP A 85 10.72 -6.25 9.18
C ASP A 85 11.01 -4.89 8.54
N GLU A 86 12.19 -4.36 8.83
CA GLU A 86 12.60 -3.07 8.27
C GLU A 86 12.69 -3.13 6.76
N GLN A 87 13.13 -4.27 6.24
CA GLN A 87 13.26 -4.45 4.80
C GLN A 87 11.90 -4.46 4.12
N ASP A 88 10.97 -5.23 4.69
CA ASP A 88 9.62 -5.32 4.13
C ASP A 88 9.00 -3.94 3.99
N TYR A 89 9.25 -3.07 4.97
CA TYR A 89 8.71 -1.72 4.96
C TYR A 89 9.29 -0.91 3.80
N VAL A 90 10.59 -0.65 3.87
CA VAL A 90 11.27 0.12 2.83
C VAL A 90 10.79 -0.29 1.44
N ALA A 91 10.66 -1.59 1.22
CA ALA A 91 10.20 -2.11 -0.06
C ALA A 91 8.75 -1.71 -0.32
N TRP A 92 7.85 -2.19 0.52
CA TRP A 92 6.43 -1.88 0.39
C TRP A 92 6.23 -0.44 -0.06
N ILE A 93 6.63 0.50 0.79
CA ILE A 93 6.49 1.92 0.49
C ILE A 93 6.89 2.22 -0.95
N SER A 94 8.02 1.65 -1.37
CA SER A 94 8.52 1.85 -2.74
C SER A 94 7.49 1.38 -3.76
N VAL A 95 6.91 0.21 -3.53
CA VAL A 95 5.91 -0.34 -4.43
C VAL A 95 4.61 0.45 -4.36
N LEU A 96 3.90 0.32 -3.25
CA LEU A 96 2.64 1.01 -3.05
C LEU A 96 2.66 2.37 -3.73
N THR A 97 3.72 3.14 -3.49
CA THR A 97 3.86 4.46 -4.09
C THR A 97 4.15 4.36 -5.58
N ASN A 98 5.01 3.43 -5.95
CA ASN A 98 5.37 3.22 -7.36
C ASN A 98 4.14 2.94 -8.20
N SER A 99 3.54 1.78 -7.98
CA SER A 99 2.34 1.38 -8.72
C SER A 99 1.45 2.59 -8.99
N LYS A 100 1.37 3.50 -8.03
CA LYS A 100 0.56 4.70 -8.16
C LYS A 100 1.00 5.53 -9.36
N GLU A 101 2.23 6.01 -9.31
CA GLU A 101 2.78 6.83 -10.40
C GLU A 101 2.89 6.01 -11.68
N GLU A 102 3.43 4.80 -11.56
CA GLU A 102 3.60 3.92 -12.71
C GLU A 102 2.26 3.69 -13.42
N ALA A 103 1.17 3.97 -12.71
CA ALA A 103 -0.16 3.79 -13.28
C ALA A 103 -0.64 5.07 -13.96
N LEU A 104 -0.31 6.21 -13.38
CA LEU A 104 -0.69 7.51 -13.93
C LEU A 104 0.20 7.88 -15.11
N THR A 105 1.50 7.96 -14.85
CA THR A 105 2.46 8.31 -15.89
C THR A 105 2.09 7.68 -17.22
N MET A 106 1.63 6.43 -17.16
CA MET A 106 1.25 5.70 -18.37
C MET A 106 -0.13 6.13 -18.84
N ALA A 107 -1.00 6.45 -17.89
CA ALA A 107 -2.36 6.88 -18.22
C ALA A 107 -2.35 8.21 -18.96
N PHE A 108 -1.53 9.15 -18.48
CA PHE A 108 -1.42 10.47 -19.10
C PHE A 108 -1.01 10.35 -20.57
N SER A 109 0.00 9.52 -20.82
CA SER A 109 0.50 9.32 -22.19
C SER A 109 -0.40 8.35 -22.95
N GLY A 110 -0.25 8.35 -24.28
CA GLY A 110 -1.05 7.48 -25.10
C GLY A 110 -0.37 7.13 -26.42
N PRO A 111 0.73 6.37 -26.33
CA PRO A 111 1.50 5.97 -27.50
C PRO A 111 0.76 4.95 -28.35
N SER A 112 0.72 5.20 -29.66
CA SER A 112 0.03 4.30 -30.59
C SER A 112 0.46 4.58 -32.02
N SER A 113 0.44 3.53 -32.85
CA SER A 113 0.83 3.66 -34.25
C SER A 113 0.07 4.79 -34.92
N GLY A 114 0.67 5.37 -35.97
CA GLY A 114 0.03 6.45 -36.69
C GLY A 114 -0.29 6.09 -38.12
N GLY A 1 14.03 7.14 -2.61
CA GLY A 1 14.95 8.11 -3.19
C GLY A 1 16.22 8.26 -2.38
N SER A 2 16.90 7.15 -2.13
CA SER A 2 18.14 7.17 -1.36
C SER A 2 19.35 7.29 -2.28
N SER A 3 20.53 7.48 -1.68
CA SER A 3 21.76 7.63 -2.45
C SER A 3 21.76 6.71 -3.67
N GLY A 4 21.83 7.31 -4.85
CA GLY A 4 21.82 6.53 -6.08
C GLY A 4 20.48 6.55 -6.77
N SER A 5 20.04 5.38 -7.25
CA SER A 5 18.77 5.27 -7.95
C SER A 5 17.90 4.18 -7.33
N SER A 6 16.70 4.56 -6.88
CA SER A 6 15.79 3.61 -6.26
C SER A 6 14.78 3.08 -7.28
N GLY A 7 13.91 2.18 -6.84
CA GLY A 7 12.91 1.62 -7.72
C GLY A 7 12.78 0.12 -7.57
N TYR A 8 12.12 -0.31 -6.48
CA TYR A 8 11.94 -1.73 -6.22
C TYR A 8 11.05 -2.38 -7.28
N GLY A 9 9.88 -1.81 -7.48
CA GLY A 9 8.96 -2.34 -8.47
C GLY A 9 7.52 -1.93 -8.21
N SER A 10 6.70 -1.92 -9.25
CA SER A 10 5.29 -1.53 -9.13
C SER A 10 4.47 -2.68 -8.54
N GLU A 11 4.98 -3.90 -8.69
CA GLU A 11 4.29 -5.08 -8.17
C GLU A 11 5.05 -5.66 -6.98
N LYS A 12 4.31 -6.17 -6.00
CA LYS A 12 4.91 -6.77 -4.81
C LYS A 12 3.94 -7.75 -4.15
N LYS A 13 4.49 -8.71 -3.42
CA LYS A 13 3.68 -9.70 -2.72
C LYS A 13 4.29 -10.08 -1.38
N GLY A 14 3.45 -10.38 -0.41
CA GLY A 14 3.93 -10.75 0.91
C GLY A 14 2.84 -10.71 1.96
N TYR A 15 3.17 -10.17 3.14
CA TYR A 15 2.21 -10.08 4.22
C TYR A 15 2.42 -8.78 5.01
N LEU A 16 1.32 -8.24 5.53
CA LEU A 16 1.37 -7.00 6.31
C LEU A 16 0.47 -7.09 7.52
N LEU A 17 0.89 -6.44 8.62
CA LEU A 17 0.12 -6.45 9.85
C LEU A 17 -0.92 -5.32 9.85
N LYS A 18 -2.11 -5.63 10.34
CA LYS A 18 -3.19 -4.65 10.41
C LYS A 18 -3.66 -4.44 11.84
N LYS A 19 -3.70 -3.18 12.27
CA LYS A 19 -4.14 -2.86 13.62
C LYS A 19 -5.65 -3.01 13.76
N SER A 20 -6.06 -3.87 14.69
CA SER A 20 -7.49 -4.11 14.92
C SER A 20 -8.16 -2.88 15.51
N ASP A 21 -9.44 -2.72 15.24
CA ASP A 21 -10.21 -1.59 15.74
C ASP A 21 -11.41 -2.06 16.55
N GLY A 22 -11.32 -1.90 17.88
CA GLY A 22 -12.40 -2.32 18.75
C GLY A 22 -11.97 -2.39 20.20
N ILE A 23 -12.14 -3.56 20.81
CA ILE A 23 -11.77 -3.75 22.21
C ILE A 23 -10.28 -3.56 22.41
N ARG A 24 -9.48 -4.14 21.53
CA ARG A 24 -8.02 -4.03 21.61
C ARG A 24 -7.42 -3.71 20.24
N LYS A 25 -6.30 -3.00 20.25
CA LYS A 25 -5.63 -2.63 19.02
C LYS A 25 -4.46 -3.57 18.72
N VAL A 26 -4.77 -4.86 18.61
CA VAL A 26 -3.76 -5.87 18.32
C VAL A 26 -3.37 -5.86 16.85
N TRP A 27 -2.15 -6.30 16.57
CA TRP A 27 -1.66 -6.34 15.20
C TRP A 27 -1.69 -7.77 14.64
N GLN A 28 -2.47 -7.96 13.58
CA GLN A 28 -2.59 -9.28 12.96
C GLN A 28 -2.09 -9.25 11.52
N ARG A 29 -1.31 -10.27 11.15
CA ARG A 29 -0.77 -10.36 9.81
C ARG A 29 -1.83 -10.82 8.82
N ARG A 30 -1.93 -10.12 7.69
CA ARG A 30 -2.90 -10.47 6.66
C ARG A 30 -2.25 -10.55 5.28
N LYS A 31 -2.65 -11.54 4.51
CA LYS A 31 -2.09 -11.74 3.17
C LYS A 31 -2.38 -10.52 2.29
N CYS A 32 -1.32 -9.80 1.93
CA CYS A 32 -1.46 -8.61 1.08
C CYS A 32 -0.87 -8.85 -0.29
N SER A 33 -1.31 -8.06 -1.27
CA SER A 33 -0.82 -8.20 -2.64
C SER A 33 -1.03 -6.90 -3.42
N VAL A 34 0.04 -6.42 -4.06
CA VAL A 34 -0.02 -5.19 -4.83
C VAL A 34 0.32 -5.45 -6.30
N LYS A 35 -0.63 -5.14 -7.18
CA LYS A 35 -0.43 -5.34 -8.62
C LYS A 35 -1.37 -4.45 -9.42
N ASN A 36 -0.84 -3.86 -10.49
CA ASN A 36 -1.63 -2.98 -11.34
C ASN A 36 -2.18 -1.80 -10.55
N GLY A 37 -1.44 -1.38 -9.53
CA GLY A 37 -1.88 -0.26 -8.71
C GLY A 37 -3.07 -0.61 -7.85
N ILE A 38 -3.12 -1.85 -7.37
CA ILE A 38 -4.22 -2.30 -6.53
C ILE A 38 -3.72 -3.19 -5.39
N LEU A 39 -4.17 -2.88 -4.17
CA LEU A 39 -3.75 -3.64 -2.99
C LEU A 39 -4.92 -4.47 -2.46
N THR A 40 -4.94 -5.74 -2.82
CA THR A 40 -6.00 -6.64 -2.37
C THR A 40 -5.74 -7.14 -0.95
N ILE A 41 -6.81 -7.32 -0.19
CA ILE A 41 -6.69 -7.78 1.19
C ILE A 41 -7.59 -8.99 1.43
N SER A 42 -6.98 -10.15 1.63
CA SER A 42 -7.72 -11.38 1.88
C SER A 42 -8.71 -11.20 3.02
N HIS A 43 -9.65 -12.12 3.13
CA HIS A 43 -10.66 -12.07 4.19
C HIS A 43 -10.07 -11.52 5.48
N ALA A 44 -10.47 -10.31 5.84
CA ALA A 44 -9.99 -9.67 7.06
C ALA A 44 -11.14 -9.24 7.96
N THR A 45 -12.25 -8.87 7.34
CA THR A 45 -13.43 -8.44 8.10
C THR A 45 -14.63 -9.32 7.80
N SER A 46 -15.73 -9.07 8.49
CA SER A 46 -16.95 -9.85 8.29
C SER A 46 -17.49 -9.68 6.88
N ASN A 47 -17.01 -10.51 5.96
CA ASN A 47 -17.44 -10.43 4.57
C ASN A 47 -16.88 -11.62 3.77
N ARG A 48 -17.34 -11.75 2.53
CA ARG A 48 -16.89 -12.83 1.66
C ARG A 48 -15.85 -12.33 0.67
N GLN A 49 -16.13 -11.20 0.04
CA GLN A 49 -15.22 -10.62 -0.93
C GLN A 49 -14.13 -9.80 -0.24
N PRO A 50 -12.90 -9.90 -0.76
CA PRO A 50 -11.74 -9.19 -0.21
C PRO A 50 -11.83 -7.68 -0.45
N ALA A 51 -10.90 -6.94 0.14
CA ALA A 51 -10.87 -5.49 -0.02
C ALA A 51 -9.89 -5.08 -1.11
N LYS A 52 -10.37 -4.27 -2.05
CA LYS A 52 -9.53 -3.80 -3.15
C LYS A 52 -9.30 -2.30 -3.05
N LEU A 53 -8.05 -1.91 -2.82
CA LEU A 53 -7.69 -0.51 -2.71
C LEU A 53 -7.15 0.03 -4.02
N ASN A 54 -7.32 1.32 -4.25
CA ASN A 54 -6.85 1.96 -5.47
C ASN A 54 -5.56 2.74 -5.22
N LEU A 55 -4.43 2.11 -5.49
CA LEU A 55 -3.13 2.73 -5.29
C LEU A 55 -2.97 3.95 -6.20
N LEU A 56 -3.87 4.08 -7.18
CA LEU A 56 -3.82 5.20 -8.11
C LEU A 56 -4.23 6.50 -7.42
N THR A 57 -5.10 6.38 -6.43
CA THR A 57 -5.56 7.55 -5.68
C THR A 57 -5.34 7.38 -4.19
N CYS A 58 -4.47 6.44 -3.83
CA CYS A 58 -4.17 6.18 -2.42
C CYS A 58 -3.10 7.13 -1.91
N GLN A 59 -3.12 7.39 -0.60
CA GLN A 59 -2.16 8.30 0.01
C GLN A 59 -1.27 7.55 1.00
N VAL A 60 -0.03 7.28 0.59
CA VAL A 60 0.92 6.57 1.43
C VAL A 60 1.64 7.54 2.36
N LYS A 61 1.24 7.53 3.63
CA LYS A 61 1.84 8.41 4.63
C LYS A 61 2.73 7.61 5.58
N PRO A 62 4.02 7.50 5.24
CA PRO A 62 4.99 6.77 6.06
C PRO A 62 5.29 7.47 7.37
N ASN A 63 5.53 6.69 8.42
CA ASN A 63 5.82 7.24 9.74
C ASN A 63 7.23 7.85 9.77
N ALA A 64 7.45 8.74 10.73
CA ALA A 64 8.75 9.39 10.87
C ALA A 64 9.34 9.15 12.26
N GLU A 65 8.56 9.50 13.29
CA GLU A 65 9.02 9.33 14.67
C GLU A 65 9.57 7.92 14.89
N ASP A 66 8.94 6.94 14.26
CA ASP A 66 9.37 5.55 14.38
C ASP A 66 9.78 4.98 13.03
N LYS A 67 10.14 3.70 13.01
CA LYS A 67 10.55 3.04 11.78
C LYS A 67 9.68 1.82 11.49
N LYS A 68 9.62 1.43 10.23
CA LYS A 68 8.82 0.27 9.82
C LYS A 68 7.34 0.49 10.12
N SER A 69 6.81 1.62 9.64
CA SER A 69 5.41 1.96 9.85
C SER A 69 4.91 2.90 8.77
N PHE A 70 3.66 2.72 8.38
CA PHE A 70 3.04 3.55 7.34
C PHE A 70 1.52 3.47 7.41
N ASP A 71 0.87 4.61 7.18
CA ASP A 71 -0.59 4.67 7.22
C ASP A 71 -1.16 4.89 5.81
N LEU A 72 -2.04 3.99 5.39
CA LEU A 72 -2.65 4.08 4.07
C LEU A 72 -4.03 4.73 4.16
N ILE A 73 -4.12 5.96 3.66
CA ILE A 73 -5.39 6.70 3.68
C ILE A 73 -6.19 6.43 2.41
N SER A 74 -7.35 5.81 2.56
CA SER A 74 -8.21 5.52 1.43
C SER A 74 -9.31 6.57 1.27
N HIS A 75 -10.17 6.38 0.27
CA HIS A 75 -11.26 7.31 0.02
C HIS A 75 -12.19 7.40 1.24
N ASN A 76 -12.07 8.50 1.97
CA ASN A 76 -12.90 8.72 3.15
C ASN A 76 -12.70 7.59 4.17
N ARG A 77 -11.45 7.20 4.36
CA ARG A 77 -11.12 6.14 5.30
C ARG A 77 -9.61 6.02 5.51
N THR A 78 -9.21 5.60 6.70
CA THR A 78 -7.79 5.46 7.02
C THR A 78 -7.45 4.02 7.38
N TYR A 79 -6.29 3.55 6.92
CA TYR A 79 -5.86 2.19 7.21
C TYR A 79 -4.54 2.19 7.98
N HIS A 80 -4.36 1.20 8.84
CA HIS A 80 -3.14 1.07 9.63
C HIS A 80 -2.38 -0.19 9.26
N PHE A 81 -1.13 -0.02 8.83
CA PHE A 81 -0.30 -1.16 8.44
C PHE A 81 1.08 -1.07 9.11
N GLN A 82 1.67 -2.23 9.37
CA GLN A 82 2.98 -2.29 10.00
C GLN A 82 3.84 -3.38 9.38
N ALA A 83 5.04 -3.01 8.95
CA ALA A 83 5.96 -3.97 8.34
C ALA A 83 6.68 -4.81 9.41
N GLU A 84 7.05 -6.03 9.04
CA GLU A 84 7.73 -6.93 9.96
C GLU A 84 9.22 -6.60 10.02
N ASP A 85 9.84 -6.45 8.85
CA ASP A 85 11.27 -6.15 8.76
C ASP A 85 11.51 -4.95 7.85
N GLU A 86 12.70 -4.37 7.96
CA GLU A 86 13.05 -3.21 7.14
C GLU A 86 13.01 -3.56 5.66
N GLN A 87 13.46 -4.76 5.32
CA GLN A 87 13.47 -5.22 3.94
C GLN A 87 12.06 -5.21 3.35
N ASP A 88 11.07 -5.47 4.20
CA ASP A 88 9.68 -5.48 3.77
C ASP A 88 9.12 -4.07 3.67
N TYR A 89 9.46 -3.23 4.64
CA TYR A 89 8.99 -1.86 4.66
C TYR A 89 9.58 -1.05 3.51
N VAL A 90 10.91 -1.10 3.38
CA VAL A 90 11.59 -0.38 2.32
C VAL A 90 11.00 -0.71 0.96
N ALA A 91 10.53 -1.94 0.80
CA ALA A 91 9.94 -2.37 -0.45
C ALA A 91 8.54 -1.79 -0.63
N TRP A 92 7.62 -2.17 0.25
CA TRP A 92 6.25 -1.68 0.18
C TRP A 92 6.22 -0.21 -0.24
N ILE A 93 6.67 0.67 0.65
CA ILE A 93 6.71 2.10 0.36
C ILE A 93 7.09 2.36 -1.09
N SER A 94 8.22 1.80 -1.50
CA SER A 94 8.71 1.97 -2.87
C SER A 94 7.65 1.55 -3.89
N VAL A 95 7.04 0.40 -3.64
CA VAL A 95 6.01 -0.12 -4.53
C VAL A 95 4.74 0.73 -4.46
N LEU A 96 4.04 0.65 -3.33
CA LEU A 96 2.81 1.42 -3.14
C LEU A 96 2.89 2.77 -3.86
N THR A 97 3.99 3.49 -3.63
CA THR A 97 4.19 4.79 -4.26
C THR A 97 4.41 4.65 -5.77
N ASN A 98 5.32 3.75 -6.15
CA ASN A 98 5.62 3.53 -7.56
C ASN A 98 4.37 3.12 -8.32
N SER A 99 3.80 1.97 -7.95
CA SER A 99 2.60 1.46 -8.60
C SER A 99 1.63 2.60 -8.90
N LYS A 100 1.55 3.56 -8.00
CA LYS A 100 0.66 4.70 -8.17
C LYS A 100 1.04 5.51 -9.39
N GLU A 101 2.25 6.06 -9.38
CA GLU A 101 2.72 6.86 -10.51
C GLU A 101 2.82 6.02 -11.78
N GLU A 102 3.50 4.89 -11.69
CA GLU A 102 3.66 4.00 -12.83
C GLU A 102 2.33 3.81 -13.57
N ALA A 103 1.24 3.92 -12.83
CA ALA A 103 -0.10 3.77 -13.40
C ALA A 103 -0.51 5.03 -14.16
N LEU A 104 -0.24 6.18 -13.57
CA LEU A 104 -0.59 7.46 -14.18
C LEU A 104 0.32 7.76 -15.37
N THR A 105 1.63 7.71 -15.13
CA THR A 105 2.61 7.98 -16.18
C THR A 105 2.28 7.20 -17.45
N MET A 106 1.76 5.99 -17.28
CA MET A 106 1.40 5.15 -18.42
C MET A 106 0.04 5.56 -18.98
N ALA A 107 -0.77 6.23 -18.16
CA ALA A 107 -2.09 6.68 -18.58
C ALA A 107 -1.98 7.97 -19.40
N PHE A 108 -3.12 8.41 -19.93
CA PHE A 108 -3.17 9.62 -20.74
C PHE A 108 -3.89 10.74 -19.99
N SER A 109 -3.27 11.92 -19.97
CA SER A 109 -3.84 13.08 -19.28
C SER A 109 -3.28 14.38 -19.84
N GLY A 110 -3.92 15.49 -19.51
CA GLY A 110 -3.47 16.78 -19.98
C GLY A 110 -3.78 17.00 -21.45
N PRO A 111 -3.46 18.21 -21.95
CA PRO A 111 -3.70 18.57 -23.35
C PRO A 111 -2.80 17.80 -24.32
N SER A 112 -1.81 17.10 -23.77
CA SER A 112 -0.88 16.33 -24.58
C SER A 112 -1.47 14.98 -24.96
N SER A 113 -0.92 14.38 -26.01
CA SER A 113 -1.40 13.10 -26.49
C SER A 113 -2.92 13.06 -26.54
N GLY A 114 -3.51 14.11 -27.10
CA GLY A 114 -4.96 14.18 -27.20
C GLY A 114 -5.42 15.34 -28.07
N GLY A 1 22.86 6.84 6.86
CA GLY A 1 22.09 5.94 6.02
C GLY A 1 22.33 6.17 4.54
N SER A 2 21.38 5.74 3.71
CA SER A 2 21.51 5.90 2.27
C SER A 2 20.13 5.91 1.60
N SER A 3 19.84 6.96 0.84
CA SER A 3 18.57 7.08 0.15
C SER A 3 18.74 6.93 -1.35
N GLY A 4 18.54 5.71 -1.85
CA GLY A 4 18.68 5.46 -3.27
C GLY A 4 17.72 4.39 -3.76
N SER A 5 16.45 4.75 -3.86
CA SER A 5 15.43 3.81 -4.32
C SER A 5 15.51 3.61 -5.83
N SER A 6 16.33 2.64 -6.25
CA SER A 6 16.49 2.36 -7.66
C SER A 6 15.33 1.55 -8.20
N GLY A 7 14.18 2.21 -8.38
CA GLY A 7 13.00 1.52 -8.88
C GLY A 7 12.89 0.10 -8.37
N TYR A 8 12.44 -0.03 -7.12
CA TYR A 8 12.28 -1.34 -6.51
C TYR A 8 11.33 -2.22 -7.32
N GLY A 9 10.12 -1.71 -7.56
CA GLY A 9 9.14 -2.46 -8.32
C GLY A 9 7.72 -1.97 -8.08
N SER A 10 6.87 -2.13 -9.08
CA SER A 10 5.48 -1.70 -8.98
C SER A 10 4.59 -2.84 -8.48
N GLU A 11 4.96 -4.07 -8.83
CA GLU A 11 4.20 -5.24 -8.43
C GLU A 11 4.92 -5.99 -7.30
N LYS A 12 4.13 -6.51 -6.36
CA LYS A 12 4.69 -7.24 -5.23
C LYS A 12 3.60 -8.00 -4.49
N LYS A 13 3.94 -9.18 -3.98
CA LYS A 13 2.99 -10.01 -3.25
C LYS A 13 3.63 -10.61 -2.00
N GLY A 14 3.05 -10.32 -0.84
CA GLY A 14 3.59 -10.84 0.41
C GLY A 14 2.58 -10.79 1.54
N TYR A 15 3.02 -10.34 2.70
CA TYR A 15 2.15 -10.24 3.87
C TYR A 15 2.48 -9.00 4.70
N LEU A 16 1.49 -8.48 5.41
CA LEU A 16 1.68 -7.31 6.25
C LEU A 16 0.82 -7.39 7.51
N LEU A 17 1.02 -6.43 8.41
CA LEU A 17 0.27 -6.39 9.66
C LEU A 17 -0.68 -5.20 9.69
N LYS A 18 -1.90 -5.43 10.17
CA LYS A 18 -2.91 -4.38 10.26
C LYS A 18 -3.29 -4.11 11.70
N LYS A 19 -3.24 -2.84 12.09
CA LYS A 19 -3.59 -2.45 13.46
C LYS A 19 -5.04 -2.02 13.54
N SER A 20 -5.86 -2.85 14.18
CA SER A 20 -7.29 -2.56 14.33
C SER A 20 -7.49 -1.18 14.94
N ASP A 21 -8.15 -0.30 14.18
CA ASP A 21 -8.42 1.06 14.64
C ASP A 21 -9.83 1.17 15.22
N GLY A 22 -9.95 1.81 16.37
CA GLY A 22 -11.25 1.98 17.00
C GLY A 22 -11.16 2.05 18.51
N ILE A 23 -11.11 0.91 19.16
CA ILE A 23 -11.02 0.85 20.62
C ILE A 23 -9.70 0.20 21.07
N ARG A 24 -9.35 -0.91 20.44
CA ARG A 24 -8.12 -1.62 20.77
C ARG A 24 -7.19 -1.69 19.56
N LYS A 25 -5.90 -1.59 19.82
CA LYS A 25 -4.90 -1.64 18.75
C LYS A 25 -4.16 -2.97 18.76
N VAL A 26 -4.48 -3.83 17.79
CA VAL A 26 -3.85 -5.14 17.69
C VAL A 26 -3.34 -5.39 16.27
N TRP A 27 -2.12 -5.89 16.17
CA TRP A 27 -1.51 -6.16 14.88
C TRP A 27 -1.77 -7.61 14.46
N GLN A 28 -2.58 -7.78 13.42
CA GLN A 28 -2.91 -9.11 12.92
C GLN A 28 -2.31 -9.34 11.54
N ARG A 29 -1.62 -10.47 11.37
CA ARG A 29 -1.01 -10.80 10.10
C ARG A 29 -2.05 -10.99 9.01
N ARG A 30 -1.88 -10.30 7.89
CA ARG A 30 -2.82 -10.40 6.78
C ARG A 30 -2.07 -10.48 5.45
N LYS A 31 -2.69 -11.13 4.47
CA LYS A 31 -2.10 -11.27 3.15
C LYS A 31 -2.34 -10.03 2.29
N CYS A 32 -1.27 -9.49 1.72
CA CYS A 32 -1.36 -8.31 0.88
C CYS A 32 -0.92 -8.61 -0.54
N SER A 33 -1.39 -7.80 -1.49
CA SER A 33 -1.05 -7.99 -2.90
C SER A 33 -1.23 -6.70 -3.67
N VAL A 34 -0.23 -6.33 -4.46
CA VAL A 34 -0.28 -5.11 -5.26
C VAL A 34 -0.09 -5.41 -6.74
N LYS A 35 -1.09 -5.08 -7.55
CA LYS A 35 -1.03 -5.31 -8.99
C LYS A 35 -1.87 -4.30 -9.74
N ASN A 36 -1.24 -3.58 -10.67
CA ASN A 36 -1.94 -2.57 -11.46
C ASN A 36 -2.46 -1.45 -10.58
N GLY A 37 -1.64 -1.01 -9.63
CA GLY A 37 -2.04 0.05 -8.72
C GLY A 37 -3.23 -0.34 -7.87
N ILE A 38 -3.38 -1.63 -7.62
CA ILE A 38 -4.49 -2.13 -6.81
C ILE A 38 -3.99 -2.96 -5.65
N LEU A 39 -4.46 -2.66 -4.44
CA LEU A 39 -4.06 -3.40 -3.25
C LEU A 39 -5.22 -4.20 -2.69
N THR A 40 -5.13 -5.52 -2.80
CA THR A 40 -6.17 -6.41 -2.30
C THR A 40 -5.89 -6.84 -0.86
N ILE A 41 -6.91 -6.79 -0.02
CA ILE A 41 -6.77 -7.18 1.38
C ILE A 41 -7.58 -8.43 1.68
N SER A 42 -6.89 -9.54 1.94
CA SER A 42 -7.55 -10.80 2.24
C SER A 42 -8.24 -10.74 3.60
N HIS A 43 -9.33 -11.50 3.73
CA HIS A 43 -10.08 -11.53 4.99
C HIS A 43 -10.11 -12.94 5.56
N ALA A 44 -10.35 -13.92 4.71
CA ALA A 44 -10.41 -15.31 5.14
C ALA A 44 -10.28 -16.26 3.94
N THR A 45 -9.99 -17.53 4.23
CA THR A 45 -9.84 -18.53 3.18
C THR A 45 -11.19 -19.06 2.73
N SER A 46 -11.38 -19.13 1.41
CA SER A 46 -12.64 -19.62 0.86
C SER A 46 -13.82 -18.78 1.33
N ASN A 47 -13.69 -17.46 1.18
CA ASN A 47 -14.74 -16.54 1.60
C ASN A 47 -15.14 -15.61 0.45
N ARG A 48 -16.01 -14.65 0.75
CA ARG A 48 -16.47 -13.70 -0.26
C ARG A 48 -15.29 -12.91 -0.83
N GLN A 49 -15.53 -12.22 -1.93
CA GLN A 49 -14.50 -11.42 -2.57
C GLN A 49 -13.85 -10.47 -1.59
N PRO A 50 -12.52 -10.35 -1.67
CA PRO A 50 -11.74 -9.47 -0.79
C PRO A 50 -12.00 -7.99 -1.06
N ALA A 51 -11.21 -7.13 -0.44
CA ALA A 51 -11.34 -5.69 -0.62
C ALA A 51 -10.36 -5.18 -1.66
N LYS A 52 -10.83 -4.31 -2.54
CA LYS A 52 -10.00 -3.73 -3.58
C LYS A 52 -9.73 -2.25 -3.32
N LEU A 53 -8.45 -1.89 -3.22
CA LEU A 53 -8.07 -0.51 -2.97
C LEU A 53 -7.38 0.09 -4.19
N ASN A 54 -7.66 1.36 -4.47
CA ASN A 54 -7.06 2.05 -5.60
C ASN A 54 -5.86 2.87 -5.17
N LEU A 55 -4.67 2.41 -5.55
CA LEU A 55 -3.44 3.10 -5.20
C LEU A 55 -3.36 4.46 -5.88
N LEU A 56 -4.06 4.59 -7.01
CA LEU A 56 -4.07 5.85 -7.76
C LEU A 56 -4.67 6.97 -6.92
N THR A 57 -5.23 6.62 -5.77
CA THR A 57 -5.84 7.60 -4.88
C THR A 57 -5.36 7.41 -3.45
N CYS A 58 -5.09 6.17 -3.07
CA CYS A 58 -4.62 5.85 -1.73
C CYS A 58 -3.56 6.85 -1.27
N GLN A 59 -3.53 7.13 0.02
CA GLN A 59 -2.56 8.06 0.58
C GLN A 59 -1.59 7.36 1.50
N VAL A 60 -0.36 7.14 1.02
CA VAL A 60 0.66 6.45 1.80
C VAL A 60 1.35 7.43 2.74
N LYS A 61 1.05 7.31 4.04
CA LYS A 61 1.64 8.18 5.05
C LYS A 61 2.69 7.42 5.86
N PRO A 62 3.94 7.44 5.37
CA PRO A 62 5.06 6.76 6.05
C PRO A 62 5.46 7.45 7.36
N ASN A 63 5.21 6.77 8.46
CA ASN A 63 5.53 7.31 9.78
C ASN A 63 6.92 7.94 9.78
N ALA A 64 7.14 8.89 10.68
CA ALA A 64 8.42 9.58 10.79
C ALA A 64 9.19 9.10 12.00
N GLU A 65 8.61 9.29 13.18
CA GLU A 65 9.25 8.88 14.43
C GLU A 65 9.68 7.41 14.37
N ASP A 66 8.99 6.64 13.54
CA ASP A 66 9.29 5.23 13.38
C ASP A 66 10.29 5.00 12.24
N LYS A 67 10.58 3.73 11.96
CA LYS A 67 11.52 3.39 10.90
C LYS A 67 10.85 2.51 9.84
N LYS A 68 10.07 1.53 10.30
CA LYS A 68 9.37 0.63 9.40
C LYS A 68 7.86 0.66 9.66
N SER A 69 7.27 1.83 9.50
CA SER A 69 5.84 2.00 9.73
C SER A 69 5.23 2.91 8.66
N PHE A 70 4.02 2.57 8.22
CA PHE A 70 3.33 3.36 7.21
C PHE A 70 1.82 3.22 7.35
N ASP A 71 1.11 4.33 7.19
CA ASP A 71 -0.35 4.32 7.31
C ASP A 71 -1.00 4.50 5.93
N LEU A 72 -2.05 3.73 5.68
CA LEU A 72 -2.75 3.81 4.40
C LEU A 72 -4.14 4.42 4.58
N ILE A 73 -4.34 5.62 4.05
CA ILE A 73 -5.62 6.31 4.16
C ILE A 73 -6.48 6.06 2.91
N SER A 74 -7.64 5.45 3.12
CA SER A 74 -8.55 5.15 2.02
C SER A 74 -9.78 6.06 2.08
N HIS A 75 -10.26 6.45 0.91
CA HIS A 75 -11.42 7.32 0.80
C HIS A 75 -12.52 6.86 1.76
N ASN A 76 -12.47 5.59 2.16
CA ASN A 76 -13.46 5.03 3.06
C ASN A 76 -13.09 5.31 4.51
N ARG A 77 -11.82 5.10 4.85
CA ARG A 77 -11.33 5.35 6.20
C ARG A 77 -9.81 5.22 6.26
N THR A 78 -9.23 5.63 7.39
CA THR A 78 -7.79 5.57 7.57
C THR A 78 -7.37 4.23 8.16
N TYR A 79 -6.34 3.63 7.57
CA TYR A 79 -5.84 2.34 8.03
C TYR A 79 -4.37 2.44 8.43
N HIS A 80 -3.96 1.58 9.36
CA HIS A 80 -2.58 1.57 9.84
C HIS A 80 -1.93 0.22 9.55
N PHE A 81 -0.78 0.26 8.89
CA PHE A 81 -0.04 -0.95 8.56
C PHE A 81 1.34 -0.96 9.20
N GLN A 82 1.91 -2.15 9.38
CA GLN A 82 3.23 -2.27 9.98
C GLN A 82 4.01 -3.42 9.34
N ALA A 83 5.26 -3.14 9.01
CA ALA A 83 6.12 -4.15 8.39
C ALA A 83 6.81 -5.01 9.43
N GLU A 84 7.06 -6.27 9.09
CA GLU A 84 7.72 -7.20 10.00
C GLU A 84 9.21 -6.91 10.10
N ASP A 85 9.85 -6.68 8.95
CA ASP A 85 11.27 -6.38 8.92
C ASP A 85 11.53 -5.05 8.22
N GLU A 86 12.36 -4.22 8.83
CA GLU A 86 12.69 -2.91 8.27
C GLU A 86 12.91 -3.01 6.76
N GLN A 87 13.37 -4.17 6.31
CA GLN A 87 13.62 -4.39 4.89
C GLN A 87 12.32 -4.39 4.10
N ASP A 88 11.29 -5.04 4.65
CA ASP A 88 9.99 -5.10 4.00
C ASP A 88 9.42 -3.71 3.78
N TYR A 89 9.40 -2.92 4.85
CA TYR A 89 8.87 -1.56 4.77
C TYR A 89 9.47 -0.79 3.61
N VAL A 90 10.77 -0.51 3.71
CA VAL A 90 11.47 0.22 2.66
C VAL A 90 10.95 -0.18 1.27
N ALA A 91 10.71 -1.46 1.08
CA ALA A 91 10.21 -1.97 -0.19
C ALA A 91 8.76 -1.54 -0.42
N TRP A 92 7.88 -1.92 0.49
CA TRP A 92 6.47 -1.57 0.38
C TRP A 92 6.30 -0.13 -0.07
N ILE A 93 6.73 0.80 0.76
CA ILE A 93 6.61 2.23 0.44
C ILE A 93 7.06 2.49 -1.00
N SER A 94 8.19 1.92 -1.38
CA SER A 94 8.72 2.10 -2.72
C SER A 94 7.73 1.59 -3.77
N VAL A 95 7.15 0.43 -3.50
CA VAL A 95 6.19 -0.18 -4.42
C VAL A 95 4.88 0.62 -4.45
N LEU A 96 4.14 0.56 -3.34
CA LEU A 96 2.87 1.27 -3.24
C LEU A 96 2.92 2.59 -4.01
N THR A 97 3.96 3.38 -3.77
CA THR A 97 4.13 4.66 -4.44
C THR A 97 4.50 4.46 -5.90
N ASN A 98 5.55 3.68 -6.14
CA ASN A 98 6.00 3.41 -7.50
C ASN A 98 4.83 3.08 -8.41
N SER A 99 4.23 1.91 -8.19
CA SER A 99 3.09 1.47 -8.99
C SER A 99 2.20 2.65 -9.36
N LYS A 100 1.89 3.48 -8.37
CA LYS A 100 1.04 4.64 -8.58
C LYS A 100 1.45 5.40 -9.84
N GLU A 101 2.66 5.95 -9.83
CA GLU A 101 3.17 6.69 -10.97
C GLU A 101 3.30 5.79 -12.20
N GLU A 102 3.91 4.63 -12.01
CA GLU A 102 4.10 3.68 -13.11
C GLU A 102 2.77 3.33 -13.75
N ALA A 103 1.68 3.63 -13.05
CA ALA A 103 0.35 3.35 -13.55
C ALA A 103 -0.24 4.56 -14.27
N LEU A 104 0.09 5.75 -13.78
CA LEU A 104 -0.39 6.98 -14.38
C LEU A 104 0.39 7.33 -15.64
N THR A 105 1.72 7.27 -15.54
CA THR A 105 2.59 7.58 -16.67
C THR A 105 2.17 6.80 -17.91
N MET A 106 1.88 5.51 -17.73
CA MET A 106 1.46 4.66 -18.84
C MET A 106 0.06 5.01 -19.30
N ALA A 107 -0.81 5.39 -18.35
CA ALA A 107 -2.18 5.76 -18.66
C ALA A 107 -2.24 7.07 -19.44
N PHE A 108 -3.29 7.24 -20.22
CA PHE A 108 -3.47 8.45 -21.03
C PHE A 108 -3.96 9.60 -20.16
N SER A 109 -3.04 10.50 -19.80
CA SER A 109 -3.38 11.66 -18.97
C SER A 109 -4.39 12.56 -19.68
N GLY A 110 -5.60 12.62 -19.13
CA GLY A 110 -6.64 13.44 -19.71
C GLY A 110 -7.82 12.62 -20.20
N PRO A 111 -8.99 12.86 -19.61
CA PRO A 111 -10.22 12.15 -19.97
C PRO A 111 -10.73 12.54 -21.35
N SER A 112 -10.84 13.85 -21.59
CA SER A 112 -11.31 14.36 -22.86
C SER A 112 -10.43 13.87 -24.01
N SER A 113 -11.02 13.75 -25.19
CA SER A 113 -10.30 13.29 -26.37
C SER A 113 -10.82 13.97 -27.63
N GLY A 114 -10.10 13.80 -28.74
CA GLY A 114 -10.50 14.39 -29.99
C GLY A 114 -10.88 15.86 -29.84
N GLY A 1 11.76 16.74 -1.99
CA GLY A 1 12.44 17.33 -3.14
C GLY A 1 13.70 16.57 -3.50
N SER A 2 13.63 15.25 -3.48
CA SER A 2 14.78 14.41 -3.81
C SER A 2 14.44 13.46 -4.97
N SER A 3 15.48 13.05 -5.70
CA SER A 3 15.30 12.15 -6.83
C SER A 3 15.68 10.73 -6.46
N GLY A 4 15.33 9.78 -7.32
CA GLY A 4 15.65 8.39 -7.06
C GLY A 4 16.18 7.68 -8.29
N SER A 5 17.34 7.05 -8.15
CA SER A 5 17.96 6.33 -9.27
C SER A 5 17.90 4.83 -9.03
N SER A 6 16.75 4.34 -8.55
CA SER A 6 16.57 2.93 -8.30
C SER A 6 15.16 2.48 -8.68
N GLY A 7 14.91 1.18 -8.61
CA GLY A 7 13.61 0.65 -8.96
C GLY A 7 13.32 -0.67 -8.28
N TYR A 8 12.48 -0.64 -7.25
CA TYR A 8 12.12 -1.85 -6.51
C TYR A 8 11.11 -2.68 -7.29
N GLY A 9 10.10 -2.01 -7.83
CA GLY A 9 9.08 -2.71 -8.60
C GLY A 9 7.70 -2.11 -8.39
N SER A 10 6.81 -2.35 -9.35
CA SER A 10 5.45 -1.82 -9.28
C SER A 10 4.51 -2.84 -8.65
N GLU A 11 4.81 -4.12 -8.85
CA GLU A 11 3.98 -5.19 -8.30
C GLU A 11 4.77 -6.01 -7.28
N LYS A 12 4.14 -6.27 -6.14
CA LYS A 12 4.77 -7.04 -5.07
C LYS A 12 3.74 -7.81 -4.26
N LYS A 13 3.87 -9.13 -4.24
CA LYS A 13 2.95 -9.98 -3.49
C LYS A 13 3.63 -10.56 -2.26
N GLY A 14 3.15 -10.16 -1.08
CA GLY A 14 3.73 -10.66 0.16
C GLY A 14 2.72 -10.64 1.30
N TYR A 15 3.17 -10.23 2.48
CA TYR A 15 2.32 -10.18 3.65
C TYR A 15 2.57 -8.92 4.46
N LEU A 16 1.52 -8.42 5.12
CA LEU A 16 1.64 -7.21 5.94
C LEU A 16 0.76 -7.32 7.18
N LEU A 17 0.89 -6.34 8.07
CA LEU A 17 0.12 -6.32 9.31
C LEU A 17 -0.99 -5.28 9.23
N LYS A 18 -2.05 -5.51 10.01
CA LYS A 18 -3.19 -4.59 10.04
C LYS A 18 -3.69 -4.39 11.47
N LYS A 19 -3.91 -3.13 11.83
CA LYS A 19 -4.39 -2.80 13.17
C LYS A 19 -5.88 -3.07 13.30
N SER A 20 -6.29 -3.57 14.45
CA SER A 20 -7.70 -3.88 14.70
C SER A 20 -8.58 -2.69 14.34
N ASP A 21 -9.74 -2.99 13.74
CA ASP A 21 -10.67 -1.95 13.34
C ASP A 21 -11.83 -1.85 14.34
N GLY A 22 -11.49 -1.84 15.62
CA GLY A 22 -12.51 -1.75 16.65
C GLY A 22 -12.10 -0.86 17.80
N ILE A 23 -11.58 -1.48 18.87
CA ILE A 23 -11.15 -0.73 20.04
C ILE A 23 -9.65 -0.93 20.29
N ARG A 24 -9.29 -2.12 20.76
CA ARG A 24 -7.90 -2.43 21.05
C ARG A 24 -7.02 -2.14 19.84
N LYS A 25 -6.12 -1.17 19.98
CA LYS A 25 -5.21 -0.79 18.90
C LYS A 25 -4.10 -1.81 18.74
N VAL A 26 -4.49 -3.08 18.55
CA VAL A 26 -3.52 -4.16 18.39
C VAL A 26 -3.19 -4.38 16.91
N TRP A 27 -2.16 -5.17 16.65
CA TRP A 27 -1.74 -5.47 15.29
C TRP A 27 -1.92 -6.95 14.96
N GLN A 28 -2.45 -7.23 13.78
CA GLN A 28 -2.66 -8.61 13.36
C GLN A 28 -1.99 -8.88 12.02
N ARG A 29 -1.58 -10.14 11.81
CA ARG A 29 -0.92 -10.52 10.57
C ARG A 29 -1.94 -10.91 9.51
N ARG A 30 -1.77 -10.36 8.31
CA ARG A 30 -2.68 -10.64 7.20
C ARG A 30 -1.93 -10.64 5.88
N LYS A 31 -2.45 -11.39 4.91
CA LYS A 31 -1.83 -11.49 3.59
C LYS A 31 -2.17 -10.26 2.75
N CYS A 32 -1.16 -9.69 2.11
CA CYS A 32 -1.35 -8.51 1.28
C CYS A 32 -0.74 -8.72 -0.11
N SER A 33 -1.21 -7.95 -1.08
CA SER A 33 -0.73 -8.07 -2.45
C SER A 33 -0.99 -6.77 -3.22
N VAL A 34 -0.18 -6.53 -4.25
CA VAL A 34 -0.32 -5.33 -5.07
C VAL A 34 -0.01 -5.64 -6.53
N LYS A 35 -0.99 -5.37 -7.40
CA LYS A 35 -0.82 -5.61 -8.83
C LYS A 35 -1.82 -4.78 -9.64
N ASN A 36 -1.32 -4.12 -10.68
CA ASN A 36 -2.17 -3.29 -11.53
C ASN A 36 -2.66 -2.07 -10.78
N GLY A 37 -1.87 -1.61 -9.82
CA GLY A 37 -2.23 -0.44 -9.04
C GLY A 37 -3.38 -0.72 -8.08
N ILE A 38 -3.50 -1.97 -7.65
CA ILE A 38 -4.56 -2.36 -6.74
C ILE A 38 -4.01 -3.19 -5.58
N LEU A 39 -4.48 -2.89 -4.37
CA LEU A 39 -4.03 -3.60 -3.19
C LEU A 39 -5.09 -4.56 -2.68
N THR A 40 -4.82 -5.86 -2.77
CA THR A 40 -5.75 -6.88 -2.32
C THR A 40 -5.51 -7.25 -0.87
N ILE A 41 -6.59 -7.53 -0.14
CA ILE A 41 -6.49 -7.91 1.26
C ILE A 41 -7.40 -9.10 1.57
N SER A 42 -6.78 -10.23 1.87
CA SER A 42 -7.53 -11.45 2.19
C SER A 42 -8.47 -11.21 3.36
N HIS A 43 -9.68 -11.75 3.26
CA HIS A 43 -10.68 -11.59 4.31
C HIS A 43 -10.67 -12.80 5.25
N ALA A 44 -11.37 -12.67 6.38
CA ALA A 44 -11.45 -13.76 7.35
C ALA A 44 -11.73 -15.09 6.67
N THR A 45 -11.69 -16.16 7.46
CA THR A 45 -11.94 -17.50 6.93
C THR A 45 -13.43 -17.72 6.69
N SER A 46 -14.01 -16.93 5.80
CA SER A 46 -15.42 -17.04 5.48
C SER A 46 -15.64 -17.07 3.96
N ASN A 47 -16.90 -17.06 3.55
CA ASN A 47 -17.24 -17.09 2.13
C ASN A 47 -17.33 -15.68 1.56
N ARG A 48 -16.71 -14.73 2.26
CA ARG A 48 -16.71 -13.33 1.83
C ARG A 48 -15.64 -13.09 0.77
N GLN A 49 -15.51 -11.84 0.35
CA GLN A 49 -14.52 -11.48 -0.65
C GLN A 49 -13.52 -10.47 -0.09
N PRO A 50 -12.32 -10.43 -0.69
CA PRO A 50 -11.25 -9.52 -0.27
C PRO A 50 -11.57 -8.06 -0.59
N ALA A 51 -10.76 -7.15 -0.05
CA ALA A 51 -10.97 -5.73 -0.27
C ALA A 51 -9.86 -5.15 -1.16
N LYS A 52 -10.24 -4.67 -2.33
CA LYS A 52 -9.29 -4.09 -3.27
C LYS A 52 -9.25 -2.57 -3.14
N LEU A 53 -8.07 -2.03 -2.84
CA LEU A 53 -7.90 -0.60 -2.70
C LEU A 53 -7.18 0.00 -3.90
N ASN A 54 -7.72 1.10 -4.43
CA ASN A 54 -7.13 1.75 -5.59
C ASN A 54 -5.90 2.55 -5.19
N LEU A 55 -4.75 2.18 -5.77
CA LEU A 55 -3.50 2.87 -5.47
C LEU A 55 -3.37 4.15 -6.29
N LEU A 56 -4.35 4.41 -7.14
CA LEU A 56 -4.35 5.60 -7.97
C LEU A 56 -4.72 6.84 -7.16
N THR A 57 -5.30 6.62 -5.98
CA THR A 57 -5.70 7.70 -5.10
C THR A 57 -5.26 7.45 -3.67
N CYS A 58 -4.63 6.31 -3.44
CA CYS A 58 -4.17 5.94 -2.11
C CYS A 58 -2.99 6.81 -1.68
N GLN A 59 -3.04 7.28 -0.44
CA GLN A 59 -1.97 8.13 0.08
C GLN A 59 -1.08 7.35 1.04
N VAL A 60 0.12 7.00 0.57
CA VAL A 60 1.07 6.25 1.38
C VAL A 60 1.85 7.17 2.32
N LYS A 61 1.42 7.22 3.58
CA LYS A 61 2.07 8.06 4.57
C LYS A 61 2.88 7.22 5.56
N PRO A 62 4.18 7.06 5.26
CA PRO A 62 5.09 6.28 6.11
C PRO A 62 5.37 6.96 7.45
N ASN A 63 5.51 6.16 8.49
CA ASN A 63 5.77 6.69 9.83
C ASN A 63 6.84 7.78 9.78
N ALA A 64 6.99 8.50 10.88
CA ALA A 64 7.97 9.58 10.97
C ALA A 64 8.92 9.35 12.14
N GLU A 65 8.44 8.65 13.16
CA GLU A 65 9.25 8.37 14.34
C GLU A 65 9.44 6.86 14.53
N ASP A 66 8.42 6.10 14.19
CA ASP A 66 8.46 4.64 14.32
C ASP A 66 9.22 4.02 13.15
N LYS A 67 9.23 2.69 13.10
CA LYS A 67 9.91 1.97 12.04
C LYS A 67 8.97 0.96 11.37
N LYS A 68 9.33 0.53 10.17
CA LYS A 68 8.52 -0.43 9.43
C LYS A 68 7.03 -0.20 9.68
N SER A 69 6.58 1.03 9.44
CA SER A 69 5.18 1.37 9.64
C SER A 69 4.74 2.46 8.65
N PHE A 70 3.53 2.31 8.12
CA PHE A 70 2.99 3.28 7.17
C PHE A 70 1.47 3.26 7.20
N ASP A 71 0.87 4.45 7.18
CA ASP A 71 -0.58 4.58 7.20
C ASP A 71 -1.12 4.81 5.79
N LEU A 72 -2.04 3.94 5.37
CA LEU A 72 -2.63 4.04 4.05
C LEU A 72 -3.99 4.75 4.10
N ILE A 73 -4.05 5.95 3.53
CA ILE A 73 -5.27 6.72 3.53
C ILE A 73 -6.05 6.52 2.22
N SER A 74 -7.20 5.86 2.33
CA SER A 74 -8.03 5.59 1.15
C SER A 74 -8.81 6.84 0.74
N HIS A 75 -9.62 6.70 -0.29
CA HIS A 75 -10.42 7.81 -0.79
C HIS A 75 -11.11 8.54 0.36
N ASN A 76 -11.95 7.82 1.10
CA ASN A 76 -12.66 8.41 2.23
C ASN A 76 -12.53 7.54 3.47
N ARG A 77 -11.31 7.08 3.74
CA ARG A 77 -11.05 6.24 4.90
C ARG A 77 -9.55 6.18 5.20
N THR A 78 -9.21 5.63 6.36
CA THR A 78 -7.81 5.51 6.77
C THR A 78 -7.49 4.09 7.22
N TYR A 79 -6.28 3.64 6.91
CA TYR A 79 -5.85 2.29 7.27
C TYR A 79 -4.45 2.32 7.88
N HIS A 80 -4.20 1.41 8.81
CA HIS A 80 -2.89 1.33 9.47
C HIS A 80 -2.19 0.02 9.12
N PHE A 81 -1.02 0.12 8.51
CA PHE A 81 -0.25 -1.05 8.12
C PHE A 81 1.15 -1.01 8.71
N GLN A 82 1.65 -2.16 9.12
CA GLN A 82 2.99 -2.26 9.70
C GLN A 82 3.74 -3.47 9.17
N ALA A 83 5.06 -3.34 9.06
CA ALA A 83 5.90 -4.42 8.55
C ALA A 83 6.66 -5.10 9.69
N GLU A 84 7.06 -6.34 9.46
CA GLU A 84 7.80 -7.10 10.47
C GLU A 84 9.26 -6.66 10.53
N ASP A 85 9.87 -6.50 9.36
CA ASP A 85 11.26 -6.07 9.28
C ASP A 85 11.40 -4.86 8.36
N GLU A 86 12.18 -3.87 8.80
CA GLU A 86 12.39 -2.67 8.01
C GLU A 86 12.67 -3.01 6.55
N GLN A 87 13.27 -4.18 6.33
CA GLN A 87 13.59 -4.62 4.98
C GLN A 87 12.33 -4.77 4.14
N ASP A 88 11.28 -5.30 4.76
CA ASP A 88 10.01 -5.50 4.06
C ASP A 88 9.28 -4.17 3.87
N TYR A 89 9.42 -3.27 4.84
CA TYR A 89 8.78 -1.96 4.77
C TYR A 89 9.43 -1.09 3.71
N VAL A 90 10.70 -0.79 3.90
CA VAL A 90 11.44 0.04 2.96
C VAL A 90 11.05 -0.28 1.52
N ALA A 91 10.70 -1.53 1.28
CA ALA A 91 10.29 -1.97 -0.06
C ALA A 91 8.83 -1.62 -0.33
N TRP A 92 7.94 -2.14 0.50
CA TRP A 92 6.51 -1.88 0.35
C TRP A 92 6.26 -0.44 -0.08
N ILE A 93 6.85 0.51 0.64
CA ILE A 93 6.70 1.93 0.32
C ILE A 93 7.10 2.21 -1.11
N SER A 94 8.27 1.72 -1.50
CA SER A 94 8.78 1.93 -2.86
C SER A 94 7.78 1.40 -3.90
N VAL A 95 7.11 0.31 -3.56
CA VAL A 95 6.13 -0.29 -4.46
C VAL A 95 4.83 0.50 -4.46
N LEU A 96 4.09 0.41 -3.35
CA LEU A 96 2.82 1.12 -3.22
C LEU A 96 2.85 2.45 -3.97
N THR A 97 3.97 3.15 -3.86
CA THR A 97 4.14 4.44 -4.53
C THR A 97 4.44 4.26 -6.00
N ASN A 98 5.40 3.39 -6.31
CA ASN A 98 5.78 3.12 -7.69
C ASN A 98 4.55 2.83 -8.54
N SER A 99 3.92 1.68 -8.28
CA SER A 99 2.73 1.27 -9.04
C SER A 99 1.81 2.45 -9.28
N LYS A 100 1.59 3.25 -8.25
CA LYS A 100 0.74 4.42 -8.34
C LYS A 100 1.24 5.38 -9.41
N GLU A 101 2.47 5.86 -9.25
CA GLU A 101 3.07 6.77 -10.22
C GLU A 101 3.04 6.19 -11.63
N GLU A 102 3.55 4.96 -11.75
CA GLU A 102 3.58 4.28 -13.04
C GLU A 102 2.17 4.14 -13.62
N ALA A 103 1.17 4.23 -12.76
CA ALA A 103 -0.22 4.12 -13.19
C ALA A 103 -0.82 5.49 -13.46
N LEU A 104 -0.21 6.53 -12.91
CA LEU A 104 -0.68 7.89 -13.09
C LEU A 104 -0.04 8.53 -14.32
N THR A 105 1.28 8.45 -14.40
CA THR A 105 2.01 9.03 -15.53
C THR A 105 1.38 8.63 -16.85
N MET A 106 0.84 7.42 -16.91
CA MET A 106 0.20 6.92 -18.12
C MET A 106 -1.26 7.36 -18.18
N ALA A 107 -1.85 7.60 -17.02
CA ALA A 107 -3.24 8.04 -16.95
C ALA A 107 -3.36 9.56 -17.06
N PHE A 108 -4.29 10.02 -17.88
CA PHE A 108 -4.49 11.45 -18.09
C PHE A 108 -4.28 12.22 -16.79
N SER A 109 -3.57 13.34 -16.87
CA SER A 109 -3.29 14.16 -15.71
C SER A 109 -3.39 15.64 -16.05
N GLY A 110 -3.79 16.45 -15.08
CA GLY A 110 -3.91 17.88 -15.30
C GLY A 110 -4.76 18.21 -16.51
N PRO A 111 -4.55 19.40 -17.08
CA PRO A 111 -5.29 19.87 -18.25
C PRO A 111 -4.92 19.10 -19.51
N SER A 112 -5.92 18.84 -20.37
CA SER A 112 -5.69 18.11 -21.60
C SER A 112 -6.47 18.74 -22.76
N SER A 113 -5.82 18.82 -23.92
CA SER A 113 -6.45 19.41 -25.10
C SER A 113 -7.50 18.46 -25.69
N GLY A 114 -7.10 17.22 -25.92
CA GLY A 114 -8.01 16.23 -26.47
C GLY A 114 -8.14 15.01 -25.61
N GLY A 1 11.81 13.85 1.42
CA GLY A 1 12.03 12.43 1.65
C GLY A 1 11.92 11.62 0.38
N SER A 2 11.58 10.34 0.52
CA SER A 2 11.46 9.46 -0.64
C SER A 2 12.69 9.55 -1.53
N SER A 3 13.87 9.60 -0.91
CA SER A 3 15.12 9.70 -1.64
C SER A 3 15.59 8.32 -2.09
N GLY A 4 15.31 7.98 -3.35
CA GLY A 4 15.71 6.68 -3.87
C GLY A 4 15.64 6.64 -5.39
N SER A 5 14.46 6.35 -5.92
CA SER A 5 14.26 6.27 -7.36
C SER A 5 15.23 5.26 -7.98
N SER A 6 15.44 4.15 -7.28
CA SER A 6 16.35 3.11 -7.75
C SER A 6 15.59 2.12 -8.65
N GLY A 7 14.49 1.60 -8.15
CA GLY A 7 13.71 0.65 -8.91
C GLY A 7 13.42 -0.63 -8.14
N TYR A 8 12.38 -0.59 -7.31
CA TYR A 8 12.01 -1.76 -6.51
C TYR A 8 10.97 -2.60 -7.22
N GLY A 9 10.00 -1.95 -7.84
CA GLY A 9 8.94 -2.65 -8.55
C GLY A 9 7.56 -2.14 -8.22
N SER A 10 6.64 -2.25 -9.16
CA SER A 10 5.28 -1.79 -8.98
C SER A 10 4.38 -2.92 -8.49
N GLU A 11 4.80 -4.16 -8.75
CA GLU A 11 4.04 -5.33 -8.34
C GLU A 11 4.77 -6.11 -7.26
N LYS A 12 4.05 -6.47 -6.20
CA LYS A 12 4.63 -7.22 -5.10
C LYS A 12 3.54 -7.94 -4.29
N LYS A 13 3.73 -9.24 -4.11
CA LYS A 13 2.76 -10.05 -3.37
C LYS A 13 3.40 -10.66 -2.13
N GLY A 14 2.74 -10.51 -0.99
CA GLY A 14 3.26 -11.05 0.25
C GLY A 14 2.29 -10.91 1.41
N TYR A 15 2.81 -10.58 2.58
CA TYR A 15 1.98 -10.42 3.77
C TYR A 15 2.34 -9.15 4.52
N LEU A 16 1.40 -8.63 5.30
CA LEU A 16 1.62 -7.42 6.08
C LEU A 16 0.73 -7.39 7.31
N LEU A 17 1.14 -6.63 8.31
CA LEU A 17 0.38 -6.51 9.55
C LEU A 17 -0.76 -5.51 9.40
N LYS A 18 -1.89 -5.80 10.05
CA LYS A 18 -3.05 -4.92 9.98
C LYS A 18 -3.72 -4.81 11.34
N LYS A 19 -4.02 -3.58 11.76
CA LYS A 19 -4.67 -3.34 13.04
C LYS A 19 -5.99 -4.10 13.13
N SER A 20 -6.34 -4.53 14.34
CA SER A 20 -7.58 -5.27 14.57
C SER A 20 -8.75 -4.31 14.75
N ASP A 21 -9.93 -4.72 14.29
CA ASP A 21 -11.13 -3.89 14.42
C ASP A 21 -11.80 -4.12 15.76
N GLY A 22 -12.56 -3.12 16.21
CA GLY A 22 -13.25 -3.24 17.48
C GLY A 22 -12.54 -2.48 18.59
N ILE A 23 -13.13 -2.49 19.78
CA ILE A 23 -12.56 -1.79 20.92
C ILE A 23 -11.05 -1.98 20.97
N ARG A 24 -10.60 -3.23 20.80
CA ARG A 24 -9.18 -3.55 20.83
C ARG A 24 -8.51 -3.14 19.52
N LYS A 25 -7.23 -2.79 19.60
CA LYS A 25 -6.47 -2.38 18.42
C LYS A 25 -5.11 -3.07 18.39
N VAL A 26 -5.13 -4.40 18.36
CA VAL A 26 -3.89 -5.17 18.31
C VAL A 26 -3.49 -5.51 16.89
N TRP A 27 -2.20 -5.45 16.60
CA TRP A 27 -1.69 -5.75 15.27
C TRP A 27 -1.79 -7.23 14.97
N GLN A 28 -2.30 -7.56 13.79
CA GLN A 28 -2.46 -8.95 13.38
C GLN A 28 -1.99 -9.15 11.95
N ARG A 29 -1.27 -10.24 11.70
CA ARG A 29 -0.76 -10.55 10.37
C ARG A 29 -1.91 -10.73 9.38
N ARG A 30 -1.74 -10.20 8.17
CA ARG A 30 -2.76 -10.30 7.14
C ARG A 30 -2.13 -10.33 5.75
N LYS A 31 -2.60 -11.23 4.90
CA LYS A 31 -2.09 -11.36 3.55
C LYS A 31 -2.35 -10.09 2.74
N CYS A 32 -1.32 -9.60 2.05
CA CYS A 32 -1.45 -8.40 1.24
C CYS A 32 -0.83 -8.60 -0.13
N SER A 33 -1.25 -7.78 -1.09
CA SER A 33 -0.74 -7.87 -2.45
C SER A 33 -0.93 -6.55 -3.21
N VAL A 34 -0.09 -6.32 -4.20
CA VAL A 34 -0.17 -5.10 -5.00
C VAL A 34 0.13 -5.38 -6.47
N LYS A 35 -0.82 -5.01 -7.33
CA LYS A 35 -0.66 -5.22 -8.76
C LYS A 35 -1.63 -4.34 -9.54
N ASN A 36 -1.20 -3.89 -10.72
CA ASN A 36 -2.03 -3.05 -11.57
C ASN A 36 -2.51 -1.81 -10.81
N GLY A 37 -1.75 -1.43 -9.78
CA GLY A 37 -2.11 -0.27 -8.98
C GLY A 37 -3.26 -0.56 -8.03
N ILE A 38 -3.36 -1.81 -7.60
CA ILE A 38 -4.43 -2.21 -6.68
C ILE A 38 -3.88 -3.00 -5.51
N LEU A 39 -4.33 -2.67 -4.31
CA LEU A 39 -3.87 -3.35 -3.10
C LEU A 39 -4.96 -4.29 -2.57
N THR A 40 -4.81 -5.58 -2.87
CA THR A 40 -5.77 -6.58 -2.42
C THR A 40 -5.46 -7.05 -1.00
N ILE A 41 -6.49 -7.13 -0.17
CA ILE A 41 -6.32 -7.57 1.21
C ILE A 41 -7.37 -8.61 1.58
N SER A 42 -6.90 -9.77 2.02
CA SER A 42 -7.80 -10.86 2.40
C SER A 42 -8.84 -10.38 3.42
N HIS A 43 -10.11 -10.66 3.13
CA HIS A 43 -11.20 -10.24 4.00
C HIS A 43 -12.02 -11.44 4.44
N ALA A 44 -12.10 -11.66 5.75
CA ALA A 44 -12.86 -12.78 6.29
C ALA A 44 -14.34 -12.44 6.41
N THR A 45 -15.11 -12.79 5.38
CA THR A 45 -16.54 -12.50 5.37
C THR A 45 -17.29 -13.52 4.51
N SER A 46 -18.60 -13.60 4.70
CA SER A 46 -19.44 -14.53 3.95
C SER A 46 -19.30 -14.29 2.45
N ASN A 47 -18.89 -13.07 2.09
CA ASN A 47 -18.71 -12.72 0.68
C ASN A 47 -17.34 -13.17 0.17
N ARG A 48 -17.33 -14.16 -0.69
CA ARG A 48 -16.09 -14.69 -1.25
C ARG A 48 -15.40 -13.63 -2.11
N GLN A 49 -14.74 -12.68 -1.44
CA GLN A 49 -14.03 -11.61 -2.15
C GLN A 49 -13.25 -10.74 -1.16
N PRO A 50 -11.95 -10.56 -1.46
CA PRO A 50 -11.06 -9.75 -0.61
C PRO A 50 -11.40 -8.26 -0.67
N ALA A 51 -10.46 -7.44 -0.21
CA ALA A 51 -10.66 -5.99 -0.22
C ALA A 51 -9.76 -5.33 -1.26
N LYS A 52 -10.39 -4.69 -2.24
CA LYS A 52 -9.66 -4.01 -3.30
C LYS A 52 -9.51 -2.52 -2.99
N LEU A 53 -8.28 -2.03 -3.04
CA LEU A 53 -8.01 -0.62 -2.77
C LEU A 53 -7.23 0.02 -3.91
N ASN A 54 -7.87 0.98 -4.59
CA ASN A 54 -7.23 1.67 -5.71
C ASN A 54 -6.09 2.54 -5.23
N LEU A 55 -4.87 2.20 -5.66
CA LEU A 55 -3.69 2.96 -5.27
C LEU A 55 -3.72 4.36 -5.87
N LEU A 56 -4.31 4.49 -7.05
CA LEU A 56 -4.41 5.78 -7.72
C LEU A 56 -5.15 6.79 -6.85
N THR A 57 -5.88 6.28 -5.86
CA THR A 57 -6.64 7.15 -4.96
C THR A 57 -6.10 7.06 -3.54
N CYS A 58 -5.66 5.88 -3.14
CA CYS A 58 -5.12 5.67 -1.81
C CYS A 58 -3.82 6.46 -1.62
N GLN A 59 -3.68 7.06 -0.44
CA GLN A 59 -2.49 7.84 -0.14
C GLN A 59 -1.56 7.10 0.82
N VAL A 60 -0.31 6.94 0.43
CA VAL A 60 0.67 6.25 1.27
C VAL A 60 1.41 7.22 2.17
N LYS A 61 0.96 7.33 3.41
CA LYS A 61 1.58 8.23 4.38
C LYS A 61 2.43 7.45 5.38
N PRO A 62 3.73 7.32 5.09
CA PRO A 62 4.67 6.61 5.95
C PRO A 62 4.92 7.33 7.26
N ASN A 63 5.17 6.57 8.33
CA ASN A 63 5.43 7.14 9.64
C ASN A 63 6.57 8.16 9.58
N ALA A 64 6.85 8.79 10.70
CA ALA A 64 7.92 9.78 10.78
C ALA A 64 8.99 9.36 11.77
N GLU A 65 8.57 8.82 12.91
CA GLU A 65 9.49 8.38 13.95
C GLU A 65 9.47 6.87 14.08
N ASP A 66 8.30 6.32 14.38
CA ASP A 66 8.14 4.88 14.53
C ASP A 66 8.51 4.15 13.25
N LYS A 67 9.80 3.82 13.13
CA LYS A 67 10.30 3.12 11.95
C LYS A 67 9.51 1.83 11.70
N LYS A 68 9.55 1.34 10.47
CA LYS A 68 8.85 0.12 10.11
C LYS A 68 7.34 0.28 10.32
N SER A 69 6.77 1.35 9.77
CA SER A 69 5.35 1.62 9.91
C SER A 69 4.88 2.61 8.84
N PHE A 70 3.67 2.38 8.33
CA PHE A 70 3.11 3.26 7.30
C PHE A 70 1.58 3.23 7.35
N ASP A 71 0.97 4.39 7.16
CA ASP A 71 -0.48 4.50 7.17
C ASP A 71 -1.03 4.65 5.76
N LEU A 72 -2.18 4.03 5.50
CA LEU A 72 -2.81 4.09 4.18
C LEU A 72 -4.14 4.82 4.26
N ILE A 73 -4.17 6.05 3.74
CA ILE A 73 -5.38 6.85 3.74
C ILE A 73 -6.25 6.53 2.53
N SER A 74 -7.35 5.83 2.76
CA SER A 74 -8.26 5.46 1.68
C SER A 74 -9.48 6.37 1.67
N HIS A 75 -10.42 6.09 0.78
CA HIS A 75 -11.63 6.88 0.65
C HIS A 75 -12.25 7.14 2.02
N ASN A 76 -12.19 8.40 2.47
CA ASN A 76 -12.75 8.77 3.76
C ASN A 76 -12.58 7.64 4.78
N ARG A 77 -11.43 6.97 4.74
CA ARG A 77 -11.16 5.87 5.65
C ARG A 77 -9.65 5.63 5.75
N THR A 78 -9.12 5.79 6.96
CA THR A 78 -7.70 5.59 7.19
C THR A 78 -7.41 4.17 7.66
N TYR A 79 -6.29 3.61 7.20
CA TYR A 79 -5.91 2.25 7.58
C TYR A 79 -4.57 2.24 8.30
N HIS A 80 -4.28 1.15 9.00
CA HIS A 80 -3.04 1.01 9.73
C HIS A 80 -2.24 -0.20 9.24
N PHE A 81 -1.01 0.04 8.83
CA PHE A 81 -0.15 -1.03 8.33
C PHE A 81 1.22 -0.99 9.02
N GLN A 82 1.83 -2.16 9.17
CA GLN A 82 3.14 -2.26 9.81
C GLN A 82 3.95 -3.40 9.21
N ALA A 83 5.21 -3.14 8.89
CA ALA A 83 6.09 -4.14 8.31
C ALA A 83 6.77 -4.97 9.40
N GLU A 84 7.03 -6.23 9.10
CA GLU A 84 7.67 -7.13 10.06
C GLU A 84 9.17 -6.83 10.16
N ASP A 85 9.78 -6.54 9.02
CA ASP A 85 11.20 -6.24 8.98
C ASP A 85 11.46 -4.91 8.28
N GLU A 86 12.62 -4.32 8.55
CA GLU A 86 12.98 -3.04 7.94
C GLU A 86 13.04 -3.16 6.42
N GLN A 87 13.58 -4.27 5.94
CA GLN A 87 13.70 -4.50 4.50
C GLN A 87 12.31 -4.54 3.85
N ASP A 88 11.37 -5.18 4.51
CA ASP A 88 10.01 -5.29 3.99
C ASP A 88 9.37 -3.92 3.84
N TYR A 89 9.56 -3.07 4.85
CA TYR A 89 9.01 -1.72 4.83
C TYR A 89 9.54 -0.92 3.65
N VAL A 90 10.82 -0.58 3.71
CA VAL A 90 11.47 0.18 2.63
C VAL A 90 10.91 -0.21 1.28
N ALA A 91 10.82 -1.52 1.02
CA ALA A 91 10.30 -2.02 -0.25
C ALA A 91 8.83 -1.63 -0.42
N TRP A 92 7.97 -2.20 0.42
CA TRP A 92 6.55 -1.91 0.35
C TRP A 92 6.29 -0.47 -0.06
N ILE A 93 6.87 0.47 0.70
CA ILE A 93 6.70 1.89 0.42
C ILE A 93 7.12 2.20 -1.02
N SER A 94 8.27 1.68 -1.43
CA SER A 94 8.78 1.91 -2.78
C SER A 94 7.78 1.43 -3.83
N VAL A 95 7.18 0.27 -3.58
CA VAL A 95 6.20 -0.30 -4.50
C VAL A 95 4.90 0.50 -4.49
N LEU A 96 4.17 0.42 -3.38
CA LEU A 96 2.91 1.14 -3.25
C LEU A 96 2.96 2.47 -3.99
N THR A 97 4.00 3.25 -3.73
CA THR A 97 4.17 4.55 -4.36
C THR A 97 4.47 4.39 -5.85
N ASN A 98 5.48 3.59 -6.17
CA ASN A 98 5.87 3.36 -7.56
C ASN A 98 4.65 3.03 -8.41
N SER A 99 3.99 1.92 -8.08
CA SER A 99 2.81 1.48 -8.82
C SER A 99 1.92 2.67 -9.16
N LYS A 100 1.71 3.54 -8.19
CA LYS A 100 0.87 4.73 -8.38
C LYS A 100 1.36 5.55 -9.57
N GLU A 101 2.56 6.08 -9.47
CA GLU A 101 3.14 6.89 -10.53
C GLU A 101 3.14 6.13 -11.86
N GLU A 102 3.74 4.94 -11.84
CA GLU A 102 3.81 4.10 -13.04
C GLU A 102 2.43 3.98 -13.69
N ALA A 103 1.40 4.00 -12.87
CA ALA A 103 0.03 3.88 -13.37
C ALA A 103 -0.46 5.21 -13.95
N LEU A 104 0.05 6.31 -13.41
CA LEU A 104 -0.33 7.64 -13.87
C LEU A 104 0.45 8.02 -15.12
N THR A 105 1.78 8.03 -15.01
CA THR A 105 2.64 8.38 -16.13
C THR A 105 2.31 7.54 -17.35
N MET A 106 1.64 6.41 -17.13
CA MET A 106 1.27 5.51 -18.22
C MET A 106 -0.15 5.78 -18.68
N ALA A 107 -0.95 6.37 -17.80
CA ALA A 107 -2.34 6.69 -18.11
C ALA A 107 -2.43 7.79 -19.16
N PHE A 108 -1.62 8.83 -19.00
CA PHE A 108 -1.61 9.96 -19.92
C PHE A 108 -0.21 10.15 -20.52
N SER A 109 -0.09 9.93 -21.82
CA SER A 109 1.18 10.08 -22.52
C SER A 109 1.67 11.53 -22.46
N GLY A 110 2.95 11.72 -22.71
CA GLY A 110 3.52 13.05 -22.68
C GLY A 110 5.04 13.04 -22.74
N PRO A 111 5.59 12.93 -23.95
CA PRO A 111 7.05 12.90 -24.16
C PRO A 111 7.70 14.26 -23.89
N SER A 112 8.20 14.42 -22.67
CA SER A 112 8.86 15.66 -22.28
C SER A 112 10.02 15.99 -23.21
N SER A 113 10.92 15.03 -23.37
CA SER A 113 12.08 15.22 -24.24
C SER A 113 11.67 15.75 -25.60
N GLY A 114 10.83 14.98 -26.31
CA GLY A 114 10.38 15.39 -27.62
C GLY A 114 9.12 16.23 -27.56
#